data_7KU7
#
_entry.id   7KU7
#
_cell.length_a   1.00
_cell.length_b   1.00
_cell.length_c   1.00
_cell.angle_alpha   90.00
_cell.angle_beta   90.00
_cell.angle_gamma   90.00
#
_symmetry.space_group_name_H-M   'P 1'
#
loop_
_entity.id
_entity.type
_entity.pdbx_description
1 polymer integrase
2 polymer "DNA (5'-D(*AP*AP*TP*GP*TP*TP*GP*TP*CP*TP*TP*AP*TP*GP*CP*AP*AP*T)-3')"
3 polymer "DNA (5'-D(*AP*TP*TP*GP*CP*AP*TP*AP*AP*GP*AP*CP*AP*AP*CP*A)-3')"
4 non-polymer 'ZINC ION'
5 non-polymer 'MAGNESIUM ION'
6 non-polymer "(6S)-2-(3-chloro-4-fluorobenzyl)-8-ethyl-10-hydroxy-N,6-dimethyl-1,9-dioxo-1,2,6,7,8,9-hexahydropyrazino[1',2':1,5]pyrrolo[2,3-d]pyridazine-4-carboxamide"
#
loop_
_entity_poly.entity_id
_entity_poly.type
_entity_poly.pdbx_seq_one_letter_code
_entity_poly.pdbx_strand_id
1 'polypeptide(L)'
;PLREAKDLHTALHIGPRALSKACNISMQQAREVVQTCPHCNSAPALEAGVNPRGLGPLQIWQTDFTLEPRMAPRSWLAVT
VDTASSAIVVTQHGRVTSVAVQHHWATAIAVLGRPKAIKTDNGSCFTSKSTREWLARWGIAHTTGIPGNSQGQAMVERAN
RLLKDKIRVLAEGDGFMKRIPTSKQGELLAKAMYALNHFERGENTKTPIQKHWRPTVLTEGPPVKIRIETGEWEKGWNVL
VWGRGYAAVKNRDTDKVIWVPSRKVKPDITQKDEVTKK
;
A,B,C,D,E,F,G,H
2 'polydeoxyribonucleotide' (DA)(DA)(DT)(DG)(DT)(DT)(DG)(DT)(DC)(DT)(DT)(DA)(DT)(DG)(DC)(DA)(DA)(DT) I,K
3 'polydeoxyribonucleotide' (DA)(DT)(DT)(DG)(DC)(DA)(DT)(DA)(DA)(DG)(DA)(DC)(DA)(DA)(DC)(DA) J,L
#
loop_
_chem_comp.id
_chem_comp.type
_chem_comp.name
_chem_comp.formula
DA DNA linking 2'-DEOXYADENOSINE-5'-MONOPHOSPHATE 'C10 H14 N5 O6 P'
DC DNA linking 2'-DEOXYCYTIDINE-5'-MONOPHOSPHATE 'C9 H14 N3 O7 P'
DG DNA linking 2'-DEOXYGUANOSINE-5'-MONOPHOSPHATE 'C10 H14 N5 O7 P'
DT DNA linking THYMIDINE-5'-MONOPHOSPHATE 'C10 H15 N2 O8 P'
MG non-polymer 'MAGNESIUM ION' 'Mg 2'
ZN non-polymer 'ZINC ION' 'Zn 2'
ZZX non-polymer (6S)-2-(3-chloro-4-fluorobenzyl)-8-ethyl-10-hydroxy-N,6-dimethyl-1,9-dioxo-1,2,6,7,8,9-hexahydropyrazino[1',2':1,5]pyrrolo[2,3-d]pyridazine-4-carboxamide 'C21 H21 Cl F N5 O4'
#
# COMPACT_ATOMS: atom_id res chain seq x y z
N PRO A 1 3.37 15.37 -42.39
CA PRO A 1 3.81 14.02 -42.80
C PRO A 1 3.61 12.99 -41.70
N LEU A 2 2.50 12.27 -41.74
CA LEU A 2 2.17 11.31 -40.69
C LEU A 2 2.34 9.86 -41.11
N ARG A 3 2.77 9.60 -42.34
CA ARG A 3 3.07 8.22 -42.73
C ARG A 3 4.29 7.69 -41.97
N GLU A 4 5.37 8.47 -41.94
CA GLU A 4 6.52 8.11 -41.13
C GLU A 4 6.16 8.11 -39.66
N ALA A 5 5.19 8.95 -39.24
CA ALA A 5 4.75 8.93 -37.86
C ALA A 5 4.07 7.61 -37.51
N LYS A 6 3.19 7.14 -38.40
CA LYS A 6 2.52 5.86 -38.17
C LYS A 6 3.54 4.73 -38.14
N ASP A 7 4.49 4.74 -39.08
CA ASP A 7 5.53 3.71 -39.08
C ASP A 7 6.34 3.77 -37.79
N LEU A 8 6.68 4.98 -37.34
CA LEU A 8 7.49 5.15 -36.14
C LEU A 8 6.76 4.64 -34.91
N HIS A 9 5.47 4.94 -34.78
CA HIS A 9 4.74 4.42 -33.63
C HIS A 9 4.60 2.90 -33.71
N THR A 10 4.28 2.37 -34.90
CA THR A 10 4.09 0.93 -35.01
C THR A 10 5.37 0.16 -34.68
N ALA A 11 6.51 0.62 -35.19
CA ALA A 11 7.76 -0.08 -34.97
C ALA A 11 8.46 0.33 -33.68
N LEU A 12 7.99 1.39 -33.01
CA LEU A 12 8.71 1.92 -31.85
C LEU A 12 7.83 2.27 -30.66
N HIS A 13 6.54 2.54 -30.84
CA HIS A 13 5.63 2.87 -29.75
C HIS A 13 6.14 4.07 -28.94
N ILE A 14 6.17 5.20 -29.63
CA ILE A 14 6.76 6.45 -29.13
C ILE A 14 5.67 7.32 -28.54
N GLY A 15 6.00 8.03 -27.45
CA GLY A 15 5.08 8.94 -26.82
C GLY A 15 4.73 10.11 -27.73
N PRO A 16 3.55 10.69 -27.52
CA PRO A 16 3.07 11.72 -28.46
C PRO A 16 3.96 12.94 -28.54
N ARG A 17 4.58 13.36 -27.43
CA ARG A 17 5.45 14.53 -27.47
C ARG A 17 6.65 14.28 -28.38
N ALA A 18 7.31 13.14 -28.20
CA ALA A 18 8.46 12.83 -29.04
C ALA A 18 8.06 12.65 -30.50
N LEU A 19 6.90 12.04 -30.74
CA LEU A 19 6.42 11.91 -32.11
C LEU A 19 6.20 13.28 -32.76
N SER A 20 5.61 14.21 -32.01
CA SER A 20 5.42 15.56 -32.53
C SER A 20 6.75 16.24 -32.81
N LYS A 21 7.73 16.04 -31.92
CA LYS A 21 9.02 16.72 -32.06
C LYS A 21 9.94 16.06 -33.09
N ALA A 22 9.66 14.82 -33.50
CA ALA A 22 10.57 14.07 -34.35
C ALA A 22 10.14 14.00 -35.81
N CYS A 23 8.93 14.44 -36.14
CA CYS A 23 8.47 14.41 -37.52
C CYS A 23 7.77 15.68 -37.94
N ASN A 24 7.98 16.78 -37.21
CA ASN A 24 7.36 18.08 -37.51
C ASN A 24 5.84 17.96 -37.56
N ILE A 25 5.28 17.44 -36.46
CA ILE A 25 3.86 17.17 -36.37
C ILE A 25 3.33 17.84 -35.11
N SER A 26 2.03 18.12 -35.11
CA SER A 26 1.40 18.96 -34.10
C SER A 26 0.49 18.12 -33.20
N MET A 27 -0.25 18.82 -32.35
CA MET A 27 -1.15 18.26 -31.35
C MET A 27 -2.01 17.11 -31.88
N GLN A 28 -2.85 17.41 -32.87
CA GLN A 28 -3.87 16.47 -33.31
C GLN A 28 -3.25 15.17 -33.79
N GLN A 29 -2.50 15.23 -34.89
CA GLN A 29 -2.01 14.01 -35.51
C GLN A 29 -1.22 13.18 -34.51
N ALA A 30 -0.44 13.82 -33.65
CA ALA A 30 0.23 13.13 -32.57
C ALA A 30 -0.77 12.33 -31.73
N ARG A 31 -1.86 12.97 -31.30
CA ARG A 31 -2.86 12.26 -30.50
C ARG A 31 -3.48 11.12 -31.29
N GLU A 32 -4.21 11.44 -32.36
CA GLU A 32 -4.90 10.34 -33.04
C GLU A 32 -3.97 9.33 -33.69
N VAL A 33 -2.65 9.47 -33.61
CA VAL A 33 -1.79 8.37 -34.02
C VAL A 33 -1.35 7.61 -32.78
N VAL A 34 -1.32 8.28 -31.62
CA VAL A 34 -0.87 7.56 -30.44
C VAL A 34 -2.01 6.72 -29.85
N GLN A 35 -3.26 7.16 -29.99
CA GLN A 35 -4.35 6.33 -29.46
C GLN A 35 -4.69 5.15 -30.38
N THR A 36 -4.20 5.15 -31.62
CA THR A 36 -4.45 4.01 -32.51
C THR A 36 -3.86 2.73 -31.94
N CYS A 37 -2.66 2.81 -31.38
CA CYS A 37 -2.05 1.64 -30.79
C CYS A 37 -2.86 1.18 -29.58
N PRO A 38 -3.44 -0.01 -29.60
CA PRO A 38 -4.16 -0.49 -28.42
C PRO A 38 -3.24 -0.69 -27.23
N HIS A 39 -1.99 -1.06 -27.47
CA HIS A 39 -1.05 -1.38 -26.41
C HIS A 39 -0.64 -0.16 -25.60
N CYS A 40 -0.81 1.04 -26.15
CA CYS A 40 -0.41 2.26 -25.45
C CYS A 40 -1.43 2.72 -24.42
N ASN A 41 -2.64 2.16 -24.41
CA ASN A 41 -3.69 2.62 -23.49
C ASN A 41 -4.49 1.39 -23.08
N SER A 42 -4.15 0.81 -21.92
CA SER A 42 -4.85 -0.37 -21.43
C SER A 42 -5.57 -0.11 -20.12
N ALA A 43 -4.86 0.31 -19.08
CA ALA A 43 -5.39 0.46 -17.73
C ALA A 43 -6.19 1.73 -17.47
N PRO A 44 -5.78 2.91 -17.96
CA PRO A 44 -6.06 4.14 -17.22
C PRO A 44 -7.53 4.53 -17.14
N ALA A 45 -8.37 3.57 -16.73
CA ALA A 45 -9.73 3.88 -16.31
C ALA A 45 -10.17 2.72 -15.41
N LEU A 46 -10.07 2.94 -14.10
CA LEU A 46 -10.52 1.96 -13.11
C LEU A 46 -11.64 2.60 -12.30
N GLU A 47 -12.85 2.09 -12.48
CA GLU A 47 -14.01 2.68 -11.84
C GLU A 47 -13.91 2.54 -10.31
N ALA A 48 -14.49 3.52 -9.61
CA ALA A 48 -14.46 3.55 -8.15
C ALA A 48 -15.87 3.92 -7.66
N GLY A 49 -16.69 2.89 -7.43
CA GLY A 49 -17.99 3.09 -6.84
C GLY A 49 -17.95 2.76 -5.36
N VAL A 50 -18.07 3.79 -4.52
CA VAL A 50 -17.68 3.72 -3.11
C VAL A 50 -18.83 4.31 -2.30
N ASN A 51 -19.77 3.46 -1.86
CA ASN A 51 -20.95 4.05 -1.23
C ASN A 51 -21.79 3.09 -0.38
N PRO A 52 -21.36 2.73 0.83
CA PRO A 52 -22.30 2.15 1.79
C PRO A 52 -22.84 3.20 2.76
N ARG A 53 -24.13 3.18 3.05
CA ARG A 53 -24.70 4.11 4.04
C ARG A 53 -26.17 3.79 4.27
N GLY A 54 -26.64 4.14 5.46
CA GLY A 54 -28.05 4.17 5.79
C GLY A 54 -28.52 5.62 5.89
N LEU A 55 -29.84 5.77 6.04
CA LEU A 55 -30.46 7.09 6.03
C LEU A 55 -30.90 7.55 7.42
N GLY A 56 -31.73 6.77 8.10
CA GLY A 56 -32.21 7.14 9.40
C GLY A 56 -31.73 6.19 10.47
N PRO A 57 -31.78 6.62 11.73
CA PRO A 57 -31.29 5.77 12.82
C PRO A 57 -32.05 4.45 12.89
N LEU A 58 -31.33 3.41 13.33
CA LEU A 58 -31.89 2.07 13.45
C LEU A 58 -32.39 1.54 12.10
N GLN A 59 -31.63 1.85 11.04
CA GLN A 59 -31.90 1.29 9.72
C GLN A 59 -30.81 0.33 9.27
N ILE A 60 -29.56 0.77 9.28
CA ILE A 60 -28.44 -0.04 8.82
C ILE A 60 -27.37 -0.07 9.91
N TRP A 61 -26.92 -1.27 10.26
CA TRP A 61 -25.89 -1.47 11.28
C TRP A 61 -24.75 -2.27 10.70
N GLN A 62 -23.57 -2.11 11.31
CA GLN A 62 -22.37 -2.82 10.89
C GLN A 62 -21.73 -3.48 12.10
N THR A 63 -20.93 -4.51 11.85
CA THR A 63 -20.36 -5.30 12.93
C THR A 63 -19.11 -6.02 12.45
N ASP A 64 -18.10 -6.07 13.32
CA ASP A 64 -16.90 -6.87 13.11
C ASP A 64 -16.42 -7.37 14.47
N PHE A 65 -15.28 -8.05 14.48
CA PHE A 65 -14.65 -8.50 15.71
C PHE A 65 -13.24 -7.93 15.82
N THR A 66 -12.76 -7.83 17.05
CA THR A 66 -11.47 -7.21 17.34
C THR A 66 -10.69 -8.12 18.27
N LEU A 67 -9.40 -8.29 17.99
CA LEU A 67 -8.48 -8.97 18.89
C LEU A 67 -7.72 -7.91 19.67
N GLU A 68 -8.04 -7.75 20.94
CA GLU A 68 -7.39 -6.73 21.75
C GLU A 68 -6.46 -7.39 22.77
N PRO A 69 -5.15 -7.29 22.59
CA PRO A 69 -4.23 -8.00 23.48
C PRO A 69 -4.36 -7.61 24.94
N ARG A 70 -4.70 -6.37 25.24
CA ARG A 70 -4.82 -5.92 26.62
C ARG A 70 -6.00 -6.56 27.34
N MET A 71 -6.99 -7.05 26.60
CA MET A 71 -8.22 -7.56 27.19
C MET A 71 -8.12 -9.04 27.58
N ALA A 72 -6.91 -9.56 27.73
CA ALA A 72 -6.73 -10.97 28.05
C ALA A 72 -7.34 -11.28 29.41
N PRO A 73 -7.93 -12.48 29.58
CA PRO A 73 -8.02 -13.55 28.59
C PRO A 73 -9.30 -13.48 27.78
N ARG A 74 -9.91 -12.29 27.74
CA ARG A 74 -11.19 -12.08 27.10
C ARG A 74 -11.01 -11.10 25.95
N SER A 75 -9.97 -11.31 25.15
CA SER A 75 -9.53 -10.29 24.19
C SER A 75 -10.61 -9.93 23.18
N TRP A 76 -11.33 -10.93 22.68
CA TRP A 76 -12.25 -10.71 21.58
C TRP A 76 -13.36 -9.74 21.97
N LEU A 77 -13.60 -8.75 21.10
CA LEU A 77 -14.64 -7.76 21.29
C LEU A 77 -15.48 -7.70 20.03
N ALA A 78 -16.78 -7.50 20.21
CA ALA A 78 -17.70 -7.31 19.10
C ALA A 78 -18.18 -5.86 19.12
N VAL A 79 -18.00 -5.17 17.99
CA VAL A 79 -18.30 -3.75 17.89
C VAL A 79 -19.43 -3.55 16.89
N THR A 80 -20.38 -2.69 17.25
CA THR A 80 -21.54 -2.41 16.40
C THR A 80 -21.73 -0.90 16.31
N VAL A 81 -21.90 -0.40 15.09
CA VAL A 81 -22.07 1.03 14.85
C VAL A 81 -23.32 1.25 14.01
N ASP A 82 -24.10 2.26 14.38
CA ASP A 82 -25.28 2.67 13.61
C ASP A 82 -24.80 3.65 12.54
N THR A 83 -24.97 3.26 11.27
CA THR A 83 -24.41 4.05 10.18
C THR A 83 -24.98 5.46 10.16
N ALA A 84 -26.27 5.61 10.47
CA ALA A 84 -26.90 6.93 10.43
C ALA A 84 -26.34 7.85 11.50
N SER A 85 -26.12 7.33 12.70
CA SER A 85 -25.78 8.16 13.84
C SER A 85 -24.37 7.96 14.38
N SER A 86 -23.65 6.94 13.92
CA SER A 86 -22.26 6.68 14.30
C SER A 86 -22.12 6.35 15.79
N ALA A 87 -23.20 5.97 16.46
CA ALA A 87 -23.09 5.49 17.83
C ALA A 87 -22.45 4.10 17.84
N ILE A 88 -21.81 3.76 18.95
CA ILE A 88 -21.00 2.56 19.04
C ILE A 88 -21.45 1.71 20.23
N VAL A 89 -21.53 0.40 20.03
CA VAL A 89 -21.77 -0.56 21.11
C VAL A 89 -20.77 -1.69 20.97
N VAL A 90 -20.15 -2.08 22.08
CA VAL A 90 -19.12 -3.12 22.12
C VAL A 90 -19.39 -4.02 23.32
N THR A 91 -18.88 -5.25 23.25
CA THR A 91 -19.00 -6.21 24.33
C THR A 91 -17.78 -7.13 24.30
N GLN A 92 -17.47 -7.72 25.44
CA GLN A 92 -16.25 -8.51 25.62
C GLN A 92 -16.60 -9.99 25.71
N HIS A 93 -15.84 -10.82 24.99
CA HIS A 93 -16.07 -12.26 24.97
C HIS A 93 -14.73 -12.98 24.83
N GLY A 94 -14.78 -14.31 24.94
CA GLY A 94 -13.58 -15.11 24.85
C GLY A 94 -13.50 -15.95 23.59
N ARG A 95 -14.65 -16.33 23.04
CA ARG A 95 -14.72 -17.11 21.82
C ARG A 95 -15.51 -16.35 20.76
N VAL A 96 -15.29 -16.73 19.50
CA VAL A 96 -15.97 -16.14 18.36
C VAL A 96 -17.30 -16.87 18.19
N THR A 97 -17.66 -17.66 19.21
CA THR A 97 -18.90 -18.43 19.19
C THR A 97 -20.09 -17.56 18.78
N SER A 98 -21.05 -18.20 18.10
CA SER A 98 -22.26 -17.50 17.71
C SER A 98 -23.00 -16.96 18.92
N VAL A 99 -22.87 -17.63 20.07
CA VAL A 99 -23.56 -17.18 21.29
C VAL A 99 -23.07 -15.80 21.69
N ALA A 100 -21.78 -15.51 21.46
CA ALA A 100 -21.27 -14.18 21.78
C ALA A 100 -21.97 -13.11 20.97
N VAL A 101 -22.15 -13.34 19.67
CA VAL A 101 -22.89 -12.40 18.83
C VAL A 101 -24.34 -12.31 19.30
N GLN A 102 -24.90 -13.44 19.70
CA GLN A 102 -26.22 -13.47 20.30
C GLN A 102 -26.31 -12.47 21.45
N HIS A 103 -25.33 -12.53 22.37
CA HIS A 103 -25.31 -11.63 23.51
C HIS A 103 -24.99 -10.20 23.08
N HIS A 104 -23.98 -10.03 22.22
CA HIS A 104 -23.52 -8.70 21.88
C HIS A 104 -24.63 -7.89 21.23
N TRP A 105 -25.35 -8.49 20.28
CA TRP A 105 -26.46 -7.78 19.65
C TRP A 105 -27.56 -7.50 20.66
N ALA A 106 -27.84 -8.46 21.54
CA ALA A 106 -28.91 -8.29 22.51
C ALA A 106 -28.69 -7.06 23.37
N THR A 107 -27.46 -6.89 23.88
CA THR A 107 -27.13 -5.67 24.62
C THR A 107 -27.23 -4.45 23.73
N ALA A 108 -26.74 -4.56 22.49
CA ALA A 108 -26.83 -3.45 21.55
C ALA A 108 -28.28 -3.05 21.31
N ILE A 109 -29.18 -4.03 21.25
CA ILE A 109 -30.60 -3.73 21.14
C ILE A 109 -31.07 -2.96 22.37
N ALA A 110 -30.65 -3.41 23.55
CA ALA A 110 -31.14 -2.80 24.79
C ALA A 110 -30.73 -1.34 24.91
N VAL A 111 -29.57 -0.97 24.35
CA VAL A 111 -29.07 0.40 24.50
C VAL A 111 -29.61 1.31 23.40
N LEU A 112 -29.67 0.81 22.16
CA LEU A 112 -30.07 1.65 21.03
C LEU A 112 -31.45 1.35 20.51
N GLY A 113 -31.94 0.13 20.64
CA GLY A 113 -33.25 -0.23 20.12
C GLY A 113 -33.17 -1.31 19.07
N ARG A 114 -34.18 -1.40 18.21
CA ARG A 114 -34.21 -2.41 17.17
C ARG A 114 -33.94 -1.78 15.81
N PRO A 115 -32.83 -2.12 15.16
CA PRO A 115 -32.58 -1.62 13.81
C PRO A 115 -33.35 -2.47 12.80
N LYS A 116 -33.15 -2.16 11.52
CA LYS A 116 -33.80 -2.90 10.45
C LYS A 116 -32.87 -3.88 9.75
N ALA A 117 -31.64 -3.47 9.45
CA ALA A 117 -30.70 -4.32 8.74
C ALA A 117 -29.35 -4.28 9.45
N ILE A 118 -28.59 -5.36 9.29
CA ILE A 118 -27.25 -5.48 9.88
C ILE A 118 -26.33 -6.01 8.78
N LYS A 119 -25.36 -5.20 8.38
CA LYS A 119 -24.34 -5.63 7.44
C LYS A 119 -23.12 -6.11 8.21
N THR A 120 -22.52 -7.20 7.74
CA THR A 120 -21.35 -7.76 8.39
C THR A 120 -20.63 -8.67 7.41
N ASP A 121 -19.38 -8.99 7.73
CA ASP A 121 -18.63 -9.95 6.93
C ASP A 121 -19.10 -11.37 7.24
N ASN A 122 -18.74 -12.29 6.36
CA ASN A 122 -19.16 -13.69 6.47
C ASN A 122 -18.31 -14.45 7.48
N GLY A 123 -18.35 -13.97 8.72
CA GLY A 123 -17.60 -14.61 9.79
C GLY A 123 -18.06 -16.05 10.01
N SER A 124 -17.18 -16.82 10.66
CA SER A 124 -17.45 -18.24 10.87
C SER A 124 -18.75 -18.50 11.62
N CYS A 125 -19.19 -17.54 12.43
CA CYS A 125 -20.41 -17.70 13.21
C CYS A 125 -21.48 -16.68 12.87
N PHE A 126 -21.21 -15.75 11.96
CA PHE A 126 -22.24 -14.79 11.56
C PHE A 126 -23.33 -15.46 10.74
N THR A 127 -22.94 -16.34 9.82
CA THR A 127 -23.89 -17.02 8.95
C THR A 127 -24.28 -18.39 9.49
N SER A 128 -23.98 -18.67 10.76
CA SER A 128 -24.31 -19.96 11.34
C SER A 128 -25.83 -20.16 11.38
N LYS A 129 -26.24 -21.43 11.43
CA LYS A 129 -27.65 -21.77 11.41
C LYS A 129 -28.38 -21.15 12.60
N SER A 130 -27.81 -21.31 13.80
CA SER A 130 -28.45 -20.78 15.00
C SER A 130 -28.53 -19.26 14.94
N THR A 131 -27.46 -18.60 14.49
CA THR A 131 -27.45 -17.15 14.40
C THR A 131 -28.54 -16.65 13.46
N ARG A 132 -28.61 -17.22 12.26
CA ARG A 132 -29.61 -16.80 11.29
C ARG A 132 -31.02 -17.07 11.80
N GLU A 133 -31.23 -18.22 12.42
CA GLU A 133 -32.55 -18.57 12.94
C GLU A 133 -32.98 -17.59 14.02
N TRP A 134 -32.09 -17.29 14.97
CA TRP A 134 -32.43 -16.34 16.03
C TRP A 134 -32.65 -14.94 15.47
N LEU A 135 -31.85 -14.54 14.49
CA LEU A 135 -32.03 -13.24 13.86
C LEU A 135 -33.38 -13.14 13.19
N ALA A 136 -33.80 -14.21 12.49
CA ALA A 136 -35.12 -14.24 11.90
C ALA A 136 -36.20 -14.17 12.97
N ARG A 137 -35.99 -14.86 14.09
CA ARG A 137 -36.93 -14.78 15.20
C ARG A 137 -37.10 -13.35 15.67
N TRP A 138 -35.98 -12.62 15.82
CA TRP A 138 -36.09 -11.20 16.14
C TRP A 138 -36.69 -10.42 14.99
N GLY A 139 -36.50 -10.87 13.76
CA GLY A 139 -37.12 -10.24 12.60
C GLY A 139 -36.39 -9.00 12.13
N ILE A 140 -35.09 -9.13 11.86
CA ILE A 140 -34.30 -8.04 11.29
C ILE A 140 -33.46 -8.61 10.16
N ALA A 141 -33.18 -7.75 9.17
CA ALA A 141 -32.47 -8.19 7.98
C ALA A 141 -31.01 -8.48 8.28
N HIS A 142 -30.35 -9.13 7.33
CA HIS A 142 -28.93 -9.43 7.44
C HIS A 142 -28.36 -9.52 6.03
N THR A 143 -27.29 -8.76 5.76
CA THR A 143 -26.73 -8.67 4.42
C THR A 143 -25.21 -8.67 4.51
N THR A 144 -24.58 -9.75 4.05
CA THR A 144 -23.13 -9.84 4.06
C THR A 144 -22.55 -9.14 2.84
N GLY A 145 -21.42 -8.46 3.03
CA GLY A 145 -20.71 -7.84 1.94
C GLY A 145 -20.07 -8.88 1.06
N ILE A 146 -19.28 -8.40 0.09
CA ILE A 146 -18.58 -9.35 -0.79
C ILE A 146 -17.69 -10.26 0.05
N PRO A 147 -17.67 -11.56 -0.21
CA PRO A 147 -16.92 -12.48 0.66
C PRO A 147 -15.41 -12.38 0.49
N GLY A 148 -14.78 -11.49 1.23
CA GLY A 148 -13.33 -11.42 1.23
C GLY A 148 -12.70 -10.05 1.39
N ASN A 149 -13.40 -8.97 1.03
CA ASN A 149 -12.89 -7.63 1.26
C ASN A 149 -13.48 -7.10 2.55
N SER A 150 -12.64 -6.98 3.58
CA SER A 150 -13.07 -6.35 4.82
C SER A 150 -13.05 -4.84 4.64
N GLN A 151 -13.72 -4.36 3.60
CA GLN A 151 -13.65 -2.97 3.21
C GLN A 151 -15.06 -2.42 2.97
N GLY A 152 -15.99 -3.30 2.61
CA GLY A 152 -17.39 -2.90 2.53
C GLY A 152 -17.97 -2.53 3.88
N GLN A 153 -17.37 -3.03 4.96
CA GLN A 153 -17.72 -2.66 6.33
C GLN A 153 -16.79 -1.57 6.87
N ALA A 154 -16.39 -0.65 6.00
CA ALA A 154 -15.38 0.34 6.36
C ALA A 154 -15.78 1.15 7.58
N MET A 155 -17.08 1.37 7.78
CA MET A 155 -17.51 2.15 8.95
C MET A 155 -17.18 1.42 10.25
N VAL A 156 -17.57 0.15 10.36
CA VAL A 156 -17.26 -0.57 11.58
C VAL A 156 -15.76 -0.79 11.71
N GLU A 157 -15.04 -0.92 10.59
CA GLU A 157 -13.58 -1.08 10.68
C GLU A 157 -12.91 0.17 11.21
N ARG A 158 -13.30 1.34 10.70
CA ARG A 158 -12.73 2.59 11.21
C ARG A 158 -13.12 2.82 12.66
N ALA A 159 -14.36 2.51 13.01
CA ALA A 159 -14.77 2.61 14.41
C ALA A 159 -13.95 1.66 15.27
N ASN A 160 -13.62 0.48 14.75
CA ASN A 160 -12.75 -0.46 15.43
C ASN A 160 -11.38 0.16 15.70
N ARG A 161 -10.77 0.75 14.69
CA ARG A 161 -9.47 1.37 14.87
C ARG A 161 -9.54 2.49 15.91
N LEU A 162 -10.58 3.32 15.81
CA LEU A 162 -10.73 4.43 16.75
C LEU A 162 -10.92 3.93 18.18
N LEU A 163 -11.73 2.89 18.36
CA LEU A 163 -11.97 2.35 19.69
C LEU A 163 -10.68 1.74 20.25
N LYS A 164 -9.91 1.05 19.43
CA LYS A 164 -8.63 0.51 19.88
C LYS A 164 -7.72 1.64 20.34
N ASP A 165 -7.67 2.73 19.56
CA ASP A 165 -6.86 3.87 19.95
C ASP A 165 -7.32 4.44 21.29
N LYS A 166 -8.62 4.64 21.45
CA LYS A 166 -9.13 5.25 22.68
C LYS A 166 -8.88 4.35 23.89
N ILE A 167 -9.11 3.04 23.75
CA ILE A 167 -8.95 2.15 24.88
C ILE A 167 -7.48 2.04 25.26
N ARG A 168 -6.58 2.03 24.27
CA ARG A 168 -5.16 2.02 24.59
C ARG A 168 -4.75 3.32 25.28
N VAL A 169 -5.32 4.45 24.85
CA VAL A 169 -5.01 5.72 25.49
C VAL A 169 -5.41 5.69 26.96
N LEU A 170 -6.64 5.24 27.24
CA LEU A 170 -7.08 5.17 28.63
C LEU A 170 -6.21 4.21 29.43
N ALA A 171 -5.92 3.03 28.88
CA ALA A 171 -5.17 2.02 29.60
C ALA A 171 -3.78 2.52 29.96
N GLU A 172 -3.02 3.00 28.97
CA GLU A 172 -1.66 3.42 29.26
C GLU A 172 -1.58 4.81 29.87
N GLY A 173 -2.68 5.56 29.91
CA GLY A 173 -2.74 6.70 30.80
C GLY A 173 -3.08 6.34 32.23
N ASP A 174 -3.61 5.14 32.44
CA ASP A 174 -3.84 4.61 33.78
C ASP A 174 -2.63 3.86 34.32
N GLY A 175 -1.54 3.80 33.56
CA GLY A 175 -0.35 3.11 34.03
C GLY A 175 -0.38 1.61 33.81
N PHE A 176 -0.78 1.16 32.63
CA PHE A 176 -0.82 -0.26 32.29
C PHE A 176 -0.26 -0.41 30.89
N MET A 177 1.04 -0.71 30.79
CA MET A 177 1.71 -0.74 29.51
C MET A 177 1.35 -1.95 28.68
N LYS A 178 1.27 -3.13 29.31
CA LYS A 178 1.10 -4.37 28.56
C LYS A 178 -0.31 -4.92 28.58
N ARG A 179 -0.98 -4.92 29.73
CA ARG A 179 -2.31 -5.51 29.82
C ARG A 179 -3.04 -4.92 31.01
N ILE A 180 -4.35 -5.15 31.04
CA ILE A 180 -5.24 -4.58 32.06
C ILE A 180 -5.65 -5.69 33.02
N PRO A 181 -5.71 -5.42 34.33
CA PRO A 181 -6.24 -6.43 35.26
C PRO A 181 -7.68 -6.76 34.93
N THR A 182 -8.07 -8.00 35.22
CA THR A 182 -9.43 -8.44 34.98
C THR A 182 -10.44 -7.57 35.71
N SER A 183 -10.03 -6.95 36.82
CA SER A 183 -10.94 -6.06 37.55
C SER A 183 -11.34 -4.86 36.71
N LYS A 184 -10.37 -4.23 36.02
CA LYS A 184 -10.58 -2.94 35.38
C LYS A 184 -11.18 -3.03 33.99
N GLN A 185 -11.41 -4.25 33.48
CA GLN A 185 -11.88 -4.41 32.11
C GLN A 185 -13.17 -3.63 31.87
N GLY A 186 -14.18 -3.87 32.71
CA GLY A 186 -15.47 -3.24 32.51
C GLY A 186 -15.44 -1.75 32.69
N GLU A 187 -14.67 -1.26 33.67
CA GLU A 187 -14.55 0.18 33.86
C GLU A 187 -13.95 0.84 32.63
N LEU A 188 -12.88 0.26 32.08
CA LEU A 188 -12.30 0.81 30.87
C LEU A 188 -13.30 0.81 29.73
N LEU A 189 -14.03 -0.29 29.54
CA LEU A 189 -14.99 -0.37 28.45
C LEU A 189 -16.08 0.67 28.58
N ALA A 190 -16.65 0.81 29.78
CA ALA A 190 -17.75 1.74 29.98
C ALA A 190 -17.28 3.18 29.87
N LYS A 191 -16.09 3.48 30.38
CA LYS A 191 -15.54 4.83 30.24
C LYS A 191 -15.33 5.17 28.76
N ALA A 192 -14.81 4.23 27.99
CA ALA A 192 -14.68 4.45 26.55
C ALA A 192 -16.04 4.71 25.91
N MET A 193 -17.04 3.92 26.31
CA MET A 193 -18.39 4.13 25.78
C MET A 193 -18.88 5.54 26.03
N TYR A 194 -18.81 5.98 27.29
CA TYR A 194 -19.33 7.30 27.62
C TYR A 194 -18.54 8.39 26.93
N ALA A 195 -17.23 8.18 26.79
CA ALA A 195 -16.39 9.14 26.07
C ALA A 195 -16.82 9.27 24.62
N LEU A 196 -17.09 8.14 23.96
CA LEU A 196 -17.32 8.19 22.52
C LEU A 196 -18.74 8.65 22.19
N ASN A 197 -19.75 7.96 22.74
CA ASN A 197 -21.11 8.23 22.30
C ASN A 197 -21.60 9.61 22.74
N HIS A 198 -21.30 10.00 23.98
CA HIS A 198 -21.89 11.18 24.58
C HIS A 198 -21.11 12.47 24.32
N PHE A 199 -20.02 12.40 23.57
CA PHE A 199 -19.24 13.59 23.23
C PHE A 199 -18.98 13.61 21.74
N GLU A 200 -19.23 14.75 21.11
CA GLU A 200 -19.04 14.87 19.67
C GLU A 200 -17.58 14.69 19.30
N ARG A 201 -17.34 14.21 18.08
CA ARG A 201 -16.01 13.84 17.63
C ARG A 201 -15.58 14.73 16.48
N GLY A 202 -14.28 15.03 16.43
CA GLY A 202 -13.76 15.84 15.35
C GLY A 202 -14.25 17.27 15.40
N GLU A 203 -15.01 17.68 14.39
CA GLU A 203 -15.51 19.04 14.30
C GLU A 203 -17.03 19.16 14.21
N ASN A 204 -17.74 18.06 13.99
CA ASN A 204 -19.19 18.15 13.86
C ASN A 204 -19.80 18.70 15.15
N THR A 205 -20.75 19.62 14.99
CA THR A 205 -21.36 20.27 16.14
C THR A 205 -22.41 19.41 16.82
N LYS A 206 -22.44 18.11 16.53
CA LYS A 206 -23.48 17.24 17.03
C LYS A 206 -22.88 16.03 17.74
N THR A 207 -23.33 15.80 18.97
CA THR A 207 -22.96 14.60 19.70
C THR A 207 -23.57 13.36 19.01
N PRO A 208 -22.84 12.25 18.96
CA PRO A 208 -23.43 11.03 18.37
C PRO A 208 -24.74 10.61 19.02
N ILE A 209 -24.85 10.75 20.35
CA ILE A 209 -26.08 10.33 21.03
C ILE A 209 -27.25 11.19 20.57
N GLN A 210 -27.16 12.51 20.79
CA GLN A 210 -28.27 13.36 20.38
C GLN A 210 -28.41 13.43 18.87
N LYS A 211 -27.40 13.00 18.11
CA LYS A 211 -27.63 12.66 16.71
C LYS A 211 -28.60 11.50 16.59
N HIS A 212 -28.40 10.47 17.42
CA HIS A 212 -29.25 9.28 17.32
C HIS A 212 -30.66 9.56 17.81
N TRP A 213 -30.79 10.04 19.05
CA TRP A 213 -32.11 10.25 19.62
C TRP A 213 -32.81 11.48 19.06
N ARG A 214 -32.07 12.42 18.50
CA ARG A 214 -32.65 13.62 17.89
C ARG A 214 -32.14 13.76 16.47
N PRO A 215 -32.43 12.80 15.60
CA PRO A 215 -31.91 12.88 14.23
C PRO A 215 -32.60 13.99 13.46
N THR A 216 -31.86 14.56 12.51
CA THR A 216 -32.43 15.51 11.57
C THR A 216 -32.31 14.94 10.17
N VAL A 217 -33.42 14.90 9.45
CA VAL A 217 -33.47 14.42 8.08
C VAL A 217 -34.26 15.42 7.27
N LEU A 218 -33.74 15.76 6.09
CA LEU A 218 -34.41 16.73 5.23
C LEU A 218 -35.52 16.05 4.43
N THR A 219 -36.72 16.63 4.48
CA THR A 219 -37.83 16.09 3.71
C THR A 219 -37.75 16.47 2.24
N GLU A 220 -37.03 17.54 1.92
CA GLU A 220 -36.91 17.99 0.53
C GLU A 220 -35.61 18.76 0.42
N GLY A 221 -34.61 18.15 -0.23
CA GLY A 221 -33.29 18.72 -0.30
C GLY A 221 -33.18 19.86 -1.29
N PRO A 222 -32.00 20.46 -1.37
CA PRO A 222 -31.80 21.59 -2.28
C PRO A 222 -31.40 21.13 -3.66
N PRO A 223 -31.72 21.90 -4.70
CA PRO A 223 -31.29 21.53 -6.05
C PRO A 223 -29.77 21.51 -6.17
N VAL A 224 -29.26 20.55 -6.93
CA VAL A 224 -27.84 20.34 -7.13
C VAL A 224 -27.59 19.95 -8.58
N LYS A 225 -26.31 19.86 -8.94
CA LYS A 225 -25.88 19.36 -10.23
C LYS A 225 -25.17 18.03 -10.03
N ILE A 226 -25.45 17.07 -10.91
CA ILE A 226 -25.15 15.67 -10.67
C ILE A 226 -24.33 15.13 -11.83
N ARG A 227 -23.18 14.53 -11.52
CA ARG A 227 -22.39 13.82 -12.52
C ARG A 227 -23.08 12.50 -12.83
N ILE A 228 -24.18 12.59 -13.58
CA ILE A 228 -24.84 11.37 -14.02
C ILE A 228 -23.86 10.54 -14.84
N GLU A 229 -24.02 9.22 -14.72
CA GLU A 229 -23.05 8.26 -15.24
C GLU A 229 -22.56 8.58 -16.65
N THR A 230 -23.38 9.25 -17.45
CA THR A 230 -23.00 9.54 -18.84
C THR A 230 -21.71 10.35 -18.92
N GLY A 231 -21.31 11.02 -17.85
CA GLY A 231 -20.00 11.63 -17.81
C GLY A 231 -19.99 13.11 -17.54
N GLU A 232 -21.15 13.75 -17.61
CA GLU A 232 -21.23 15.19 -17.47
C GLU A 232 -22.33 15.56 -16.48
N TRP A 233 -22.14 16.71 -15.83
CA TRP A 233 -23.06 17.15 -14.79
C TRP A 233 -24.45 17.40 -15.35
N GLU A 234 -25.45 16.95 -14.61
CA GLU A 234 -26.85 17.15 -14.98
C GLU A 234 -27.56 17.94 -13.90
N LYS A 235 -28.54 18.73 -14.32
CA LYS A 235 -29.29 19.62 -13.45
C LYS A 235 -30.68 19.07 -13.21
N GLY A 236 -31.12 19.10 -11.95
CA GLY A 236 -32.48 18.69 -11.66
C GLY A 236 -32.69 17.58 -10.64
N TRP A 237 -31.77 17.43 -9.69
CA TRP A 237 -31.99 16.55 -8.54
C TRP A 237 -31.75 17.34 -7.26
N ASN A 238 -32.05 16.70 -6.14
CA ASN A 238 -31.84 17.28 -4.82
C ASN A 238 -31.05 16.31 -3.97
N VAL A 239 -30.06 16.84 -3.26
CA VAL A 239 -29.24 16.04 -2.36
C VAL A 239 -29.98 15.87 -1.04
N LEU A 240 -30.06 14.63 -0.56
CA LEU A 240 -30.68 14.38 0.73
C LEU A 240 -29.69 14.65 1.86
N VAL A 241 -28.59 13.92 1.87
CA VAL A 241 -27.50 14.15 2.82
C VAL A 241 -26.21 14.30 2.03
N TRP A 242 -25.33 15.18 2.50
CA TRP A 242 -24.02 15.40 1.89
C TRP A 242 -22.99 15.34 3.01
N GLY A 243 -22.53 14.13 3.32
CA GLY A 243 -21.51 13.97 4.32
C GLY A 243 -20.16 14.48 3.84
N ARG A 244 -19.23 14.57 4.79
CA ARG A 244 -17.87 14.98 4.46
C ARG A 244 -17.29 14.07 3.38
N GLY A 245 -17.39 12.77 3.59
CA GLY A 245 -16.99 11.84 2.56
C GLY A 245 -17.96 11.85 1.39
N TYR A 246 -19.16 11.31 1.59
CA TYR A 246 -20.03 10.89 0.50
C TYR A 246 -21.45 11.38 0.76
N ALA A 247 -22.29 11.33 -0.28
CA ALA A 247 -23.58 11.99 -0.26
C ALA A 247 -24.67 11.09 -0.86
N ALA A 248 -25.92 11.43 -0.54
CA ALA A 248 -27.09 10.79 -1.11
C ALA A 248 -27.94 11.84 -1.80
N VAL A 249 -28.48 11.49 -2.97
CA VAL A 249 -29.28 12.40 -3.77
C VAL A 249 -30.63 11.78 -4.07
N LYS A 250 -31.59 12.63 -4.39
CA LYS A 250 -32.95 12.21 -4.68
C LYS A 250 -33.41 12.82 -5.99
N ASN A 251 -34.14 12.04 -6.78
CA ASN A 251 -34.74 12.53 -8.01
C ASN A 251 -35.89 13.48 -7.69
N ARG A 252 -36.23 14.30 -8.67
CA ARG A 252 -37.40 15.17 -8.55
C ARG A 252 -38.69 14.50 -8.98
N ASP A 253 -38.61 13.47 -9.84
CA ASP A 253 -39.78 12.76 -10.32
C ASP A 253 -39.82 11.32 -9.86
N THR A 254 -38.74 10.56 -10.05
CA THR A 254 -38.73 9.15 -9.69
C THR A 254 -38.54 8.97 -8.18
N ASP A 255 -38.03 10.00 -7.49
CA ASP A 255 -37.85 9.97 -6.04
C ASP A 255 -36.96 8.82 -5.61
N LYS A 256 -35.92 8.55 -6.40
CA LYS A 256 -34.94 7.53 -6.04
C LYS A 256 -33.88 8.12 -5.12
N VAL A 257 -33.51 7.36 -4.11
CA VAL A 257 -32.40 7.71 -3.23
C VAL A 257 -31.24 6.77 -3.55
N ILE A 258 -30.08 7.35 -3.88
CA ILE A 258 -28.89 6.60 -4.21
C ILE A 258 -27.71 7.23 -3.49
N TRP A 259 -26.70 6.41 -3.25
CA TRP A 259 -25.48 6.84 -2.59
C TRP A 259 -24.39 7.01 -3.65
N VAL A 260 -23.88 8.23 -3.77
CA VAL A 260 -22.84 8.55 -4.76
C VAL A 260 -21.71 9.28 -4.06
N PRO A 261 -20.47 9.19 -4.54
CA PRO A 261 -19.39 9.96 -3.92
C PRO A 261 -19.62 11.45 -4.09
N SER A 262 -19.12 12.22 -3.12
CA SER A 262 -19.35 13.66 -3.13
C SER A 262 -18.82 14.33 -4.39
N ARG A 263 -17.82 13.75 -5.04
CA ARG A 263 -17.28 14.35 -6.25
C ARG A 263 -18.32 14.39 -7.37
N LYS A 264 -19.27 13.46 -7.37
CA LYS A 264 -20.27 13.41 -8.43
C LYS A 264 -21.32 14.51 -8.32
N VAL A 265 -21.38 15.22 -7.21
CA VAL A 265 -22.43 16.22 -6.98
C VAL A 265 -21.77 17.57 -6.68
N LYS A 266 -22.31 18.62 -7.29
CA LYS A 266 -21.92 19.99 -7.01
C LYS A 266 -23.17 20.85 -7.00
N PRO A 267 -23.16 21.95 -6.24
CA PRO A 267 -24.41 22.71 -6.04
C PRO A 267 -24.94 23.32 -7.33
N ASP A 268 -26.26 23.44 -7.40
CA ASP A 268 -26.91 24.10 -8.53
C ASP A 268 -26.77 25.62 -8.42
N ILE A 269 -26.62 26.27 -9.56
CA ILE A 269 -26.55 27.73 -9.70
C ILE A 269 -25.77 28.41 -8.57
N PRO B 57 -34.64 15.23 34.17
CA PRO B 57 -33.98 13.93 33.95
C PRO B 57 -32.50 13.97 34.31
N LEU B 58 -31.90 12.81 34.53
CA LEU B 58 -30.50 12.70 34.94
C LEU B 58 -30.24 13.51 36.21
N GLN B 59 -31.14 13.37 37.19
CA GLN B 59 -31.04 14.14 38.43
C GLN B 59 -30.77 13.25 39.64
N ILE B 60 -31.63 12.27 39.89
CA ILE B 60 -31.52 11.41 41.06
C ILE B 60 -31.67 9.96 40.63
N TRP B 61 -30.79 9.10 41.14
CA TRP B 61 -30.85 7.67 40.86
C TRP B 61 -30.91 6.90 42.18
N GLN B 62 -31.39 5.66 42.08
CA GLN B 62 -31.44 4.74 43.21
C GLN B 62 -30.74 3.45 42.80
N THR B 63 -30.70 2.49 43.71
CA THR B 63 -29.98 1.24 43.49
C THR B 63 -30.18 0.31 44.66
N ASP B 64 -29.84 -0.96 44.44
CA ASP B 64 -29.94 -2.04 45.42
C ASP B 64 -29.33 -3.29 44.80
N PHE B 65 -28.95 -4.23 45.65
CA PHE B 65 -28.45 -5.53 45.24
C PHE B 65 -29.44 -6.60 45.67
N THR B 66 -29.94 -7.37 44.70
CA THR B 66 -31.00 -8.33 44.95
C THR B 66 -30.53 -9.74 44.56
N LEU B 67 -30.99 -10.73 45.31
CA LEU B 67 -30.65 -12.11 45.02
C LEU B 67 -31.62 -12.71 44.01
N GLU B 68 -31.17 -13.78 43.35
CA GLU B 68 -32.02 -14.61 42.52
C GLU B 68 -31.25 -15.89 42.29
N PRO B 69 -31.86 -17.06 42.42
CA PRO B 69 -31.07 -18.30 42.38
C PRO B 69 -30.80 -18.84 40.98
N ARG B 70 -31.58 -18.40 40.00
CA ARG B 70 -31.55 -19.07 38.70
C ARG B 70 -30.31 -18.75 37.88
N MET B 71 -29.59 -17.68 38.19
CA MET B 71 -28.35 -17.35 37.47
C MET B 71 -27.09 -17.70 38.25
N ALA B 72 -27.11 -18.82 38.97
CA ALA B 72 -25.88 -19.29 39.61
C ALA B 72 -24.83 -19.55 38.54
N PRO B 73 -23.55 -19.23 38.80
CA PRO B 73 -23.02 -18.74 40.08
C PRO B 73 -23.20 -17.24 40.31
N ARG B 74 -23.13 -16.44 39.24
CA ARG B 74 -23.21 -14.99 39.39
C ARG B 74 -24.64 -14.57 39.70
N SER B 75 -25.13 -14.96 40.88
CA SER B 75 -26.50 -14.75 41.28
C SER B 75 -26.75 -13.36 41.86
N TRP B 76 -25.70 -12.55 42.03
CA TRP B 76 -25.84 -11.21 42.57
C TRP B 76 -26.28 -10.26 41.47
N LEU B 77 -27.38 -9.56 41.71
CA LEU B 77 -28.02 -8.72 40.69
C LEU B 77 -28.00 -7.28 41.18
N ALA B 78 -27.39 -6.40 40.39
CA ALA B 78 -27.36 -4.98 40.70
C ALA B 78 -28.44 -4.25 39.93
N VAL B 79 -28.99 -3.20 40.55
CA VAL B 79 -30.06 -2.40 39.98
C VAL B 79 -29.68 -0.93 40.09
N THR B 80 -30.16 -0.13 39.15
CA THR B 80 -30.09 1.33 39.27
C THR B 80 -31.21 1.91 38.43
N VAL B 81 -31.92 2.89 38.98
CA VAL B 81 -33.13 3.42 38.37
C VAL B 81 -33.12 4.94 38.48
N ASP B 82 -33.59 5.61 37.43
CA ASP B 82 -33.79 7.05 37.44
C ASP B 82 -35.18 7.37 37.98
N THR B 83 -35.39 8.65 38.30
CA THR B 83 -36.68 9.11 38.82
C THR B 83 -37.56 9.70 37.70
N ALA B 84 -37.03 10.69 36.98
CA ALA B 84 -37.83 11.40 36.00
C ALA B 84 -38.24 10.53 34.81
N SER B 85 -37.50 9.46 34.54
CA SER B 85 -37.82 8.57 33.43
C SER B 85 -38.02 7.12 33.83
N SER B 86 -37.64 6.74 35.05
CA SER B 86 -37.78 5.37 35.54
C SER B 86 -37.02 4.38 34.67
N ALA B 87 -35.96 4.83 34.01
CA ALA B 87 -35.12 3.94 33.23
C ALA B 87 -34.37 2.99 34.17
N ILE B 88 -34.12 1.79 33.68
CA ILE B 88 -33.50 0.73 34.48
C ILE B 88 -32.17 0.34 33.83
N VAL B 89 -31.24 -0.10 34.66
CA VAL B 89 -30.02 -0.77 34.23
C VAL B 89 -29.75 -1.93 35.19
N VAL B 90 -29.23 -3.03 34.67
CA VAL B 90 -28.99 -4.24 35.45
C VAL B 90 -27.64 -4.81 35.05
N THR B 91 -26.87 -5.27 36.04
CA THR B 91 -25.60 -5.93 35.78
C THR B 91 -25.48 -7.19 36.65
N GLN B 92 -24.99 -8.26 36.04
CA GLN B 92 -24.68 -9.47 36.79
C GLN B 92 -23.45 -9.26 37.67
N HIS B 93 -23.35 -10.06 38.71
CA HIS B 93 -22.19 -10.03 39.60
C HIS B 93 -22.00 -11.41 40.21
N GLY B 94 -20.78 -11.93 40.09
CA GLY B 94 -20.46 -13.17 40.78
C GLY B 94 -20.55 -13.02 42.29
N ARG B 95 -20.14 -11.86 42.80
CA ARG B 95 -20.19 -11.57 44.22
C ARG B 95 -20.14 -10.06 44.40
N VAL B 96 -20.87 -9.56 45.39
CA VAL B 96 -20.93 -8.12 45.61
C VAL B 96 -19.62 -7.62 46.17
N THR B 97 -18.95 -6.76 45.42
CA THR B 97 -17.66 -6.21 45.82
C THR B 97 -17.67 -4.72 45.56
N SER B 98 -16.88 -3.98 46.34
CA SER B 98 -16.72 -2.54 46.09
C SER B 98 -16.19 -2.25 44.69
N VAL B 99 -15.45 -3.18 44.10
CA VAL B 99 -15.01 -3.02 42.71
C VAL B 99 -16.17 -3.25 41.75
N ALA B 100 -16.94 -4.34 41.96
CA ALA B 100 -18.14 -4.58 41.15
C ALA B 100 -19.13 -3.44 41.30
N VAL B 101 -19.15 -2.85 42.48
CA VAL B 101 -19.78 -1.55 42.73
C VAL B 101 -19.37 -0.51 41.65
N GLN B 102 -18.08 -0.31 41.44
CA GLN B 102 -17.61 0.55 40.35
C GLN B 102 -18.19 0.16 38.99
N HIS B 103 -18.15 -1.14 38.68
CA HIS B 103 -18.47 -1.66 37.35
C HIS B 103 -19.89 -1.35 36.91
N HIS B 104 -20.79 -1.10 37.85
CA HIS B 104 -22.21 -0.99 37.50
C HIS B 104 -22.55 0.37 36.90
N TRP B 105 -22.45 1.43 37.71
CA TRP B 105 -22.81 2.76 37.22
C TRP B 105 -21.93 3.23 36.06
N ALA B 106 -20.69 2.78 35.97
CA ALA B 106 -19.91 3.08 34.78
C ALA B 106 -20.68 2.65 33.53
N THR B 107 -21.20 1.41 33.56
CA THR B 107 -22.10 0.97 32.49
C THR B 107 -23.37 1.80 32.47
N ALA B 108 -23.93 2.10 33.65
CA ALA B 108 -25.16 2.86 33.72
C ALA B 108 -24.97 4.28 33.19
N ILE B 109 -23.82 4.88 33.47
CA ILE B 109 -23.57 6.23 32.97
C ILE B 109 -23.53 6.24 31.45
N ALA B 110 -22.88 5.24 30.85
CA ALA B 110 -22.74 5.23 29.39
C ALA B 110 -24.08 5.16 28.69
N VAL B 111 -24.99 4.31 29.18
CA VAL B 111 -26.27 4.13 28.51
C VAL B 111 -27.19 5.32 28.72
N LEU B 112 -27.11 6.01 29.85
CA LEU B 112 -28.03 7.08 30.18
C LEU B 112 -27.40 8.47 30.19
N GLY B 113 -26.17 8.59 30.67
CA GLY B 113 -25.50 9.86 30.82
C GLY B 113 -24.98 10.02 32.23
N ARG B 114 -24.62 11.25 32.58
CA ARG B 114 -24.16 11.54 33.93
C ARG B 114 -25.27 12.20 34.71
N PRO B 115 -25.80 11.56 35.76
CA PRO B 115 -26.87 12.18 36.54
C PRO B 115 -26.36 13.32 37.41
N LYS B 116 -27.21 13.84 38.30
CA LYS B 116 -26.81 14.90 39.22
C LYS B 116 -26.69 14.43 40.66
N ALA B 117 -27.40 13.38 41.05
CA ALA B 117 -27.28 12.85 42.40
C ALA B 117 -27.68 11.38 42.40
N ILE B 118 -27.18 10.64 43.38
CA ILE B 118 -27.51 9.23 43.55
C ILE B 118 -27.78 8.98 45.03
N LYS B 119 -28.82 8.20 45.31
CA LYS B 119 -29.20 7.85 46.67
C LYS B 119 -29.29 6.34 46.81
N THR B 120 -28.76 5.81 47.90
CA THR B 120 -28.66 4.37 48.10
C THR B 120 -28.80 4.06 49.58
N ASP B 121 -28.52 2.81 49.93
CA ASP B 121 -28.51 2.36 51.31
C ASP B 121 -27.08 2.48 51.87
N ASN B 122 -26.85 1.86 53.02
CA ASN B 122 -25.54 1.89 53.69
C ASN B 122 -24.74 0.62 53.44
N GLY B 123 -24.82 0.07 52.22
CA GLY B 123 -24.22 -1.22 51.96
C GLY B 123 -22.71 -1.24 52.19
N SER B 124 -22.22 -2.45 52.47
CA SER B 124 -20.80 -2.62 52.76
C SER B 124 -19.94 -2.10 51.63
N CYS B 125 -20.23 -2.52 50.41
CA CYS B 125 -19.52 -2.04 49.24
C CYS B 125 -20.03 -0.69 48.77
N PHE B 126 -21.10 -0.17 49.39
CA PHE B 126 -21.65 1.14 49.08
C PHE B 126 -20.96 2.26 49.84
N THR B 127 -20.14 1.94 50.83
CA THR B 127 -19.66 2.91 51.78
C THR B 127 -18.14 2.93 51.93
N SER B 128 -17.42 2.03 51.25
CA SER B 128 -15.97 2.04 51.32
C SER B 128 -15.40 3.25 50.58
N LYS B 129 -14.13 3.53 50.85
CA LYS B 129 -13.51 4.75 50.33
C LYS B 129 -13.36 4.72 48.80
N SER B 130 -13.29 3.53 48.21
CA SER B 130 -13.13 3.44 46.76
C SER B 130 -14.30 4.09 46.04
N THR B 131 -15.52 3.75 46.44
CA THR B 131 -16.71 4.32 45.81
C THR B 131 -16.78 5.82 46.03
N ARG B 132 -16.46 6.27 47.25
CA ARG B 132 -16.50 7.70 47.54
C ARG B 132 -15.53 8.47 46.67
N GLU B 133 -14.30 7.96 46.56
CA GLU B 133 -13.30 8.64 45.73
C GLU B 133 -13.73 8.64 44.27
N TRP B 134 -14.33 7.56 43.80
CA TRP B 134 -14.69 7.52 42.39
C TRP B 134 -15.83 8.50 42.08
N LEU B 135 -16.86 8.50 42.94
CA LEU B 135 -17.95 9.45 42.74
C LEU B 135 -17.47 10.89 42.87
N ALA B 136 -16.51 11.15 43.76
CA ALA B 136 -15.91 12.48 43.82
C ALA B 136 -15.18 12.81 42.53
N ARG B 137 -14.44 11.84 41.99
CA ARG B 137 -13.75 12.05 40.71
C ARG B 137 -14.73 12.44 39.62
N TRP B 138 -15.85 11.71 39.52
CA TRP B 138 -16.87 12.06 38.55
C TRP B 138 -17.72 13.25 38.98
N GLY B 139 -17.55 13.74 40.20
CA GLY B 139 -18.31 14.88 40.66
C GLY B 139 -19.80 14.61 40.79
N ILE B 140 -20.17 13.47 41.36
CA ILE B 140 -21.57 13.10 41.56
C ILE B 140 -21.84 13.00 43.05
N ALA B 141 -23.03 13.43 43.47
CA ALA B 141 -23.35 13.60 44.87
C ALA B 141 -23.99 12.33 45.42
N HIS B 142 -23.27 11.64 46.30
CA HIS B 142 -23.82 10.50 47.01
C HIS B 142 -24.79 10.96 48.10
N THR B 143 -25.75 10.10 48.45
CA THR B 143 -26.61 10.35 49.59
C THR B 143 -27.13 8.99 50.08
N THR B 144 -26.52 8.46 51.14
CA THR B 144 -26.91 7.16 51.64
C THR B 144 -28.28 7.23 52.32
N GLY B 145 -28.84 6.06 52.60
CA GLY B 145 -30.15 5.97 53.22
C GLY B 145 -30.30 4.67 53.98
N ILE B 146 -31.48 4.49 54.56
CA ILE B 146 -31.78 3.29 55.34
C ILE B 146 -31.92 2.11 54.39
N PRO B 147 -31.38 0.92 54.72
CA PRO B 147 -31.55 -0.23 53.85
C PRO B 147 -32.99 -0.72 53.82
N GLY B 148 -33.85 0.01 53.10
CA GLY B 148 -35.25 -0.35 53.00
C GLY B 148 -36.19 0.82 53.11
N ASN B 149 -35.65 2.02 53.28
CA ASN B 149 -36.47 3.21 53.45
C ASN B 149 -37.26 3.52 52.19
N SER B 150 -38.42 4.14 52.37
CA SER B 150 -39.30 4.50 51.26
C SER B 150 -39.15 5.95 50.84
N GLN B 151 -38.86 6.86 51.76
CA GLN B 151 -38.61 8.26 51.42
C GLN B 151 -37.39 8.41 50.53
N GLY B 152 -36.51 7.43 50.53
CA GLY B 152 -35.33 7.34 49.69
C GLY B 152 -35.62 6.43 48.51
N GLN B 153 -35.27 5.15 48.64
CA GLN B 153 -35.69 4.17 47.65
C GLN B 153 -37.21 4.21 47.51
N ALA B 154 -37.71 4.73 46.41
CA ALA B 154 -39.15 4.82 46.16
C ALA B 154 -39.54 4.28 44.80
N MET B 155 -38.73 4.53 43.76
CA MET B 155 -39.00 3.96 42.45
C MET B 155 -38.47 2.54 42.35
N VAL B 156 -37.46 2.19 43.16
CA VAL B 156 -36.87 0.87 43.08
C VAL B 156 -37.87 -0.21 43.50
N GLU B 157 -38.93 0.15 44.21
CA GLU B 157 -39.99 -0.82 44.50
C GLU B 157 -40.61 -1.32 43.21
N ARG B 158 -41.18 -0.40 42.43
CA ARG B 158 -41.73 -0.75 41.12
C ARG B 158 -40.65 -1.37 40.25
N ALA B 159 -39.42 -0.88 40.36
CA ALA B 159 -38.31 -1.44 39.59
C ALA B 159 -38.17 -2.92 39.87
N ASN B 160 -37.83 -3.28 41.11
CA ASN B 160 -37.62 -4.67 41.51
C ASN B 160 -38.80 -5.54 41.12
N ARG B 161 -40.02 -5.06 41.37
CA ARG B 161 -41.20 -5.85 41.04
C ARG B 161 -41.25 -6.16 39.55
N LEU B 162 -41.16 -5.11 38.72
CA LEU B 162 -41.25 -5.30 37.28
C LEU B 162 -40.10 -6.14 36.76
N LEU B 163 -38.89 -5.93 37.29
CA LEU B 163 -37.72 -6.65 36.84
C LEU B 163 -37.87 -8.14 37.13
N LYS B 164 -38.27 -8.49 38.35
CA LYS B 164 -38.45 -9.90 38.68
C LYS B 164 -39.58 -10.51 37.86
N ASP B 165 -40.67 -9.76 37.66
CA ASP B 165 -41.76 -10.25 36.81
C ASP B 165 -41.26 -10.59 35.42
N LYS B 166 -40.55 -9.65 34.78
CA LYS B 166 -40.10 -9.85 33.41
C LYS B 166 -39.07 -10.96 33.32
N ILE B 167 -38.17 -11.04 34.31
CA ILE B 167 -37.17 -12.10 34.32
C ILE B 167 -37.83 -13.46 34.41
N ARG B 168 -38.82 -13.60 35.29
CA ARG B 168 -39.56 -14.85 35.38
C ARG B 168 -40.26 -15.15 34.06
N VAL B 169 -40.88 -14.13 33.47
CA VAL B 169 -41.64 -14.32 32.23
C VAL B 169 -40.73 -14.88 31.15
N LEU B 170 -39.58 -14.25 30.94
CA LEU B 170 -38.69 -14.68 29.86
C LEU B 170 -38.02 -16.01 30.18
N ALA B 171 -37.60 -16.20 31.44
CA ALA B 171 -36.90 -17.42 31.82
C ALA B 171 -37.80 -18.64 31.64
N GLU B 172 -39.08 -18.51 31.94
CA GLU B 172 -39.99 -19.61 31.65
C GLU B 172 -40.43 -19.63 30.19
N GLY B 173 -40.40 -18.50 29.50
CA GLY B 173 -40.81 -18.47 28.11
C GLY B 173 -39.85 -19.21 27.20
N ASP B 174 -38.55 -19.12 27.48
CA ASP B 174 -37.55 -19.80 26.65
C ASP B 174 -37.24 -21.20 27.14
N GLY B 175 -38.20 -21.88 27.78
CA GLY B 175 -38.03 -23.27 28.17
C GLY B 175 -37.01 -23.53 29.26
N PHE B 176 -36.97 -22.68 30.28
CA PHE B 176 -36.13 -22.91 31.45
C PHE B 176 -36.95 -22.68 32.71
N MET B 177 -36.61 -23.39 33.77
CA MET B 177 -37.40 -23.37 35.00
C MET B 177 -36.61 -23.05 36.25
N LYS B 178 -35.35 -23.46 36.36
CA LYS B 178 -34.59 -23.26 37.59
C LYS B 178 -33.19 -22.71 37.38
N ARG B 179 -32.56 -22.93 36.24
CA ARG B 179 -31.21 -22.45 36.01
C ARG B 179 -31.06 -22.05 34.55
N ILE B 180 -30.79 -20.77 34.31
CA ILE B 180 -30.44 -20.33 32.96
C ILE B 180 -29.07 -20.88 32.60
N PRO B 181 -28.86 -21.34 31.38
CA PRO B 181 -27.50 -21.72 30.96
C PRO B 181 -26.55 -20.54 31.11
N THR B 182 -25.33 -20.82 31.58
CA THR B 182 -24.36 -19.75 31.85
C THR B 182 -24.09 -18.92 30.61
N SER B 183 -24.18 -19.52 29.43
CA SER B 183 -24.02 -18.78 28.18
C SER B 183 -25.25 -17.97 27.80
N LYS B 184 -26.37 -18.19 28.47
CA LYS B 184 -27.63 -17.55 28.09
C LYS B 184 -28.15 -16.56 29.12
N GLN B 185 -27.33 -16.19 30.10
CA GLN B 185 -27.78 -15.24 31.12
C GLN B 185 -27.90 -13.83 30.53
N GLY B 186 -26.79 -13.31 30.01
CA GLY B 186 -26.78 -11.96 29.48
C GLY B 186 -27.83 -11.74 28.40
N GLU B 187 -28.15 -12.78 27.64
CA GLU B 187 -29.24 -12.69 26.68
C GLU B 187 -30.54 -12.30 27.36
N LEU B 188 -30.90 -13.04 28.41
CA LEU B 188 -32.15 -12.77 29.12
C LEU B 188 -32.13 -11.40 29.77
N LEU B 189 -31.00 -11.02 30.36
CA LEU B 189 -30.91 -9.70 30.97
C LEU B 189 -31.11 -8.59 29.94
N ALA B 190 -30.45 -8.71 28.79
CA ALA B 190 -30.59 -7.68 27.76
C ALA B 190 -32.01 -7.63 27.23
N LYS B 191 -32.63 -8.79 27.06
CA LYS B 191 -34.02 -8.82 26.58
C LYS B 191 -34.95 -8.15 27.58
N ALA B 192 -34.78 -8.43 28.87
CA ALA B 192 -35.60 -7.78 29.89
C ALA B 192 -35.36 -6.27 29.91
N MET B 193 -34.09 -5.87 29.78
CA MET B 193 -33.74 -4.45 29.71
C MET B 193 -34.47 -3.76 28.57
N TYR B 194 -34.38 -4.32 27.36
CA TYR B 194 -35.02 -3.74 26.20
C TYR B 194 -36.53 -3.69 26.37
N ALA B 195 -37.12 -4.78 26.86
CA ALA B 195 -38.57 -4.84 27.01
C ALA B 195 -39.07 -3.79 28.01
N LEU B 196 -38.38 -3.67 29.14
CA LEU B 196 -38.84 -2.75 30.19
C LEU B 196 -38.50 -1.29 29.89
N ASN B 197 -37.58 -1.02 28.97
CA ASN B 197 -37.19 0.35 28.70
C ASN B 197 -37.79 0.92 27.42
N HIS B 198 -37.97 0.11 26.39
CA HIS B 198 -38.50 0.59 25.13
C HIS B 198 -40.00 0.36 24.97
N PHE B 199 -40.65 -0.22 25.98
CA PHE B 199 -42.08 -0.48 25.94
C PHE B 199 -42.72 0.12 27.18
N GLU B 200 -43.89 0.73 27.00
CA GLU B 200 -44.61 1.33 28.11
C GLU B 200 -45.01 0.26 29.12
N ARG B 201 -44.99 0.65 30.40
CA ARG B 201 -45.38 -0.23 31.49
C ARG B 201 -46.75 0.17 32.00
N GLY B 202 -47.71 -0.75 31.94
CA GLY B 202 -49.04 -0.47 32.43
C GLY B 202 -49.69 0.65 31.63
N GLU B 203 -50.10 1.70 32.34
CA GLU B 203 -50.82 2.82 31.73
C GLU B 203 -49.91 3.79 31.00
N ASN B 204 -48.59 3.72 31.21
CA ASN B 204 -47.64 4.70 30.70
C ASN B 204 -47.92 5.06 29.25
N THR B 205 -48.19 6.35 29.01
CA THR B 205 -48.41 6.81 27.64
C THR B 205 -47.11 6.86 26.84
N LYS B 206 -45.97 6.82 27.52
CA LYS B 206 -44.67 6.82 26.87
C LYS B 206 -43.78 5.79 27.54
N THR B 207 -42.86 5.22 26.76
CA THR B 207 -41.84 4.36 27.30
C THR B 207 -40.82 5.21 28.05
N PRO B 208 -39.98 4.59 28.90
CA PRO B 208 -38.93 5.37 29.57
C PRO B 208 -38.04 6.14 28.60
N ILE B 209 -37.79 5.59 27.41
CA ILE B 209 -36.92 6.24 26.44
C ILE B 209 -37.49 7.58 26.02
N GLN B 210 -38.80 7.63 25.73
CA GLN B 210 -39.41 8.88 25.27
C GLN B 210 -39.26 9.98 26.29
N LYS B 211 -39.53 9.67 27.56
CA LYS B 211 -39.36 10.67 28.61
C LYS B 211 -37.89 11.07 28.77
N HIS B 212 -36.99 10.08 28.73
CA HIS B 212 -35.60 10.36 29.06
C HIS B 212 -34.91 11.19 27.98
N TRP B 213 -35.16 10.89 26.71
CA TRP B 213 -34.41 11.51 25.63
C TRP B 213 -35.21 12.54 24.83
N ARG B 214 -36.53 12.58 24.98
CA ARG B 214 -37.39 13.40 24.14
C ARG B 214 -37.09 13.17 22.66
N PRO B 215 -37.23 11.92 22.19
CA PRO B 215 -36.71 11.58 20.86
C PRO B 215 -37.56 12.14 19.73
N THR B 216 -37.57 13.46 19.57
CA THR B 216 -38.24 14.06 18.43
C THR B 216 -37.36 13.92 17.19
N VAL B 217 -37.93 14.29 16.05
CA VAL B 217 -37.22 14.24 14.77
C VAL B 217 -37.36 15.63 14.14
N LEU B 218 -36.38 16.50 14.40
CA LEU B 218 -36.35 17.78 13.72
C LEU B 218 -35.97 17.59 12.26
N THR B 219 -36.22 18.64 11.47
CA THR B 219 -35.94 18.56 10.04
C THR B 219 -35.32 19.83 9.49
N GLU B 220 -34.90 20.76 10.34
CA GLU B 220 -34.35 22.03 9.90
C GLU B 220 -33.01 22.27 10.56
N GLY B 221 -32.10 22.90 9.83
CA GLY B 221 -30.80 23.23 10.34
C GLY B 221 -30.86 24.30 11.41
N PRO B 222 -29.73 24.54 12.09
CA PRO B 222 -29.72 25.52 13.17
C PRO B 222 -29.95 26.92 12.64
N PRO B 223 -30.50 27.82 13.46
CA PRO B 223 -30.63 29.21 13.04
C PRO B 223 -29.26 29.81 12.72
N VAL B 224 -29.18 30.49 11.59
CA VAL B 224 -27.91 30.96 11.04
C VAL B 224 -28.13 32.30 10.36
N LYS B 225 -27.19 33.22 10.56
CA LYS B 225 -27.21 34.53 9.93
C LYS B 225 -26.31 34.54 8.70
N ILE B 226 -26.81 35.13 7.62
CA ILE B 226 -26.13 35.15 6.33
C ILE B 226 -25.77 36.59 6.00
N ARG B 227 -24.55 36.80 5.50
CA ARG B 227 -24.10 38.14 5.14
C ARG B 227 -24.98 38.69 4.02
N ILE B 228 -25.75 39.72 4.34
CA ILE B 228 -26.57 40.38 3.33
C ILE B 228 -25.72 41.40 2.57
N GLU B 229 -26.26 41.87 1.44
CA GLU B 229 -25.52 42.75 0.56
C GLU B 229 -25.08 44.04 1.24
N THR B 230 -25.77 44.46 2.30
CA THR B 230 -25.33 45.61 3.08
C THR B 230 -24.18 45.28 4.01
N GLY B 231 -23.70 44.05 4.01
CA GLY B 231 -22.60 43.62 4.83
C GLY B 231 -23.01 42.98 6.14
N GLU B 232 -24.23 43.22 6.61
CA GLU B 232 -24.67 42.64 7.86
C GLU B 232 -25.14 41.21 7.64
N TRP B 233 -25.37 40.51 8.74
CA TRP B 233 -25.65 39.07 8.75
C TRP B 233 -27.04 38.87 9.35
N GLU B 234 -28.05 38.81 8.48
CA GLU B 234 -29.43 38.74 8.94
C GLU B 234 -29.74 37.35 9.47
N LYS B 235 -30.30 37.30 10.67
CA LYS B 235 -30.64 36.04 11.32
C LYS B 235 -31.95 35.51 10.74
N GLY B 236 -32.54 34.50 11.40
CA GLY B 236 -33.77 33.92 10.94
C GLY B 236 -33.63 32.93 9.81
N TRP B 237 -32.41 32.61 9.39
CA TRP B 237 -32.15 31.64 8.35
C TRP B 237 -31.58 30.36 8.97
N ASN B 238 -31.81 29.24 8.29
CA ASN B 238 -31.31 27.95 8.74
C ASN B 238 -30.59 27.26 7.60
N VAL B 239 -29.37 26.81 7.86
CA VAL B 239 -28.63 26.05 6.86
C VAL B 239 -29.31 24.71 6.62
N LEU B 240 -29.12 24.18 5.42
CA LEU B 240 -29.69 22.88 5.06
C LEU B 240 -28.61 21.84 4.78
N VAL B 241 -27.65 22.17 3.91
CA VAL B 241 -26.59 21.23 3.53
C VAL B 241 -25.28 22.00 3.47
N TRP B 242 -24.21 21.37 3.98
CA TRP B 242 -22.87 21.96 3.94
C TRP B 242 -22.11 21.30 2.79
N GLY B 243 -22.18 21.92 1.62
CA GLY B 243 -21.47 21.45 0.46
C GLY B 243 -20.02 21.90 0.45
N ARG B 244 -19.47 22.05 -0.75
CA ARG B 244 -18.10 22.51 -0.94
C ARG B 244 -18.10 24.01 -1.18
N GLY B 245 -17.64 24.77 -0.19
CA GLY B 245 -17.64 26.22 -0.26
C GLY B 245 -19.01 26.84 -0.35
N TYR B 246 -20.07 26.06 -0.51
CA TYR B 246 -21.42 26.54 -0.68
C TYR B 246 -22.32 25.78 0.29
N ALA B 247 -23.23 26.50 0.93
CA ALA B 247 -24.18 25.92 1.86
C ALA B 247 -25.57 26.41 1.50
N ALA B 248 -26.44 25.48 1.13
CA ALA B 248 -27.82 25.84 0.80
C ALA B 248 -28.55 26.27 2.06
N VAL B 249 -29.15 27.46 2.01
CA VAL B 249 -29.79 28.05 3.17
C VAL B 249 -31.21 28.47 2.79
N LYS B 250 -32.12 28.35 3.75
CA LYS B 250 -33.52 28.72 3.56
C LYS B 250 -33.88 29.86 4.49
N ASN B 251 -34.96 30.57 4.13
CA ASN B 251 -35.56 31.57 5.00
C ASN B 251 -36.72 30.93 5.73
N ARG B 252 -36.80 31.18 7.03
CA ARG B 252 -37.81 30.53 7.86
C ARG B 252 -39.23 30.93 7.45
N ASP B 253 -39.39 31.99 6.68
CA ASP B 253 -40.70 32.46 6.24
C ASP B 253 -40.99 32.18 4.77
N THR B 254 -40.12 32.60 3.85
CA THR B 254 -40.37 32.41 2.43
C THR B 254 -40.19 30.97 2.00
N ASP B 255 -39.44 30.17 2.78
CA ASP B 255 -39.15 28.77 2.45
C ASP B 255 -38.53 28.65 1.05
N LYS B 256 -37.55 29.50 0.80
CA LYS B 256 -36.77 29.47 -0.44
C LYS B 256 -35.34 29.08 -0.10
N VAL B 257 -34.80 28.11 -0.83
CA VAL B 257 -33.45 27.61 -0.62
C VAL B 257 -32.51 28.32 -1.58
N ILE B 258 -31.39 28.82 -1.05
CA ILE B 258 -30.44 29.61 -1.83
C ILE B 258 -29.03 29.14 -1.50
N TRP B 259 -28.20 28.99 -2.53
CA TRP B 259 -26.80 28.65 -2.34
C TRP B 259 -26.00 29.92 -2.08
N VAL B 260 -25.24 29.93 -0.98
CA VAL B 260 -24.46 31.10 -0.59
C VAL B 260 -23.04 30.64 -0.26
N PRO B 261 -22.03 31.47 -0.53
CA PRO B 261 -20.65 31.05 -0.25
C PRO B 261 -20.43 30.83 1.24
N SER B 262 -19.53 29.88 1.54
CA SER B 262 -19.27 29.51 2.93
C SER B 262 -18.63 30.64 3.74
N ARG B 263 -18.09 31.66 3.08
CA ARG B 263 -17.46 32.76 3.80
C ARG B 263 -18.47 33.74 4.36
N LYS B 264 -19.70 33.75 3.86
CA LYS B 264 -20.69 34.75 4.22
C LYS B 264 -21.70 34.22 5.24
N VAL B 265 -21.44 33.07 5.83
CA VAL B 265 -22.41 32.36 6.65
C VAL B 265 -21.82 32.16 8.06
N LYS B 266 -22.63 32.42 9.08
CA LYS B 266 -22.24 32.26 10.47
C LYS B 266 -23.48 32.00 11.30
N PRO B 267 -23.37 31.21 12.36
CA PRO B 267 -24.57 30.80 13.11
C PRO B 267 -25.23 31.96 13.83
N ASP B 268 -26.47 31.72 14.26
CA ASP B 268 -27.26 32.69 14.99
C ASP B 268 -27.01 32.59 16.50
N ILE B 269 -27.04 33.75 17.15
CA ILE B 269 -26.95 33.85 18.61
C ILE B 269 -25.72 33.13 19.15
N GLY C 54 37.75 -8.01 18.77
CA GLY C 54 37.78 -7.18 19.96
C GLY C 54 36.41 -6.69 20.39
N LEU C 55 36.26 -6.43 21.69
CA LEU C 55 35.00 -5.95 22.24
C LEU C 55 35.14 -4.57 22.87
N GLY C 56 36.15 -4.36 23.71
CA GLY C 56 36.36 -3.09 24.34
C GLY C 56 37.83 -2.79 24.55
N PRO C 57 38.19 -1.51 24.47
CA PRO C 57 39.58 -1.12 24.72
C PRO C 57 39.92 -1.20 26.20
N LEU C 58 41.22 -1.01 26.48
CA LEU C 58 41.74 -1.03 27.84
C LEU C 58 41.51 -2.39 28.53
N GLN C 59 41.45 -3.46 27.73
CA GLN C 59 41.18 -4.80 28.27
C GLN C 59 42.38 -5.73 28.10
N ILE C 60 42.88 -5.89 26.87
CA ILE C 60 43.96 -6.83 26.58
C ILE C 60 45.13 -6.05 25.99
N TRP C 61 46.31 -6.23 26.59
CA TRP C 61 47.53 -5.60 26.13
C TRP C 61 48.56 -6.69 25.83
N GLN C 62 49.26 -6.54 24.71
CA GLN C 62 50.25 -7.52 24.27
C GLN C 62 51.60 -6.83 24.12
N THR C 63 52.53 -7.14 25.01
CA THR C 63 53.86 -6.57 25.00
C THR C 63 54.88 -7.61 24.57
N ASP C 64 55.68 -7.28 23.56
CA ASP C 64 56.81 -8.09 23.14
C ASP C 64 57.97 -7.16 22.80
N PHE C 65 59.15 -7.73 22.61
CA PHE C 65 60.33 -6.97 22.27
C PHE C 65 60.82 -7.37 20.89
N THR C 66 61.41 -6.42 20.17
CA THR C 66 61.91 -6.66 18.82
C THR C 66 63.21 -5.89 18.63
N LEU C 67 63.93 -6.25 17.57
CA LEU C 67 65.20 -5.61 17.24
C LEU C 67 65.09 -4.94 15.89
N GLU C 68 65.45 -3.66 15.85
CA GLU C 68 65.57 -2.91 14.60
C GLU C 68 67.00 -2.39 14.49
N PRO C 69 67.75 -2.74 13.44
CA PRO C 69 69.15 -2.30 13.36
C PRO C 69 69.33 -0.80 13.17
N ARG C 70 68.24 -0.03 13.18
CA ARG C 70 68.35 1.41 12.92
C ARG C 70 69.04 2.14 14.07
N MET C 71 68.63 1.86 15.30
CA MET C 71 69.10 2.59 16.47
C MET C 71 70.20 1.85 17.23
N ALA C 72 70.97 1.01 16.55
CA ALA C 72 72.09 0.32 17.18
C ALA C 72 73.12 1.34 17.67
N PRO C 73 73.88 1.02 18.73
CA PRO C 73 73.97 -0.26 19.44
C PRO C 73 72.84 -0.51 20.43
N ARG C 74 71.98 0.48 20.64
CA ARG C 74 70.80 0.31 21.48
C ARG C 74 69.62 -0.19 20.66
N SER C 75 69.86 -1.25 19.88
CA SER C 75 68.94 -1.68 18.83
C SER C 75 67.70 -2.39 19.35
N TRP C 76 67.64 -2.72 20.64
CA TRP C 76 66.48 -3.41 21.18
C TRP C 76 65.30 -2.45 21.29
N LEU C 77 64.09 -3.01 21.20
CA LEU C 77 62.86 -2.22 21.27
C LEU C 77 61.92 -2.82 22.30
N ALA C 78 60.99 -1.99 22.75
CA ALA C 78 59.95 -2.40 23.68
C ALA C 78 58.62 -1.87 23.17
N VAL C 79 57.69 -2.76 22.87
CA VAL C 79 56.42 -2.41 22.24
C VAL C 79 55.28 -3.17 22.89
N THR C 80 54.16 -2.49 23.09
CA THR C 80 52.93 -3.08 23.59
C THR C 80 51.82 -2.84 22.58
N VAL C 81 50.98 -3.86 22.36
CA VAL C 81 49.90 -3.81 21.38
C VAL C 81 48.59 -4.13 22.07
N ASP C 82 47.56 -3.34 21.79
CA ASP C 82 46.22 -3.58 22.30
C ASP C 82 45.41 -4.29 21.23
N THR C 83 44.86 -5.45 21.58
CA THR C 83 44.15 -6.28 20.60
C THR C 83 42.87 -5.60 20.12
N ALA C 84 42.13 -4.98 21.03
CA ALA C 84 40.81 -4.45 20.71
C ALA C 84 40.84 -3.00 20.21
N SER C 85 42.00 -2.35 20.19
CA SER C 85 42.10 -0.98 19.73
C SER C 85 43.25 -0.72 18.78
N SER C 86 44.20 -1.64 18.65
CA SER C 86 45.39 -1.52 17.81
C SER C 86 46.29 -0.35 18.22
N ALA C 87 46.00 0.29 19.35
CA ALA C 87 46.87 1.36 19.84
C ALA C 87 48.20 0.77 20.28
N ILE C 88 49.28 1.49 19.98
CA ILE C 88 50.64 0.98 20.15
C ILE C 88 51.46 2.00 20.93
N VAL C 89 52.26 1.50 21.87
CA VAL C 89 53.26 2.28 22.57
C VAL C 89 54.61 1.59 22.40
N VAL C 90 55.63 2.38 22.05
CA VAL C 90 57.00 1.91 21.89
C VAL C 90 57.91 2.87 22.65
N THR C 91 58.70 2.35 23.58
CA THR C 91 59.69 3.12 24.30
C THR C 91 61.07 2.54 24.00
N GLN C 92 61.99 3.41 23.58
CA GLN C 92 63.33 2.94 23.25
C GLN C 92 64.01 2.38 24.49
N HIS C 93 64.58 1.19 24.36
CA HIS C 93 65.28 0.53 25.45
C HIS C 93 66.37 -0.34 24.85
N GLY C 94 67.62 0.08 25.01
CA GLY C 94 68.72 -0.58 24.35
C GLY C 94 69.30 -1.77 25.09
N ARG C 95 68.56 -2.26 26.08
CA ARG C 95 69.00 -3.43 26.84
C ARG C 95 67.77 -4.08 27.45
N VAL C 96 67.51 -5.33 27.09
CA VAL C 96 66.36 -6.05 27.63
C VAL C 96 66.62 -6.37 29.10
N THR C 97 65.95 -5.65 29.99
CA THR C 97 66.14 -5.78 31.43
C THR C 97 64.80 -5.57 32.13
N SER C 98 64.80 -5.82 33.44
CA SER C 98 63.61 -5.57 34.25
C SER C 98 63.27 -4.08 34.29
N VAL C 99 64.30 -3.22 34.39
CA VAL C 99 64.07 -1.78 34.39
C VAL C 99 63.50 -1.34 33.05
N ALA C 100 64.07 -1.84 31.95
CA ALA C 100 63.62 -1.43 30.62
C ALA C 100 62.18 -1.85 30.37
N VAL C 101 61.83 -3.10 30.70
CA VAL C 101 60.46 -3.57 30.47
C VAL C 101 59.48 -2.86 31.39
N GLN C 102 59.90 -2.57 32.63
CA GLN C 102 59.04 -1.82 33.55
C GLN C 102 58.81 -0.39 33.05
N HIS C 103 59.88 0.26 32.57
CA HIS C 103 59.75 1.64 32.10
C HIS C 103 58.83 1.73 30.90
N HIS C 104 58.95 0.80 29.95
CA HIS C 104 58.08 0.84 28.78
C HIS C 104 56.65 0.41 29.12
N TRP C 105 56.51 -0.61 29.97
CA TRP C 105 55.18 -1.05 30.39
C TRP C 105 54.38 0.10 30.96
N ALA C 106 54.96 0.82 31.90
CA ALA C 106 54.27 1.96 32.50
C ALA C 106 54.09 3.09 31.50
N THR C 107 55.10 3.35 30.67
CA THR C 107 54.94 4.35 29.62
C THR C 107 53.86 3.95 28.64
N ALA C 108 53.67 2.64 28.44
CA ALA C 108 52.53 2.18 27.66
C ALA C 108 51.21 2.55 28.34
N ILE C 109 51.14 2.38 29.66
CA ILE C 109 49.95 2.79 30.39
C ILE C 109 49.81 4.30 30.34
N ALA C 110 50.92 5.01 30.42
CA ALA C 110 50.89 6.48 30.38
C ALA C 110 50.31 6.98 29.06
N VAL C 111 50.73 6.39 27.95
CA VAL C 111 50.27 6.84 26.64
C VAL C 111 48.77 6.60 26.49
N LEU C 112 48.28 5.44 26.94
CA LEU C 112 46.93 5.00 26.63
C LEU C 112 46.01 5.01 27.84
N GLY C 113 46.36 4.30 28.90
CA GLY C 113 45.52 4.24 30.08
C GLY C 113 45.65 2.92 30.79
N ARG C 114 44.95 2.83 31.92
CA ARG C 114 45.07 1.65 32.78
C ARG C 114 44.40 0.44 32.13
N PRO C 115 45.13 -0.67 31.97
CA PRO C 115 44.52 -1.88 31.41
C PRO C 115 43.94 -2.77 32.49
N LYS C 116 43.45 -3.94 32.10
CA LYS C 116 43.05 -4.98 33.04
C LYS C 116 43.93 -6.23 32.95
N ALA C 117 44.70 -6.39 31.88
CA ALA C 117 45.59 -7.53 31.73
C ALA C 117 46.64 -7.20 30.69
N ILE C 118 47.75 -7.96 30.73
CA ILE C 118 48.82 -7.85 29.76
C ILE C 118 49.26 -9.27 29.39
N LYS C 119 49.33 -9.55 28.08
CA LYS C 119 49.73 -10.85 27.58
C LYS C 119 51.14 -10.75 27.00
N THR C 120 52.04 -11.59 27.50
CA THR C 120 53.43 -11.60 27.06
C THR C 120 53.86 -13.06 26.95
N ASP C 121 55.16 -13.29 26.86
CA ASP C 121 55.73 -14.63 26.75
C ASP C 121 56.47 -14.97 28.04
N ASN C 122 57.17 -16.11 28.02
CA ASN C 122 57.88 -16.62 29.17
C ASN C 122 59.30 -16.07 29.29
N GLY C 123 59.57 -14.89 28.72
CA GLY C 123 60.87 -14.27 28.85
C GLY C 123 61.26 -14.02 30.29
N SER C 124 62.51 -14.37 30.64
CA SER C 124 62.96 -14.24 32.03
C SER C 124 62.91 -12.81 32.52
N CYS C 125 62.91 -11.83 31.62
CA CYS C 125 62.77 -10.43 32.00
C CYS C 125 61.31 -10.01 32.14
N PHE C 126 60.37 -10.93 31.94
CA PHE C 126 58.95 -10.60 31.98
C PHE C 126 58.22 -11.19 33.18
N THR C 127 58.74 -12.26 33.78
CA THR C 127 58.15 -12.86 34.97
C THR C 127 59.09 -12.71 36.18
N SER C 128 60.06 -11.82 36.10
CA SER C 128 60.97 -11.58 37.21
C SER C 128 60.19 -10.98 38.39
N LYS C 129 60.79 -11.09 39.58
CA LYS C 129 60.13 -10.62 40.78
C LYS C 129 59.79 -9.14 40.70
N SER C 130 60.69 -8.35 40.10
CA SER C 130 60.41 -6.93 39.93
C SER C 130 59.20 -6.70 39.04
N THR C 131 59.12 -7.44 37.92
CA THR C 131 57.97 -7.31 37.03
C THR C 131 56.69 -7.81 37.70
N ARG C 132 56.78 -8.92 38.45
CA ARG C 132 55.60 -9.43 39.14
C ARG C 132 55.09 -8.42 40.16
N GLU C 133 55.99 -7.78 40.90
CA GLU C 133 55.56 -6.77 41.88
C GLU C 133 55.04 -5.51 41.18
N TRP C 134 55.62 -5.13 40.05
CA TRP C 134 55.10 -4.01 39.28
C TRP C 134 53.65 -4.28 38.86
N LEU C 135 53.39 -5.48 38.34
CA LEU C 135 52.02 -5.83 37.95
C LEU C 135 51.11 -5.91 39.17
N ALA C 136 51.61 -6.45 40.29
CA ALA C 136 50.78 -6.59 41.49
C ALA C 136 50.35 -5.23 42.02
N ARG C 137 51.30 -4.31 42.18
CA ARG C 137 50.95 -2.95 42.58
C ARG C 137 50.18 -2.22 41.48
N TRP C 138 50.22 -2.73 40.26
CA TRP C 138 49.37 -2.20 39.20
C TRP C 138 47.99 -2.86 39.16
N GLY C 139 47.83 -4.02 39.77
CA GLY C 139 46.55 -4.69 39.81
C GLY C 139 46.05 -5.17 38.47
N ILE C 140 46.95 -5.66 37.61
CA ILE C 140 46.56 -6.21 36.31
C ILE C 140 47.05 -7.64 36.20
N ALA C 141 46.65 -8.33 35.14
CA ALA C 141 46.96 -9.74 34.97
C ALA C 141 48.10 -9.93 33.98
N HIS C 142 48.81 -11.05 34.13
CA HIS C 142 49.95 -11.38 33.29
C HIS C 142 49.82 -12.83 32.82
N THR C 143 49.92 -13.04 31.51
CA THR C 143 49.81 -14.38 30.92
C THR C 143 51.02 -14.63 30.03
N THR C 144 51.57 -15.83 30.11
CA THR C 144 52.77 -16.19 29.37
C THR C 144 52.41 -16.73 27.98
N GLY C 145 53.44 -17.02 27.20
CA GLY C 145 53.25 -17.53 25.85
C GLY C 145 54.58 -17.94 25.27
N ILE C 146 54.54 -18.43 24.03
CA ILE C 146 55.74 -18.93 23.37
C ILE C 146 56.63 -17.77 22.94
N PRO C 147 56.14 -16.77 22.17
CA PRO C 147 54.83 -16.52 21.56
C PRO C 147 54.75 -17.04 20.13
N GLY C 148 53.64 -16.79 19.44
CA GLY C 148 53.47 -17.26 18.08
C GLY C 148 52.14 -17.91 17.79
N ASN C 149 51.18 -17.77 18.71
CA ASN C 149 49.85 -18.31 18.47
C ASN C 149 49.15 -17.50 17.37
N SER C 150 48.05 -18.06 16.86
CA SER C 150 47.36 -17.45 15.73
C SER C 150 46.48 -16.28 16.17
N GLN C 151 45.47 -16.55 17.00
CA GLN C 151 44.56 -15.49 17.43
C GLN C 151 45.26 -14.45 18.28
N GLY C 152 46.09 -14.89 19.22
CA GLY C 152 46.83 -13.96 20.06
C GLY C 152 48.33 -14.10 19.87
N GLN C 153 49.08 -13.12 20.35
CA GLN C 153 50.54 -13.09 20.27
C GLN C 153 51.05 -13.12 18.83
N ALA C 154 50.21 -12.70 17.88
CA ALA C 154 50.61 -12.58 16.48
C ALA C 154 50.28 -11.17 15.98
N MET C 155 49.19 -10.60 16.51
CA MET C 155 48.90 -9.20 16.22
C MET C 155 50.02 -8.30 16.73
N VAL C 156 50.67 -8.69 17.83
CA VAL C 156 51.82 -7.94 18.31
C VAL C 156 52.95 -7.95 17.29
N GLU C 157 53.21 -9.12 16.68
CA GLU C 157 54.26 -9.21 15.68
C GLU C 157 53.91 -8.40 14.43
N ARG C 158 52.65 -8.48 13.99
CA ARG C 158 52.24 -7.70 12.82
C ARG C 158 52.31 -6.20 13.10
N ALA C 159 51.92 -5.79 14.31
CA ALA C 159 52.05 -4.38 14.69
C ALA C 159 53.50 -3.95 14.72
N ASN C 160 54.39 -4.81 15.19
CA ASN C 160 55.82 -4.52 15.13
C ASN C 160 56.27 -4.34 13.69
N ARG C 161 55.78 -5.21 12.80
CA ARG C 161 56.13 -5.10 11.38
C ARG C 161 55.68 -3.76 10.80
N LEU C 162 54.46 -3.33 11.14
CA LEU C 162 53.96 -2.06 10.61
C LEU C 162 54.69 -0.87 11.23
N LEU C 163 54.98 -0.93 12.53
CA LEU C 163 55.74 0.12 13.19
C LEU C 163 57.10 0.30 12.53
N LYS C 164 57.82 -0.81 12.34
CA LYS C 164 59.09 -0.69 11.65
C LYS C 164 58.89 -0.25 10.21
N ASP C 165 57.83 -0.67 9.53
CA ASP C 165 57.56 -0.15 8.19
C ASP C 165 57.57 1.36 8.20
N LYS C 166 56.89 1.95 9.18
CA LYS C 166 56.86 3.40 9.29
C LYS C 166 58.25 3.97 9.60
N ILE C 167 59.02 3.30 10.48
CA ILE C 167 60.33 3.85 10.82
C ILE C 167 61.27 3.83 9.61
N ARG C 168 61.24 2.74 8.82
CA ARG C 168 62.05 2.70 7.59
C ARG C 168 61.62 3.78 6.59
N VAL C 169 60.31 3.91 6.35
CA VAL C 169 59.91 4.87 5.33
C VAL C 169 60.24 6.30 5.77
N LEU C 170 60.06 6.59 7.06
CA LEU C 170 60.41 7.91 7.58
C LEU C 170 61.91 8.16 7.53
N ALA C 171 62.71 7.16 7.89
CA ALA C 171 64.17 7.31 7.87
C ALA C 171 64.68 7.53 6.45
N GLU C 172 64.15 6.77 5.49
CA GLU C 172 64.60 6.95 4.11
C GLU C 172 64.07 8.25 3.51
N GLY C 173 62.93 8.75 4.01
CA GLY C 173 62.48 10.08 3.62
C GLY C 173 63.42 11.16 4.14
N ASP C 174 63.89 11.02 5.38
CA ASP C 174 64.83 11.99 5.92
C ASP C 174 66.22 11.85 5.30
N GLY C 175 66.65 10.62 4.99
CA GLY C 175 67.93 10.43 4.34
C GLY C 175 68.89 9.50 5.06
N PHE C 176 68.36 8.61 5.89
CA PHE C 176 69.16 7.63 6.63
C PHE C 176 68.75 6.24 6.18
N MET C 177 69.73 5.39 5.88
CA MET C 177 69.46 4.06 5.35
C MET C 177 69.42 2.99 6.45
N LYS C 178 70.52 2.81 7.18
CA LYS C 178 70.53 1.82 8.25
C LYS C 178 70.98 2.38 9.58
N ARG C 179 71.95 3.28 9.60
CA ARG C 179 72.44 3.88 10.83
C ARG C 179 71.95 5.32 10.93
N ILE C 180 71.47 5.69 12.12
CA ILE C 180 70.90 7.01 12.34
C ILE C 180 71.67 7.69 13.46
N PRO C 181 71.76 9.02 13.46
CA PRO C 181 72.52 9.71 14.51
C PRO C 181 71.90 9.51 15.88
N THR C 182 72.74 9.70 16.91
CA THR C 182 72.28 9.57 18.29
C THR C 182 71.16 10.54 18.62
N SER C 183 71.05 11.64 17.87
CA SER C 183 69.97 12.60 18.04
C SER C 183 68.81 12.34 17.08
N LYS C 184 68.66 11.10 16.60
CA LYS C 184 67.64 10.78 15.61
C LYS C 184 66.83 9.52 15.92
N GLN C 185 67.29 8.65 16.81
CA GLN C 185 66.55 7.41 17.07
C GLN C 185 65.19 7.70 17.71
N GLY C 186 65.18 8.50 18.78
CA GLY C 186 63.93 8.87 19.40
C GLY C 186 63.04 9.66 18.46
N GLU C 187 63.63 10.56 17.68
CA GLU C 187 62.87 11.32 16.69
C GLU C 187 62.17 10.39 15.71
N LEU C 188 62.90 9.43 15.16
CA LEU C 188 62.33 8.52 14.17
C LEU C 188 61.23 7.66 14.77
N LEU C 189 61.48 7.10 15.96
CA LEU C 189 60.46 6.25 16.56
C LEU C 189 59.21 7.04 16.89
N ALA C 190 59.36 8.24 17.44
CA ALA C 190 58.20 9.05 17.81
C ALA C 190 57.43 9.53 16.58
N LYS C 191 58.15 9.90 15.51
CA LYS C 191 57.50 10.25 14.25
C LYS C 191 56.71 9.06 13.73
N ALA C 192 57.26 7.85 13.85
CA ALA C 192 56.53 6.65 13.44
C ALA C 192 55.27 6.46 14.28
N MET C 193 55.35 6.70 15.59
CA MET C 193 54.16 6.63 16.42
C MET C 193 53.09 7.58 15.91
N TYR C 194 53.47 8.82 15.60
CA TYR C 194 52.49 9.78 15.12
C TYR C 194 51.88 9.33 13.80
N ALA C 195 52.73 8.86 12.87
CA ALA C 195 52.23 8.46 11.56
C ALA C 195 51.28 7.27 11.66
N LEU C 196 51.62 6.29 12.50
CA LEU C 196 50.81 5.08 12.60
C LEU C 196 49.55 5.27 13.44
N ASN C 197 49.61 6.09 14.49
CA ASN C 197 48.53 6.12 15.47
C ASN C 197 47.32 6.91 14.97
N HIS C 198 47.50 8.20 14.71
CA HIS C 198 46.38 9.09 14.43
C HIS C 198 46.09 9.27 12.94
N PHE C 199 46.82 8.58 12.08
CA PHE C 199 46.49 8.51 10.66
C PHE C 199 45.95 7.12 10.38
N GLU C 200 44.74 7.06 9.81
CA GLU C 200 44.08 5.78 9.60
C GLU C 200 44.90 4.89 8.66
N ARG C 201 45.09 3.65 9.07
CA ARG C 201 45.82 2.65 8.29
C ARG C 201 44.90 1.48 8.02
N GLY C 202 44.81 1.08 6.76
CA GLY C 202 43.92 0.00 6.37
C GLY C 202 42.76 0.48 5.53
N GLU C 203 41.56 0.01 5.83
CA GLU C 203 40.36 0.41 5.09
C GLU C 203 39.21 0.70 6.05
N ASN C 204 39.51 1.39 7.15
CA ASN C 204 38.50 1.77 8.13
C ASN C 204 38.14 3.25 7.99
N THR C 205 37.05 3.63 8.65
CA THR C 205 36.61 5.02 8.67
C THR C 205 37.11 5.79 9.88
N LYS C 206 37.50 5.10 10.95
CA LYS C 206 38.00 5.73 12.16
C LYS C 206 39.45 5.34 12.38
N THR C 207 40.25 6.31 12.81
CA THR C 207 41.66 6.09 13.05
C THR C 207 41.84 5.16 14.27
N PRO C 208 42.98 4.48 14.37
CA PRO C 208 43.20 3.58 15.51
C PRO C 208 42.99 4.24 16.88
N ILE C 209 43.38 5.50 17.03
CA ILE C 209 43.13 6.19 18.28
C ILE C 209 41.63 6.39 18.49
N GLN C 210 40.89 6.63 17.41
CA GLN C 210 39.43 6.62 17.50
C GLN C 210 38.90 5.22 17.73
N LYS C 211 39.63 4.18 17.29
CA LYS C 211 39.30 2.81 17.64
C LYS C 211 39.64 2.48 19.09
N HIS C 212 40.34 3.37 19.79
CA HIS C 212 40.56 3.24 21.22
C HIS C 212 39.29 3.64 21.96
N TRP C 213 39.40 3.90 23.27
CA TRP C 213 38.25 4.01 24.17
C TRP C 213 37.06 4.70 23.52
N ARG C 214 35.92 4.01 23.49
CA ARG C 214 34.73 4.41 22.74
C ARG C 214 35.06 4.85 21.32
N GLY C 221 21.11 8.31 22.95
CA GLY C 221 20.31 9.26 22.20
C GLY C 221 18.86 9.29 22.65
N PRO C 222 18.07 10.21 22.07
CA PRO C 222 16.66 10.27 22.43
C PRO C 222 15.94 9.01 21.99
N PRO C 223 14.90 8.61 22.72
CA PRO C 223 14.20 7.36 22.38
C PRO C 223 13.19 7.56 21.26
N VAL C 224 13.19 6.61 20.32
CA VAL C 224 12.31 6.65 19.16
C VAL C 224 11.63 5.30 18.99
N LYS C 225 10.54 5.29 18.23
CA LYS C 225 9.81 4.09 17.88
C LYS C 225 10.00 3.82 16.39
N ILE C 226 10.37 2.59 16.04
CA ILE C 226 10.65 2.25 14.66
C ILE C 226 9.61 1.25 14.18
N ARG C 227 9.31 1.33 12.89
CA ARG C 227 8.52 0.30 12.25
C ARG C 227 9.42 -0.87 11.88
N ILE C 228 8.83 -2.06 11.79
CA ILE C 228 9.50 -3.26 11.34
C ILE C 228 8.70 -3.85 10.19
N GLU C 229 9.14 -5.02 9.71
CA GLU C 229 8.47 -5.65 8.58
C GLU C 229 7.00 -5.94 8.87
N THR C 230 6.65 -6.11 10.15
CA THR C 230 5.27 -6.39 10.50
C THR C 230 4.38 -5.16 10.33
N GLY C 231 4.94 -3.96 10.48
CA GLY C 231 4.17 -2.74 10.47
C GLY C 231 3.94 -2.15 11.84
N GLU C 232 4.28 -2.86 12.91
CA GLU C 232 4.17 -2.35 14.26
C GLU C 232 5.16 -1.23 14.48
N TRP C 233 5.15 -0.68 15.70
CA TRP C 233 6.05 0.40 16.08
C TRP C 233 6.54 0.13 17.50
N GLU C 234 7.72 -0.47 17.62
CA GLU C 234 8.25 -0.90 18.89
C GLU C 234 9.09 0.20 19.52
N LYS C 235 9.25 0.12 20.83
CA LYS C 235 10.06 1.05 21.60
C LYS C 235 11.40 0.40 21.93
N GLY C 236 12.19 1.08 22.77
CA GLY C 236 13.48 0.55 23.17
C GLY C 236 14.55 0.81 22.15
N TRP C 237 14.65 2.06 21.67
CA TRP C 237 15.60 2.42 20.64
C TRP C 237 16.11 3.83 20.89
N ASN C 238 17.31 4.10 20.39
CA ASN C 238 17.92 5.41 20.48
C ASN C 238 18.74 5.69 19.23
N VAL C 239 18.80 6.96 18.85
CA VAL C 239 19.48 7.39 17.64
C VAL C 239 20.89 7.83 18.00
N LEU C 240 21.88 7.34 17.25
CA LEU C 240 23.27 7.74 17.44
C LEU C 240 23.65 8.85 16.46
N VAL C 241 23.55 8.55 15.17
CA VAL C 241 23.88 9.50 14.12
C VAL C 241 22.60 9.85 13.37
N TRP C 242 22.42 11.14 13.09
CA TRP C 242 21.25 11.63 12.38
C TRP C 242 21.71 12.13 11.01
N GLY C 243 21.50 11.30 10.00
CA GLY C 243 21.79 11.68 8.63
C GLY C 243 20.71 12.60 8.10
N ARG C 244 20.91 13.01 6.86
CA ARG C 244 19.95 13.88 6.22
C ARG C 244 18.72 13.14 5.68
N GLY C 245 18.84 11.83 5.46
CA GLY C 245 17.70 11.01 5.10
C GLY C 245 17.77 9.63 5.71
N TYR C 246 18.74 9.42 6.60
CA TYR C 246 19.03 8.10 7.15
C TYR C 246 19.34 8.23 8.64
N ALA C 247 19.39 7.09 9.32
CA ALA C 247 19.67 7.09 10.74
C ALA C 247 20.15 5.71 11.17
N ALA C 248 21.17 5.70 12.03
CA ALA C 248 21.58 4.49 12.72
C ALA C 248 20.93 4.47 14.09
N VAL C 249 20.29 3.36 14.42
CA VAL C 249 19.52 3.23 15.66
C VAL C 249 20.13 2.12 16.50
N LYS C 250 20.20 2.33 17.81
CA LYS C 250 20.71 1.34 18.74
C LYS C 250 19.59 0.86 19.65
N ASN C 251 19.59 -0.45 19.92
CA ASN C 251 18.62 -1.02 20.83
C ASN C 251 18.85 -0.52 22.24
N ARG C 252 17.77 -0.46 23.02
CA ARG C 252 17.88 -0.04 24.40
C ARG C 252 18.61 -1.06 25.26
N ASP C 253 18.31 -2.34 25.05
CA ASP C 253 18.88 -3.41 25.87
C ASP C 253 20.04 -4.11 25.16
N THR C 254 19.81 -4.63 23.95
CA THR C 254 20.88 -5.30 23.22
C THR C 254 21.99 -4.33 22.87
N ASP C 255 21.68 -3.05 22.76
CA ASP C 255 22.66 -2.00 22.45
C ASP C 255 23.38 -2.29 21.14
N LYS C 256 22.67 -2.88 20.18
CA LYS C 256 23.19 -3.12 18.85
C LYS C 256 22.67 -2.04 17.91
N VAL C 257 23.53 -1.60 16.99
CA VAL C 257 23.24 -0.48 16.12
C VAL C 257 22.96 -1.00 14.71
N ILE C 258 21.84 -0.57 14.14
CA ILE C 258 21.52 -0.82 12.75
C ILE C 258 21.03 0.49 12.14
N TRP C 259 21.19 0.60 10.83
CA TRP C 259 20.68 1.77 10.10
C TRP C 259 19.27 1.50 9.62
N VAL C 260 18.56 2.59 9.32
CA VAL C 260 17.14 2.50 8.98
C VAL C 260 16.76 3.76 8.21
N PRO C 261 15.85 3.67 7.23
CA PRO C 261 15.38 4.90 6.56
C PRO C 261 14.75 5.86 7.55
N SER C 262 14.99 7.15 7.33
CA SER C 262 14.42 8.17 8.21
C SER C 262 12.90 8.19 8.15
N ARG C 263 12.30 7.63 7.11
CA ARG C 263 10.85 7.61 6.97
C ARG C 263 10.20 6.44 7.68
N LYS C 264 10.98 5.59 8.36
CA LYS C 264 10.44 4.43 9.05
C LYS C 264 10.59 4.54 10.57
N VAL C 265 10.79 5.75 11.09
CA VAL C 265 10.95 5.96 12.52
C VAL C 265 10.06 7.13 12.94
N LYS C 266 9.42 6.97 14.09
CA LYS C 266 8.73 8.09 14.74
C LYS C 266 9.11 8.11 16.20
N PRO C 267 9.18 9.28 16.81
CA PRO C 267 9.71 9.39 18.17
C PRO C 267 8.82 8.73 19.22
N ASP C 268 9.26 8.80 20.48
CA ASP C 268 8.54 8.21 21.59
C ASP C 268 8.05 9.30 22.53
N ILE C 269 6.84 9.12 23.05
CA ILE C 269 6.23 10.05 24.00
C ILE C 269 6.16 11.46 23.42
N PRO D 52 38.27 31.88 27.27
CA PRO D 52 38.64 31.65 25.88
C PRO D 52 39.02 30.20 25.60
N ARG D 53 38.03 29.31 25.57
CA ARG D 53 38.26 27.89 25.32
C ARG D 53 37.38 27.33 24.22
N GLY D 54 36.68 28.19 23.47
CA GLY D 54 35.81 27.73 22.41
C GLY D 54 36.49 27.67 21.05
N LEU D 55 37.75 27.26 21.04
CA LEU D 55 38.52 27.16 19.80
C LEU D 55 38.35 25.80 19.14
N GLY D 56 38.52 24.72 19.90
CA GLY D 56 38.40 23.39 19.38
C GLY D 56 39.55 22.50 19.80
N PRO D 57 39.25 21.25 20.12
CA PRO D 57 40.31 20.31 20.51
C PRO D 57 41.19 19.93 19.33
N LEU D 58 42.41 19.50 19.67
CA LEU D 58 43.41 19.11 18.68
C LEU D 58 43.70 20.25 17.69
N GLN D 59 43.68 21.48 18.20
CA GLN D 59 43.94 22.66 17.38
C GLN D 59 45.21 23.38 17.81
N ILE D 60 45.33 23.76 19.07
CA ILE D 60 46.46 24.54 19.55
C ILE D 60 47.04 23.85 20.79
N TRP D 61 48.36 23.73 20.83
CA TRP D 61 49.07 23.11 21.94
C TRP D 61 50.08 24.07 22.52
N GLN D 62 50.26 24.02 23.84
CA GLN D 62 51.21 24.88 24.55
C GLN D 62 52.23 24.01 25.25
N THR D 63 53.52 24.35 25.05
CA THR D 63 54.62 23.56 25.58
C THR D 63 55.57 24.44 26.38
N ASP D 64 56.13 23.87 27.44
CA ASP D 64 57.14 24.55 28.24
C ASP D 64 57.87 23.52 29.09
N PHE D 65 58.99 23.95 29.67
CA PHE D 65 59.82 23.11 30.52
C PHE D 65 59.67 23.55 31.97
N THR D 66 59.44 22.58 32.85
CA THR D 66 59.46 22.81 34.29
C THR D 66 60.37 21.77 34.93
N LEU D 67 61.11 22.20 35.96
CA LEU D 67 62.11 21.36 36.62
C LEU D 67 61.55 20.90 37.96
N GLU D 68 61.02 19.68 37.99
CA GLU D 68 60.42 19.14 39.20
C GLU D 68 61.50 18.55 40.10
N PRO D 69 61.39 18.74 41.42
CA PRO D 69 62.45 18.31 42.33
C PRO D 69 62.49 16.82 42.62
N ARG D 70 61.62 16.02 42.00
CA ARG D 70 61.56 14.59 42.25
C ARG D 70 62.15 13.75 41.13
N MET D 71 62.27 14.29 39.92
CA MET D 71 62.75 13.53 38.78
C MET D 71 64.26 13.36 38.77
N ALA D 72 64.98 13.96 39.71
CA ALA D 72 66.42 13.85 39.74
C ALA D 72 66.84 12.38 39.86
N PRO D 73 67.95 11.97 39.22
CA PRO D 73 68.88 12.85 38.49
C PRO D 73 68.43 13.18 37.06
N ARG D 74 67.33 12.58 36.62
CA ARG D 74 66.73 12.93 35.33
C ARG D 74 65.72 14.06 35.51
N SER D 75 66.24 15.18 36.04
CA SER D 75 65.37 16.25 36.55
C SER D 75 64.54 16.89 35.45
N TRP D 76 65.12 17.07 34.26
CA TRP D 76 64.47 17.85 33.22
C TRP D 76 63.15 17.20 32.77
N LEU D 77 62.22 18.04 32.33
CA LEU D 77 60.90 17.57 31.94
C LEU D 77 60.30 18.55 30.95
N ALA D 78 59.80 18.03 29.83
CA ALA D 78 59.10 18.81 28.83
C ALA D 78 57.60 18.53 28.96
N VAL D 79 56.80 19.60 29.00
CA VAL D 79 55.36 19.50 29.22
C VAL D 79 54.64 20.12 28.03
N THR D 80 53.60 19.45 27.55
CA THR D 80 52.72 19.98 26.52
C THR D 80 51.27 19.85 26.97
N VAL D 81 50.49 20.90 26.71
CA VAL D 81 49.09 20.95 27.10
C VAL D 81 48.26 21.44 25.92
N ASP D 82 46.96 21.13 25.98
CA ASP D 82 46.00 21.56 24.98
C ASP D 82 45.01 22.51 25.64
N THR D 83 44.73 23.62 24.96
CA THR D 83 43.86 24.64 25.53
C THR D 83 42.42 24.15 25.67
N ALA D 84 41.89 23.48 24.65
CA ALA D 84 40.49 23.09 24.64
C ALA D 84 40.27 21.70 25.23
N SER D 85 41.04 20.70 24.79
CA SER D 85 40.82 19.33 25.25
C SER D 85 41.30 19.11 26.68
N SER D 86 42.13 20.00 27.21
CA SER D 86 42.68 19.88 28.57
C SER D 86 43.40 18.55 28.75
N ALA D 87 44.07 18.09 27.69
CA ALA D 87 44.80 16.83 27.70
C ALA D 87 46.30 17.13 27.76
N ILE D 88 46.98 16.46 28.69
CA ILE D 88 48.41 16.69 28.94
C ILE D 88 49.14 15.37 28.78
N VAL D 89 50.28 15.41 28.08
CA VAL D 89 51.15 14.26 27.93
C VAL D 89 52.59 14.71 28.11
N VAL D 90 53.38 13.89 28.82
CA VAL D 90 54.77 14.18 29.14
C VAL D 90 55.58 12.90 28.98
N THR D 91 56.90 13.04 29.03
CA THR D 91 57.79 11.91 28.83
C THR D 91 58.86 11.83 29.93
N GLN D 92 59.19 12.97 30.54
CA GLN D 92 60.16 13.04 31.63
C GLN D 92 61.54 12.56 31.19
N HIS D 93 62.16 13.32 30.31
CA HIS D 93 63.48 12.97 29.79
C HIS D 93 64.55 13.22 30.84
N GLY D 94 65.80 12.94 30.46
CA GLY D 94 66.93 13.24 31.31
C GLY D 94 67.81 14.34 30.73
N ARG D 95 67.27 15.09 29.76
CA ARG D 95 68.04 16.16 29.13
C ARG D 95 67.08 17.13 28.46
N VAL D 96 67.52 18.37 28.31
CA VAL D 96 66.78 19.41 27.61
C VAL D 96 67.57 19.82 26.37
N THR D 97 66.93 19.75 25.21
CA THR D 97 67.49 20.14 23.92
C THR D 97 66.38 19.99 22.89
N SER D 98 66.66 20.45 21.67
CA SER D 98 65.69 20.34 20.58
C SER D 98 65.37 18.88 20.28
N VAL D 99 66.37 17.99 20.39
CA VAL D 99 66.13 16.57 20.21
C VAL D 99 65.19 16.04 21.27
N ALA D 100 65.40 16.44 22.52
CA ALA D 100 64.47 16.08 23.57
C ALA D 100 63.13 16.78 23.41
N VAL D 101 63.14 17.99 22.84
CA VAL D 101 61.90 18.73 22.62
C VAL D 101 61.00 18.00 21.62
N GLN D 102 61.57 17.66 20.46
CA GLN D 102 60.77 17.03 19.42
C GLN D 102 60.46 15.57 19.72
N HIS D 103 61.31 14.90 20.50
CA HIS D 103 60.95 13.57 20.97
C HIS D 103 59.75 13.66 21.89
N HIS D 104 59.70 14.68 22.75
CA HIS D 104 58.49 14.95 23.51
C HIS D 104 57.34 15.34 22.60
N TRP D 105 57.59 16.20 21.61
CA TRP D 105 56.54 16.69 20.73
C TRP D 105 55.94 15.57 19.89
N ALA D 106 56.79 14.71 19.33
CA ALA D 106 56.30 13.71 18.38
C ALA D 106 55.61 12.54 19.07
N THR D 107 55.96 12.25 20.34
CA THR D 107 55.13 11.33 21.11
C THR D 107 53.85 11.99 21.57
N ALA D 108 53.88 13.30 21.83
CA ALA D 108 52.69 14.01 22.28
C ALA D 108 51.59 13.95 21.22
N ILE D 109 51.96 14.19 19.97
CA ILE D 109 50.99 14.19 18.88
C ILE D 109 50.46 12.79 18.60
N ALA D 110 51.29 11.76 18.80
CA ALA D 110 50.80 10.39 18.67
C ALA D 110 49.77 10.06 19.74
N VAL D 111 49.99 10.53 20.96
CA VAL D 111 49.10 10.19 22.07
C VAL D 111 47.74 10.85 21.90
N LEU D 112 47.72 12.14 21.56
CA LEU D 112 46.50 12.93 21.62
C LEU D 112 45.86 13.15 20.25
N GLY D 113 46.61 13.66 19.28
CA GLY D 113 46.04 13.87 17.96
C GLY D 113 46.93 14.77 17.11
N ARG D 114 46.32 15.35 16.08
CA ARG D 114 47.04 16.16 15.11
C ARG D 114 46.64 17.63 15.26
N PRO D 115 47.43 18.43 15.98
CA PRO D 115 47.12 19.86 16.08
C PRO D 115 47.35 20.59 14.77
N LYS D 116 46.55 21.64 14.57
CA LYS D 116 46.75 22.53 13.44
C LYS D 116 47.74 23.66 13.76
N ALA D 117 48.19 23.75 15.00
CA ALA D 117 49.16 24.75 15.42
C ALA D 117 49.70 24.36 16.79
N ILE D 118 51.01 24.49 16.98
CA ILE D 118 51.66 24.23 18.26
C ILE D 118 52.45 25.49 18.63
N LYS D 119 52.16 26.04 19.81
CA LYS D 119 52.70 27.31 20.25
C LYS D 119 53.64 27.10 21.44
N THR D 120 54.78 27.79 21.41
CA THR D 120 55.77 27.67 22.47
C THR D 120 56.47 29.02 22.64
N ASP D 121 56.92 29.27 23.87
CA ASP D 121 57.69 30.48 24.16
C ASP D 121 58.97 30.51 23.33
N ASN D 122 59.36 31.72 22.93
CA ASN D 122 60.57 31.90 22.15
C ASN D 122 61.81 31.55 22.97
N GLY D 123 62.81 31.01 22.29
CA GLY D 123 64.06 30.65 22.93
C GLY D 123 64.87 29.72 22.06
N SER D 124 66.13 29.53 22.46
CA SER D 124 67.03 28.65 21.74
C SER D 124 66.65 27.18 21.89
N CYS D 125 65.73 26.85 22.79
CA CYS D 125 65.34 25.47 23.03
C CYS D 125 64.24 24.99 22.09
N PHE D 126 63.67 25.87 21.27
CA PHE D 126 62.60 25.47 20.36
C PHE D 126 62.75 26.01 18.96
N THR D 127 63.64 26.98 18.71
CA THR D 127 63.80 27.59 17.39
C THR D 127 64.88 26.91 16.55
N SER D 128 65.40 25.78 17.00
CA SER D 128 66.47 25.10 16.28
C SER D 128 66.01 24.68 14.90
N LYS D 129 66.97 24.59 13.98
CA LYS D 129 66.64 24.22 12.60
C LYS D 129 66.14 22.79 12.49
N SER D 130 66.62 21.90 13.37
CA SER D 130 66.11 20.53 13.38
C SER D 130 64.64 20.51 13.79
N THR D 131 64.25 21.35 14.76
CA THR D 131 62.86 21.46 15.15
C THR D 131 62.00 21.94 13.99
N ARG D 132 62.49 22.93 13.23
CA ARG D 132 61.72 23.43 12.10
C ARG D 132 61.66 22.43 10.97
N GLU D 133 62.71 21.63 10.77
CA GLU D 133 62.66 20.54 9.81
C GLU D 133 61.63 19.49 10.22
N TRP D 134 61.55 19.21 11.52
CA TRP D 134 60.51 18.33 12.06
C TRP D 134 59.12 18.90 11.76
N LEU D 135 58.94 20.19 11.99
CA LEU D 135 57.66 20.84 11.72
C LEU D 135 57.30 20.76 10.23
N ALA D 136 58.28 21.02 9.36
CA ALA D 136 58.04 20.92 7.93
C ALA D 136 57.69 19.50 7.52
N ARG D 137 58.36 18.51 8.13
CA ARG D 137 58.00 17.11 7.91
C ARG D 137 56.58 16.83 8.34
N TRP D 138 56.08 17.58 9.34
CA TRP D 138 54.69 17.46 9.73
C TRP D 138 53.80 18.60 9.26
N GLY D 139 54.38 19.61 8.62
CA GLY D 139 53.59 20.67 8.00
C GLY D 139 52.68 21.43 8.96
N ILE D 140 53.19 21.78 10.13
CA ILE D 140 52.42 22.47 11.15
C ILE D 140 52.99 23.86 11.32
N ALA D 141 52.12 24.88 11.26
CA ALA D 141 52.55 26.26 11.46
C ALA D 141 53.03 26.46 12.90
N HIS D 142 54.00 27.35 13.05
CA HIS D 142 54.62 27.61 14.35
C HIS D 142 54.73 29.10 14.58
N THR D 143 54.51 29.51 15.84
CA THR D 143 54.69 30.89 16.26
C THR D 143 55.36 30.89 17.63
N THR D 144 55.91 32.04 18.00
CA THR D 144 56.66 32.18 19.24
C THR D 144 56.20 33.40 20.01
N GLY D 145 56.36 33.35 21.33
CA GLY D 145 55.96 34.44 22.20
C GLY D 145 56.97 34.79 23.27
N ILE D 146 56.60 35.71 24.16
CA ILE D 146 57.51 36.13 25.23
C ILE D 146 57.74 34.98 26.20
N PRO D 147 58.97 34.70 26.62
CA PRO D 147 59.21 33.60 27.55
C PRO D 147 58.73 33.91 28.96
N GLY D 148 57.43 33.75 29.19
CA GLY D 148 56.86 34.05 30.50
C GLY D 148 55.73 35.04 30.46
N ASN D 149 55.06 35.15 29.31
CA ASN D 149 53.91 36.03 29.17
C ASN D 149 52.63 35.31 29.58
N SER D 150 51.54 36.07 29.65
CA SER D 150 50.24 35.55 30.05
C SER D 150 49.37 35.18 28.85
N GLN D 151 49.91 35.27 27.63
CA GLN D 151 49.12 34.97 26.44
C GLN D 151 48.70 33.50 26.40
N GLY D 152 49.66 32.60 26.59
CA GLY D 152 49.36 31.18 26.52
C GLY D 152 50.17 30.31 27.46
N GLN D 153 50.73 30.91 28.52
CA GLN D 153 51.63 30.18 29.41
C GLN D 153 51.15 30.10 30.86
N ALA D 154 50.16 30.89 31.26
CA ALA D 154 49.62 30.76 32.61
C ALA D 154 48.96 29.40 32.81
N MET D 155 48.22 28.92 31.80
CA MET D 155 47.66 27.58 31.85
C MET D 155 48.75 26.53 31.97
N VAL D 156 49.86 26.71 31.24
CA VAL D 156 50.98 25.79 31.33
C VAL D 156 51.57 25.78 32.73
N GLU D 157 51.71 26.98 33.33
CA GLU D 157 52.26 27.06 34.67
C GLU D 157 51.37 26.36 35.69
N ARG D 158 50.05 26.58 35.60
CA ARG D 158 49.15 25.91 36.53
C ARG D 158 49.15 24.39 36.30
N ALA D 159 49.23 23.96 35.03
CA ALA D 159 49.31 22.53 34.75
C ALA D 159 50.59 21.93 35.32
N ASN D 160 51.71 22.66 35.23
CA ASN D 160 52.96 22.18 35.81
C ASN D 160 52.85 22.07 37.32
N ARG D 161 52.24 23.07 37.97
CA ARG D 161 52.05 22.99 39.42
C ARG D 161 51.13 21.83 39.81
N LEU D 162 50.09 21.59 39.01
CA LEU D 162 49.21 20.45 39.27
C LEU D 162 49.97 19.13 39.11
N LEU D 163 50.82 19.04 38.08
CA LEU D 163 51.65 17.86 37.92
C LEU D 163 52.57 17.67 39.13
N LYS D 164 53.18 18.75 39.61
CA LYS D 164 54.06 18.66 40.77
C LYS D 164 53.29 18.15 41.99
N ASP D 165 52.10 18.71 42.23
CA ASP D 165 51.32 18.32 43.41
C ASP D 165 50.87 16.85 43.31
N LYS D 166 50.37 16.45 42.14
CA LYS D 166 49.92 15.07 41.96
C LYS D 166 51.09 14.10 42.09
N ILE D 167 52.24 14.44 41.53
CA ILE D 167 53.41 13.58 41.62
C ILE D 167 53.85 13.46 43.07
N ARG D 168 53.87 14.58 43.81
CA ARG D 168 54.29 14.53 45.20
C ARG D 168 53.34 13.69 46.05
N VAL D 169 52.03 13.85 45.85
CA VAL D 169 51.08 13.09 46.67
C VAL D 169 51.14 11.61 46.31
N LEU D 170 51.31 11.28 45.03
CA LEU D 170 51.46 9.89 44.64
C LEU D 170 52.73 9.28 45.23
N ALA D 171 53.83 10.03 45.20
CA ALA D 171 55.09 9.53 45.74
C ALA D 171 55.00 9.30 47.25
N GLU D 172 54.38 10.24 47.97
CA GLU D 172 54.23 10.05 49.41
C GLU D 172 53.24 8.92 49.72
N GLY D 173 52.29 8.67 48.82
CA GLY D 173 51.44 7.50 48.99
C GLY D 173 52.18 6.20 48.81
N ASP D 174 53.06 6.14 47.80
CA ASP D 174 53.82 4.91 47.58
C ASP D 174 54.79 4.64 48.71
N GLY D 175 55.49 5.67 49.19
CA GLY D 175 56.45 5.50 50.26
C GLY D 175 57.76 6.23 50.03
N PHE D 176 57.88 6.89 48.88
CA PHE D 176 59.07 7.65 48.54
C PHE D 176 58.79 9.14 48.75
N MET D 177 59.51 9.75 49.70
CA MET D 177 59.26 11.14 50.06
C MET D 177 60.02 12.12 49.16
N LYS D 178 61.33 11.92 48.99
CA LYS D 178 62.14 12.85 48.22
C LYS D 178 62.44 12.33 46.81
N ARG D 179 63.04 11.15 46.70
CA ARG D 179 63.50 10.63 45.43
C ARG D 179 62.88 9.27 45.15
N ILE D 180 62.75 8.95 43.86
CA ILE D 180 62.15 7.70 43.40
C ILE D 180 63.16 7.00 42.50
N PRO D 181 63.30 5.68 42.60
CA PRO D 181 64.18 4.95 41.68
C PRO D 181 63.74 5.09 40.24
N THR D 182 64.70 4.94 39.33
CA THR D 182 64.47 5.13 37.90
C THR D 182 63.58 4.05 37.29
N SER D 183 63.03 3.14 38.08
CA SER D 183 62.15 2.09 37.57
C SER D 183 60.67 2.36 37.83
N LYS D 184 60.34 3.21 38.81
CA LYS D 184 58.96 3.51 39.16
C LYS D 184 58.52 4.90 38.72
N GLN D 185 59.44 5.69 38.15
CA GLN D 185 59.07 6.98 37.60
C GLN D 185 57.95 6.82 36.56
N GLY D 186 58.11 5.85 35.66
CA GLY D 186 57.11 5.65 34.63
C GLY D 186 55.75 5.26 35.19
N GLU D 187 55.73 4.42 36.22
CA GLU D 187 54.46 4.01 36.79
C GLU D 187 53.78 5.17 37.50
N LEU D 188 54.56 6.02 38.18
CA LEU D 188 54.01 7.24 38.75
C LEU D 188 53.43 8.13 37.66
N LEU D 189 54.16 8.27 36.55
CA LEU D 189 53.66 9.08 35.43
C LEU D 189 52.36 8.52 34.88
N ALA D 190 52.28 7.20 34.71
CA ALA D 190 51.08 6.58 34.15
C ALA D 190 49.88 6.77 35.08
N LYS D 191 50.08 6.58 36.38
CA LYS D 191 48.97 6.77 37.32
C LYS D 191 48.52 8.22 37.34
N ALA D 192 49.47 9.17 37.34
CA ALA D 192 49.11 10.58 37.31
C ALA D 192 48.36 10.93 36.03
N MET D 193 48.80 10.37 34.90
CA MET D 193 48.12 10.61 33.62
C MET D 193 46.71 10.05 33.63
N TYR D 194 46.52 8.86 34.21
CA TYR D 194 45.17 8.30 34.29
C TYR D 194 44.28 9.16 35.17
N ALA D 195 44.82 9.66 36.28
CA ALA D 195 44.03 10.56 37.12
C ALA D 195 43.68 11.85 36.38
N LEU D 196 44.63 12.37 35.60
CA LEU D 196 44.42 13.63 34.89
C LEU D 196 43.40 13.49 33.76
N ASN D 197 43.57 12.46 32.92
CA ASN D 197 42.80 12.35 31.70
C ASN D 197 41.44 11.70 31.94
N HIS D 198 41.43 10.45 32.41
CA HIS D 198 40.19 9.69 32.48
C HIS D 198 39.26 10.25 33.55
N PHE D 199 39.78 10.48 34.75
CA PHE D 199 38.95 10.98 35.83
C PHE D 199 38.85 12.50 35.78
N GLU D 200 37.70 13.02 36.21
CA GLU D 200 37.48 14.45 36.21
C GLU D 200 38.38 15.14 37.24
N ARG D 201 38.79 16.36 36.91
CA ARG D 201 39.58 17.20 37.81
C ARG D 201 38.68 18.29 38.38
N GLY D 202 38.57 18.33 39.71
CA GLY D 202 37.73 19.31 40.33
C GLY D 202 36.25 19.02 40.10
N GLU D 203 35.45 20.08 40.26
CA GLU D 203 34.00 19.97 40.07
C GLU D 203 33.61 19.84 38.60
N ASN D 204 34.54 20.02 37.67
CA ASN D 204 34.22 20.00 36.25
C ASN D 204 33.71 18.63 35.83
N THR D 205 32.56 18.61 35.16
CA THR D 205 31.97 17.35 34.71
C THR D 205 32.70 16.77 33.51
N LYS D 206 33.07 17.62 32.55
CA LYS D 206 33.68 17.15 31.31
C LYS D 206 35.12 16.72 31.58
N THR D 207 35.36 15.41 31.55
CA THR D 207 36.71 14.89 31.69
C THR D 207 37.52 15.25 30.43
N PRO D 208 38.86 15.33 30.57
CA PRO D 208 39.68 15.64 29.38
C PRO D 208 39.46 14.68 28.22
N ILE D 209 38.97 13.47 28.50
CA ILE D 209 38.58 12.57 27.43
C ILE D 209 37.36 13.11 26.68
N GLN D 210 36.36 13.61 27.40
CA GLN D 210 35.13 14.04 26.76
C GLN D 210 35.35 15.20 25.79
N LYS D 211 36.43 15.97 25.96
CA LYS D 211 36.75 17.09 25.09
C LYS D 211 37.77 16.71 24.02
N HIS D 212 37.76 15.45 23.57
CA HIS D 212 38.76 14.96 22.63
C HIS D 212 38.17 14.67 21.26
N TRP D 213 37.15 13.83 21.19
CA TRP D 213 36.55 13.42 19.92
C TRP D 213 35.06 13.70 19.90
N ARG D 214 34.67 14.87 20.42
CA ARG D 214 33.26 15.24 20.46
C ARG D 214 33.03 16.61 19.85
N GLY D 221 24.45 19.72 19.94
CA GLY D 221 23.52 20.68 19.35
C GLY D 221 23.63 22.06 19.96
N PRO D 222 23.17 23.07 19.23
CA PRO D 222 23.20 24.44 19.76
C PRO D 222 22.27 24.58 20.95
N PRO D 223 22.62 25.42 21.93
CA PRO D 223 21.71 25.65 23.05
C PRO D 223 20.40 26.28 22.59
N VAL D 224 19.31 25.90 23.26
CA VAL D 224 18.00 26.47 23.00
C VAL D 224 17.26 26.61 24.33
N LYS D 225 16.23 27.45 24.30
CA LYS D 225 15.31 27.57 25.43
C LYS D 225 13.98 26.92 25.06
N ILE D 226 13.32 26.34 26.06
CA ILE D 226 12.08 25.61 25.83
C ILE D 226 10.93 26.40 26.46
N ARG D 227 9.71 26.03 26.08
CA ARG D 227 8.50 26.68 26.58
C ARG D 227 7.92 25.83 27.70
N ILE D 228 7.85 26.40 28.90
CA ILE D 228 7.29 25.73 30.06
C ILE D 228 5.87 26.25 30.26
N GLU D 229 5.04 25.41 30.90
CA GLU D 229 3.68 25.81 31.23
C GLU D 229 3.63 27.02 32.15
N THR D 230 4.72 27.27 32.89
CA THR D 230 4.72 28.33 33.89
C THR D 230 4.84 29.72 33.27
N GLY D 231 5.75 29.87 32.31
CA GLY D 231 6.06 31.18 31.78
C GLY D 231 7.56 31.43 31.75
N GLU D 232 8.34 30.38 31.95
CA GLU D 232 9.80 30.45 31.91
C GLU D 232 10.31 29.84 30.62
N TRP D 233 11.07 30.62 29.85
CA TRP D 233 11.83 30.09 28.72
C TRP D 233 13.19 29.66 29.26
N GLU D 234 13.18 28.52 29.95
CA GLU D 234 14.39 28.07 30.65
C GLU D 234 15.45 27.61 29.65
N LYS D 235 16.70 27.87 30.00
CA LYS D 235 17.83 27.49 29.17
C LYS D 235 18.32 26.10 29.56
N GLY D 236 19.48 25.71 29.04
CA GLY D 236 20.02 24.40 29.34
C GLY D 236 19.43 23.31 28.48
N TRP D 237 19.24 23.58 27.19
CA TRP D 237 18.63 22.63 26.28
C TRP D 237 19.30 22.75 24.93
N ASN D 238 19.72 21.60 24.38
CA ASN D 238 20.37 21.53 23.08
C ASN D 238 19.70 20.42 22.30
N VAL D 239 19.11 20.78 21.16
CA VAL D 239 18.42 19.78 20.35
C VAL D 239 19.43 18.80 19.77
N LEU D 240 19.09 17.51 19.84
CA LEU D 240 19.93 16.45 19.29
C LEU D 240 19.44 16.00 17.92
N VAL D 241 18.19 15.56 17.83
CA VAL D 241 17.55 15.19 16.59
C VAL D 241 16.26 16.00 16.49
N TRP D 242 16.16 16.84 15.48
CA TRP D 242 15.03 17.75 15.36
C TRP D 242 14.15 17.34 14.19
N GLY D 243 12.88 17.08 14.48
CA GLY D 243 11.89 16.76 13.47
C GLY D 243 11.01 17.97 13.15
N ARG D 244 10.09 17.75 12.21
CA ARG D 244 9.24 18.83 11.74
C ARG D 244 7.98 18.99 12.60
N GLY D 245 7.71 18.08 13.51
CA GLY D 245 6.61 18.23 14.44
C GLY D 245 7.09 18.66 15.80
N TYR D 246 8.25 18.15 16.21
CA TYR D 246 8.84 18.50 17.50
C TYR D 246 10.34 18.18 17.44
N ALA D 247 10.99 18.36 18.57
CA ALA D 247 12.43 18.18 18.70
C ALA D 247 12.75 17.12 19.74
N ALA D 248 14.04 16.84 19.90
CA ALA D 248 14.56 15.93 20.92
C ALA D 248 15.70 16.66 21.63
N VAL D 249 15.37 17.35 22.71
CA VAL D 249 16.34 18.17 23.42
C VAL D 249 16.93 17.35 24.57
N LYS D 250 18.09 17.80 25.05
CA LYS D 250 18.73 17.24 26.22
C LYS D 250 19.26 18.38 27.07
N ASN D 251 19.25 18.19 28.39
CA ASN D 251 19.79 19.20 29.28
C ASN D 251 21.31 19.12 29.31
N ARG D 252 21.93 20.18 29.84
CA ARG D 252 23.38 20.24 29.92
C ARG D 252 23.95 19.64 31.19
N ASP D 253 23.20 19.66 32.30
CA ASP D 253 23.65 19.11 33.57
C ASP D 253 23.01 17.76 33.86
N THR D 254 21.67 17.68 33.85
CA THR D 254 21.02 16.39 34.03
C THR D 254 21.24 15.49 32.83
N ASP D 255 21.35 16.08 31.64
CA ASP D 255 21.59 15.34 30.41
C ASP D 255 20.52 14.28 30.17
N LYS D 256 19.27 14.70 30.27
CA LYS D 256 18.11 13.84 30.03
C LYS D 256 17.42 14.26 28.75
N VAL D 257 17.00 13.29 27.96
CA VAL D 257 16.42 13.53 26.64
C VAL D 257 14.90 13.49 26.74
N ILE D 258 14.25 14.53 26.24
CA ILE D 258 12.79 14.62 26.20
C ILE D 258 12.37 15.15 24.84
N TRP D 259 11.15 14.82 24.44
CA TRP D 259 10.59 15.27 23.17
C TRP D 259 9.59 16.38 23.45
N VAL D 260 9.83 17.56 22.88
CA VAL D 260 8.99 18.72 23.13
C VAL D 260 8.56 19.32 21.80
N PRO D 261 7.30 19.79 21.69
CA PRO D 261 6.80 20.29 20.41
C PRO D 261 7.64 21.44 19.86
N SER D 262 7.66 21.54 18.53
CA SER D 262 8.44 22.58 17.87
C SER D 262 7.96 23.98 18.27
N ARG D 263 6.69 24.11 18.66
CA ARG D 263 6.20 25.37 19.19
C ARG D 263 6.67 25.60 20.63
N LYS D 264 7.27 24.59 21.26
CA LYS D 264 7.70 24.66 22.66
C LYS D 264 9.17 25.03 22.81
N VAL D 265 9.83 25.48 21.74
CA VAL D 265 11.27 25.71 21.78
C VAL D 265 11.60 27.10 21.26
N LYS D 266 12.82 27.55 21.56
CA LYS D 266 13.35 28.83 21.16
C LYS D 266 14.86 28.81 21.30
N PRO D 267 15.62 29.24 20.29
CA PRO D 267 17.08 29.10 20.33
C PRO D 267 17.70 29.99 21.41
N ASP D 268 19.02 29.83 21.58
CA ASP D 268 19.78 30.55 22.58
C ASP D 268 20.69 31.55 21.88
N ILE D 269 20.56 32.83 22.24
CA ILE D 269 21.37 33.91 21.69
C ILE D 269 21.35 33.89 20.16
N PRO E 1 -13.27 28.38 33.65
CA PRO E 1 -13.24 27.19 34.49
C PRO E 1 -12.51 26.03 33.83
N LEU E 2 -11.21 25.95 34.06
CA LEU E 2 -10.38 24.92 33.45
C LEU E 2 -10.04 23.77 34.37
N ARG E 3 -10.47 23.84 35.64
CA ARG E 3 -10.19 22.74 36.56
C ARG E 3 -10.96 21.48 36.14
N GLU E 4 -12.25 21.64 35.88
CA GLU E 4 -13.05 20.51 35.40
C GLU E 4 -12.57 20.06 34.02
N ALA E 5 -12.07 20.98 33.20
CA ALA E 5 -11.52 20.58 31.91
C ALA E 5 -10.30 19.68 32.09
N LYS E 6 -9.41 20.06 33.02
CA LYS E 6 -8.24 19.23 33.30
C LYS E 6 -8.65 17.87 33.81
N ASP E 7 -9.61 17.82 34.74
CA ASP E 7 -10.10 16.54 35.23
C ASP E 7 -10.70 15.71 34.10
N LEU E 8 -11.51 16.35 33.25
CA LEU E 8 -12.20 15.63 32.19
C LEU E 8 -11.22 15.05 31.20
N HIS E 9 -10.18 15.79 30.84
CA HIS E 9 -9.16 15.22 29.96
C HIS E 9 -8.38 14.12 30.66
N THR E 10 -7.99 14.31 31.92
CA THR E 10 -7.15 13.33 32.60
C THR E 10 -7.87 12.00 32.76
N ALA E 11 -9.14 12.04 33.17
CA ALA E 11 -9.90 10.81 33.36
C ALA E 11 -10.60 10.34 32.09
N LEU E 12 -10.62 11.15 31.03
CA LEU E 12 -11.46 10.81 29.89
C LEU E 12 -10.80 11.03 28.53
N HIS E 13 -9.77 11.86 28.41
CA HIS E 13 -9.00 12.06 27.18
C HIS E 13 -9.89 12.52 26.01
N ILE E 14 -10.40 13.74 26.18
CA ILE E 14 -11.34 14.33 25.24
C ILE E 14 -10.62 15.27 24.28
N GLY E 15 -11.13 15.32 23.04
CA GLY E 15 -10.64 16.24 22.05
C GLY E 15 -10.90 17.68 22.43
N PRO E 16 -10.05 18.59 21.94
CA PRO E 16 -10.16 20.00 22.32
C PRO E 16 -11.50 20.63 21.97
N ARG E 17 -12.10 20.25 20.85
CA ARG E 17 -13.37 20.81 20.45
C ARG E 17 -14.46 20.50 21.46
N ALA E 18 -14.58 19.21 21.84
CA ALA E 18 -15.60 18.81 22.79
C ALA E 18 -15.33 19.39 24.18
N LEU E 19 -14.05 19.45 24.58
CA LEU E 19 -13.73 20.06 25.87
C LEU E 19 -14.11 21.53 25.90
N SER E 20 -13.84 22.25 24.82
CA SER E 20 -14.24 23.65 24.74
C SER E 20 -15.75 23.79 24.79
N LYS E 21 -16.48 22.91 24.10
CA LYS E 21 -17.93 23.02 24.04
C LYS E 21 -18.61 22.55 25.34
N ALA E 22 -17.93 21.75 26.15
CA ALA E 22 -18.58 21.10 27.29
C ALA E 22 -18.26 21.75 28.63
N CYS E 23 -17.36 22.73 28.68
CA CYS E 23 -17.03 23.40 29.92
C CYS E 23 -16.96 24.91 29.77
N ASN E 24 -17.52 25.44 28.67
CA ASN E 24 -17.58 26.88 28.42
C ASN E 24 -16.19 27.50 28.44
N ILE E 25 -15.33 26.97 27.58
CA ILE E 25 -13.95 27.40 27.45
C ILE E 25 -13.72 27.71 25.97
N SER E 26 -12.51 28.15 25.64
CA SER E 26 -12.23 28.66 24.30
C SER E 26 -10.93 28.03 23.79
N MET E 27 -10.41 28.62 22.72
CA MET E 27 -9.24 28.14 21.99
C MET E 27 -8.08 27.72 22.89
N GLN E 28 -7.53 28.68 23.63
CA GLN E 28 -6.25 28.45 24.29
C GLN E 28 -6.34 27.34 25.33
N GLN E 29 -7.11 27.57 26.41
CA GLN E 29 -7.13 26.63 27.52
C GLN E 29 -7.42 25.21 27.03
N ALA E 30 -8.36 25.07 26.09
CA ALA E 30 -8.60 23.78 25.46
C ALA E 30 -7.33 23.21 24.86
N ARG E 31 -6.58 24.04 24.12
CA ARG E 31 -5.33 23.53 23.58
C ARG E 31 -4.40 23.13 24.73
N GLU E 32 -3.84 24.11 25.44
CA GLU E 32 -2.79 23.75 26.40
C GLU E 32 -3.27 22.83 27.51
N VAL E 33 -4.53 22.38 27.49
CA VAL E 33 -4.90 21.28 28.39
C VAL E 33 -4.88 19.98 27.58
N VAL E 34 -5.15 20.06 26.27
CA VAL E 34 -5.09 18.81 25.50
C VAL E 34 -3.65 18.45 25.16
N GLN E 35 -2.72 19.41 25.08
CA GLN E 35 -1.37 18.93 24.82
C GLN E 35 -0.64 18.49 26.09
N THR E 36 -1.17 18.75 27.28
CA THR E 36 -0.54 18.25 28.48
C THR E 36 -0.48 16.73 28.48
N CYS E 37 -1.56 16.09 28.06
CA CYS E 37 -1.59 14.63 28.02
C CYS E 37 -0.54 14.12 27.03
N PRO E 38 0.44 13.34 27.46
CA PRO E 38 1.40 12.78 26.52
C PRO E 38 0.78 11.79 25.56
N HIS E 39 -0.37 11.22 25.91
CA HIS E 39 -1.01 10.18 25.12
C HIS E 39 -1.86 10.73 23.98
N CYS E 40 -2.12 12.04 23.95
CA CYS E 40 -2.96 12.63 22.93
C CYS E 40 -2.19 12.96 21.65
N ASN E 41 -0.86 12.81 21.66
CA ASN E 41 -0.06 13.03 20.45
C ASN E 41 1.23 12.22 20.54
N SER E 42 1.28 11.12 19.78
CA SER E 42 2.45 10.24 19.81
C SER E 42 3.19 10.22 18.48
N ALA E 43 2.53 9.82 17.40
CA ALA E 43 3.18 9.65 16.11
C ALA E 43 3.39 10.95 15.31
N PRO E 44 2.44 11.92 15.32
CA PRO E 44 2.23 12.71 14.11
C PRO E 44 3.38 13.63 13.73
N ALA E 45 4.58 13.05 13.64
CA ALA E 45 5.71 13.71 13.01
C ALA E 45 6.67 12.60 12.59
N LEU E 46 6.61 12.23 11.31
CA LEU E 46 7.47 11.19 10.75
C LEU E 46 8.32 11.82 9.67
N GLU E 47 9.61 11.96 9.94
CA GLU E 47 10.53 12.63 9.03
C GLU E 47 10.63 11.86 7.72
N ALA E 48 10.76 12.60 6.61
CA ALA E 48 10.83 12.00 5.28
C ALA E 48 11.87 12.77 4.47
N GLY E 49 13.11 12.31 4.49
CA GLY E 49 14.16 12.88 3.67
C GLY E 49 14.49 11.98 2.51
N VAL E 50 14.19 12.43 1.29
CA VAL E 50 14.05 11.55 0.13
C VAL E 50 14.86 12.15 -1.02
N ASN E 51 16.14 11.75 -1.13
CA ASN E 51 17.00 12.44 -2.09
C ASN E 51 18.25 11.68 -2.54
N PRO E 52 18.13 10.63 -3.34
CA PRO E 52 19.31 10.15 -4.07
C PRO E 52 19.40 10.77 -5.46
N ARG E 53 20.60 11.23 -5.82
CA ARG E 53 20.81 11.87 -7.11
C ARG E 53 22.31 12.13 -7.31
N GLY E 54 22.70 12.21 -8.59
CA GLY E 54 24.00 12.67 -8.98
C GLY E 54 23.92 14.02 -9.68
N LEU E 55 25.08 14.64 -9.88
CA LEU E 55 25.14 15.99 -10.43
C LEU E 55 25.49 16.01 -11.91
N GLY E 56 26.61 15.43 -12.30
CA GLY E 56 27.03 15.42 -13.68
C GLY E 56 27.04 14.02 -14.25
N PRO E 57 27.06 13.92 -15.57
CA PRO E 57 27.07 12.59 -16.20
C PRO E 57 28.29 11.79 -15.80
N LEU E 58 28.10 10.47 -15.72
CA LEU E 58 29.17 9.54 -15.36
C LEU E 58 29.69 9.78 -13.95
N GLN E 59 28.83 10.25 -13.05
CA GLN E 59 29.19 10.43 -11.65
C GLN E 59 28.57 9.40 -10.74
N ILE E 60 27.26 9.16 -10.86
CA ILE E 60 26.56 8.21 -10.01
C ILE E 60 25.70 7.31 -10.89
N TRP E 61 25.81 6.00 -10.67
CA TRP E 61 25.04 5.01 -11.42
C TRP E 61 24.30 4.10 -10.44
N GLN E 62 23.23 3.49 -10.94
CA GLN E 62 22.44 2.54 -10.16
C GLN E 62 22.25 1.28 -10.98
N THR E 63 21.85 0.20 -10.29
CA THR E 63 21.78 -1.10 -10.93
C THR E 63 20.85 -2.00 -10.15
N ASP E 64 20.12 -2.85 -10.87
CA ASP E 64 19.29 -3.89 -10.27
C ASP E 64 19.08 -5.00 -11.29
N PHE E 65 18.63 -6.15 -10.80
CA PHE E 65 18.25 -7.27 -11.66
C PHE E 65 16.75 -7.32 -11.85
N THR E 66 16.34 -7.96 -12.96
CA THR E 66 14.93 -8.07 -13.30
C THR E 66 14.67 -9.51 -13.76
N LEU E 67 13.54 -10.05 -13.33
CA LEU E 67 13.10 -11.37 -13.79
C LEU E 67 12.01 -11.15 -14.83
N GLU E 68 12.34 -11.39 -16.09
CA GLU E 68 11.40 -11.16 -17.17
C GLU E 68 11.00 -12.49 -17.80
N PRO E 69 9.78 -12.97 -17.56
CA PRO E 69 9.39 -14.28 -18.10
C PRO E 69 9.48 -14.39 -19.61
N ARG E 70 9.21 -13.31 -20.34
CA ARG E 70 9.24 -13.37 -21.80
C ARG E 70 10.64 -13.63 -22.34
N MET E 71 11.67 -13.44 -21.52
CA MET E 71 13.05 -13.58 -21.96
C MET E 71 13.63 -14.95 -21.68
N ALA E 72 12.79 -15.94 -21.38
CA ALA E 72 13.28 -17.29 -21.12
C ALA E 72 13.99 -17.84 -22.34
N PRO E 73 15.02 -18.70 -22.15
CA PRO E 73 15.51 -19.22 -20.88
C PRO E 73 16.57 -18.32 -20.26
N ARG E 74 16.62 -17.07 -20.72
CA ARG E 74 17.62 -16.12 -20.27
C ARG E 74 16.92 -14.94 -19.62
N SER E 75 15.96 -15.23 -18.74
CA SER E 75 15.04 -14.22 -18.25
C SER E 75 15.74 -13.07 -17.52
N TRP E 76 16.84 -13.36 -16.83
CA TRP E 76 17.49 -12.36 -16.00
C TRP E 76 18.06 -11.24 -16.86
N LEU E 77 17.77 -10.00 -16.47
CA LEU E 77 18.31 -8.82 -17.11
C LEU E 77 18.98 -7.93 -16.07
N ALA E 78 20.07 -7.29 -16.47
CA ALA E 78 20.79 -6.35 -15.63
C ALA E 78 20.58 -4.95 -16.20
N VAL E 79 20.03 -4.05 -15.38
CA VAL E 79 19.66 -2.71 -15.82
C VAL E 79 20.56 -1.71 -15.11
N THR E 80 21.04 -0.72 -15.87
CA THR E 80 21.93 0.31 -15.34
C THR E 80 21.43 1.66 -15.83
N VAL E 81 21.38 2.64 -14.92
CA VAL E 81 20.90 3.98 -15.24
C VAL E 81 21.92 4.99 -14.74
N ASP E 82 22.16 6.03 -15.55
CA ASP E 82 22.99 7.16 -15.13
C ASP E 82 22.06 8.22 -14.54
N THR E 83 22.20 8.45 -13.23
CA THR E 83 21.25 9.31 -12.53
C THR E 83 21.23 10.73 -13.08
N ALA E 84 22.35 11.18 -13.65
CA ALA E 84 22.42 12.56 -14.13
C ALA E 84 21.56 12.75 -15.38
N SER E 85 21.66 11.83 -16.34
CA SER E 85 21.00 11.99 -17.63
C SER E 85 19.92 10.96 -17.88
N SER E 86 19.72 10.01 -16.97
CA SER E 86 18.64 9.03 -17.05
C SER E 86 18.76 8.13 -18.28
N ALA E 87 19.98 7.94 -18.79
CA ALA E 87 20.19 6.94 -19.82
C ALA E 87 20.13 5.55 -19.21
N ILE E 88 19.77 4.56 -20.03
CA ILE E 88 19.55 3.20 -19.58
C ILE E 88 20.36 2.25 -20.45
N VAL E 89 20.93 1.22 -19.82
CA VAL E 89 21.57 0.11 -20.52
C VAL E 89 21.17 -1.18 -19.83
N VAL E 90 20.72 -2.16 -20.62
CA VAL E 90 20.30 -3.45 -20.09
C VAL E 90 20.99 -4.56 -20.87
N THR E 91 21.42 -5.59 -20.15
CA THR E 91 22.07 -6.76 -20.73
C THR E 91 21.41 -8.01 -20.17
N GLN E 92 21.41 -9.07 -20.97
CA GLN E 92 20.67 -10.28 -20.67
C GLN E 92 21.61 -11.40 -20.25
N HIS E 93 21.22 -12.15 -19.21
CA HIS E 93 22.01 -13.26 -18.70
C HIS E 93 21.08 -14.33 -18.16
N GLY E 94 21.64 -15.53 -17.98
CA GLY E 94 20.87 -16.65 -17.49
C GLY E 94 20.90 -16.80 -15.98
N ARG E 95 21.98 -16.35 -15.35
CA ARG E 95 22.14 -16.45 -13.91
C ARG E 95 22.53 -15.09 -13.33
N VAL E 96 22.28 -14.94 -12.04
CA VAL E 96 22.59 -13.70 -11.32
C VAL E 96 24.03 -13.74 -10.85
N THR E 97 24.79 -14.72 -11.34
CA THR E 97 26.17 -14.93 -10.90
C THR E 97 27.01 -13.68 -11.15
N SER E 98 28.14 -13.61 -10.43
CA SER E 98 29.00 -12.45 -10.51
C SER E 98 29.54 -12.25 -11.92
N VAL E 99 29.86 -13.35 -12.61
CA VAL E 99 30.40 -13.25 -13.97
C VAL E 99 29.44 -12.51 -14.88
N ALA E 100 28.14 -12.78 -14.74
CA ALA E 100 27.14 -12.02 -15.49
C ALA E 100 27.20 -10.55 -15.13
N VAL E 101 27.34 -10.25 -13.83
CA VAL E 101 27.45 -8.87 -13.39
C VAL E 101 28.71 -8.23 -13.97
N GLN E 102 29.80 -8.99 -14.02
CA GLN E 102 31.00 -8.53 -14.70
C GLN E 102 30.69 -8.15 -16.14
N HIS E 103 29.99 -9.03 -16.85
CA HIS E 103 29.71 -8.79 -18.27
C HIS E 103 28.88 -7.54 -18.48
N HIS E 104 27.87 -7.34 -17.63
CA HIS E 104 26.91 -6.26 -17.87
C HIS E 104 27.57 -4.90 -17.84
N TRP E 105 28.46 -4.66 -16.87
CA TRP E 105 28.96 -3.30 -16.64
C TRP E 105 29.82 -2.83 -17.81
N ALA E 106 30.81 -3.62 -18.21
CA ALA E 106 31.75 -3.17 -19.23
C ALA E 106 31.04 -2.88 -20.54
N THR E 107 30.01 -3.67 -20.88
CA THR E 107 29.18 -3.34 -22.02
C THR E 107 28.56 -1.97 -21.86
N ALA E 108 28.00 -1.70 -20.67
CA ALA E 108 27.48 -0.36 -20.39
C ALA E 108 28.60 0.68 -20.41
N ILE E 109 29.77 0.31 -19.87
CA ILE E 109 30.90 1.24 -19.86
C ILE E 109 31.28 1.62 -21.29
N ALA E 110 31.29 0.66 -22.20
CA ALA E 110 31.66 0.93 -23.59
C ALA E 110 30.68 1.87 -24.28
N VAL E 111 29.46 2.00 -23.75
CA VAL E 111 28.43 2.83 -24.37
C VAL E 111 28.38 4.22 -23.75
N LEU E 112 28.43 4.31 -22.42
CA LEU E 112 28.28 5.59 -21.74
C LEU E 112 29.61 6.19 -21.31
N GLY E 113 30.65 5.39 -21.19
CA GLY E 113 31.92 5.83 -20.66
C GLY E 113 32.20 5.21 -19.30
N ARG E 114 33.14 5.83 -18.58
CA ARG E 114 33.49 5.35 -17.25
C ARG E 114 32.85 6.22 -16.19
N PRO E 115 31.98 5.67 -15.34
CA PRO E 115 31.43 6.45 -14.24
C PRO E 115 32.39 6.48 -13.06
N LYS E 116 31.97 7.05 -11.94
CA LYS E 116 32.78 7.03 -10.72
C LYS E 116 32.16 6.24 -9.59
N ALA E 117 30.84 6.25 -9.47
CA ALA E 117 30.13 5.54 -8.41
C ALA E 117 29.01 4.71 -9.00
N ILE E 118 28.79 3.53 -8.42
CA ILE E 118 27.73 2.62 -8.85
C ILE E 118 26.99 2.17 -7.60
N LYS E 119 25.89 2.84 -7.28
CA LYS E 119 25.05 2.41 -6.18
C LYS E 119 24.28 1.15 -6.57
N THR E 120 24.10 0.25 -5.61
CA THR E 120 23.39 -0.98 -5.87
C THR E 120 22.93 -1.59 -4.55
N ASP E 121 21.92 -2.44 -4.65
CA ASP E 121 21.48 -3.21 -3.49
C ASP E 121 22.49 -4.32 -3.20
N ASN E 122 22.53 -4.75 -1.93
CA ASN E 122 23.50 -5.76 -1.49
C ASN E 122 23.10 -7.13 -2.00
N GLY E 123 23.20 -7.29 -3.32
CA GLY E 123 22.93 -8.57 -3.92
C GLY E 123 23.97 -9.61 -3.54
N SER E 124 23.57 -10.87 -3.69
CA SER E 124 24.46 -11.98 -3.34
C SER E 124 25.75 -11.97 -4.14
N CYS E 125 25.74 -11.35 -5.33
CA CYS E 125 26.91 -11.32 -6.20
C CYS E 125 27.50 -9.94 -6.41
N PHE E 126 26.76 -8.87 -6.10
CA PHE E 126 27.34 -7.53 -6.19
C PHE E 126 28.49 -7.37 -5.22
N THR E 127 28.33 -7.87 -4.00
CA THR E 127 29.35 -7.78 -2.96
C THR E 127 30.33 -8.95 -3.00
N SER E 128 30.23 -9.82 -4.01
CA SER E 128 31.14 -10.95 -4.12
C SER E 128 32.58 -10.45 -4.23
N LYS E 129 33.50 -11.28 -3.73
CA LYS E 129 34.90 -10.87 -3.69
C LYS E 129 35.45 -10.60 -5.08
N SER E 130 35.11 -11.44 -6.05
CA SER E 130 35.61 -11.25 -7.41
C SER E 130 35.10 -9.95 -8.00
N THR E 131 33.81 -9.66 -7.79
CA THR E 131 33.25 -8.41 -8.27
C THR E 131 33.98 -7.22 -7.65
N ARG E 132 34.22 -7.27 -6.35
CA ARG E 132 34.87 -6.16 -5.66
C ARG E 132 36.28 -5.94 -6.18
N GLU E 133 37.07 -7.01 -6.30
CA GLU E 133 38.45 -6.85 -6.73
C GLU E 133 38.52 -6.40 -8.19
N TRP E 134 37.65 -6.94 -9.04
CA TRP E 134 37.62 -6.51 -10.44
C TRP E 134 37.22 -5.04 -10.55
N LEU E 135 36.24 -4.63 -9.76
CA LEU E 135 35.81 -3.23 -9.79
C LEU E 135 36.93 -2.32 -9.33
N ALA E 136 37.65 -2.71 -8.26
CA ALA E 136 38.79 -1.94 -7.82
C ALA E 136 39.87 -1.89 -8.90
N ARG E 137 40.05 -3.00 -9.62
CA ARG E 137 40.98 -3.02 -10.74
C ARG E 137 40.59 -1.99 -11.79
N TRP E 138 39.30 -1.92 -12.12
CA TRP E 138 38.82 -0.82 -12.96
C TRP E 138 38.99 0.52 -12.26
N GLY E 139 38.70 0.57 -10.96
CA GLY E 139 38.99 1.73 -10.16
C GLY E 139 37.90 2.78 -10.07
N ILE E 140 36.66 2.36 -9.79
CA ILE E 140 35.58 3.28 -9.49
C ILE E 140 34.84 2.76 -8.26
N ALA E 141 34.14 3.67 -7.59
CA ALA E 141 33.61 3.41 -6.25
C ALA E 141 32.47 2.39 -6.30
N HIS E 142 31.95 2.08 -5.10
CA HIS E 142 30.85 1.12 -4.96
C HIS E 142 30.18 1.40 -3.61
N THR E 143 28.92 1.82 -3.65
CA THR E 143 28.18 2.16 -2.45
C THR E 143 26.89 1.36 -2.43
N THR E 144 26.59 0.72 -1.31
CA THR E 144 25.36 -0.03 -1.15
C THR E 144 24.37 0.76 -0.31
N GLY E 145 23.10 0.67 -0.68
CA GLY E 145 22.05 1.27 0.12
C GLY E 145 21.87 0.51 1.42
N ILE E 146 20.88 0.95 2.19
CA ILE E 146 20.60 0.26 3.46
C ILE E 146 20.23 -1.18 3.18
N PRO E 147 20.71 -2.14 3.94
CA PRO E 147 20.48 -3.55 3.61
C PRO E 147 19.05 -4.00 3.83
N GLY E 148 18.19 -3.81 2.83
CA GLY E 148 16.83 -4.30 2.93
C GLY E 148 15.75 -3.45 2.28
N ASN E 149 15.98 -2.16 2.11
CA ASN E 149 15.02 -1.30 1.43
C ASN E 149 15.41 -1.18 -0.04
N SER E 150 14.67 -1.86 -0.91
CA SER E 150 14.87 -1.71 -2.34
C SER E 150 14.17 -0.43 -2.80
N GLN E 151 14.47 0.67 -2.11
CA GLN E 151 13.75 1.90 -2.32
C GLN E 151 14.74 3.07 -2.39
N GLY E 152 15.93 2.86 -1.83
CA GLY E 152 17.00 3.85 -1.96
C GLY E 152 17.59 3.92 -3.35
N GLN E 153 17.42 2.87 -4.14
CA GLN E 153 17.80 2.84 -5.55
C GLN E 153 16.58 3.09 -6.44
N ALA E 154 15.70 3.99 -5.98
CA ALA E 154 14.40 4.15 -6.61
C ALA E 154 14.49 4.46 -8.09
N MET E 155 15.58 5.12 -8.52
CA MET E 155 15.70 5.48 -9.93
C MET E 155 15.86 4.25 -10.81
N VAL E 156 16.75 3.33 -10.44
CA VAL E 156 16.93 2.14 -11.26
C VAL E 156 15.68 1.28 -11.22
N GLU E 157 14.96 1.25 -10.09
CA GLU E 157 13.75 0.45 -10.02
C GLU E 157 12.64 1.05 -10.88
N ARG E 158 12.50 2.37 -10.87
CA ARG E 158 11.49 3.00 -11.71
C ARG E 158 11.82 2.81 -13.19
N ALA E 159 13.09 2.98 -13.56
CA ALA E 159 13.50 2.68 -14.93
C ALA E 159 13.31 1.21 -15.26
N ASN E 160 13.43 0.33 -14.26
CA ASN E 160 13.15 -1.09 -14.43
C ASN E 160 11.69 -1.30 -14.82
N ARG E 161 10.77 -0.67 -14.07
CA ARG E 161 9.36 -0.79 -14.40
C ARG E 161 9.08 -0.24 -15.79
N LEU E 162 9.68 0.90 -16.12
CA LEU E 162 9.49 1.48 -17.45
C LEU E 162 9.98 0.55 -18.54
N LEU E 163 11.16 -0.04 -18.36
CA LEU E 163 11.71 -0.94 -19.37
C LEU E 163 10.85 -2.19 -19.53
N LYS E 164 10.37 -2.74 -18.42
CA LYS E 164 9.49 -3.91 -18.52
C LYS E 164 8.21 -3.54 -19.26
N ASP E 165 7.65 -2.37 -18.98
CA ASP E 165 6.48 -1.91 -19.72
C ASP E 165 6.76 -1.81 -21.21
N LYS E 166 7.89 -1.19 -21.58
CA LYS E 166 8.22 -1.01 -22.98
C LYS E 166 8.43 -2.35 -23.69
N ILE E 167 9.15 -3.27 -23.03
CA ILE E 167 9.41 -4.57 -23.66
C ILE E 167 8.12 -5.36 -23.79
N ARG E 168 7.21 -5.24 -22.81
CA ARG E 168 5.91 -5.89 -22.95
C ARG E 168 5.14 -5.32 -24.13
N VAL E 169 5.16 -4.00 -24.28
CA VAL E 169 4.43 -3.36 -25.37
C VAL E 169 4.97 -3.84 -26.71
N LEU E 170 6.30 -3.89 -26.84
CA LEU E 170 6.90 -4.36 -28.08
C LEU E 170 6.57 -5.83 -28.34
N ALA E 171 6.67 -6.67 -27.30
CA ALA E 171 6.48 -8.10 -27.50
C ALA E 171 5.05 -8.41 -27.91
N GLU E 172 4.06 -7.92 -27.16
CA GLU E 172 2.68 -8.28 -27.49
C GLU E 172 2.09 -7.38 -28.58
N GLY E 173 2.79 -6.32 -28.98
CA GLY E 173 2.42 -5.59 -30.16
C GLY E 173 2.94 -6.20 -31.44
N ASP E 174 3.70 -7.28 -31.34
CA ASP E 174 4.27 -7.96 -32.49
C ASP E 174 3.73 -9.38 -32.67
N GLY E 175 2.92 -9.86 -31.74
CA GLY E 175 2.37 -11.20 -31.86
C GLY E 175 3.10 -12.25 -31.06
N PHE E 176 3.39 -11.95 -29.79
CA PHE E 176 3.99 -12.93 -28.88
C PHE E 176 3.33 -12.69 -27.51
N MET E 177 2.23 -13.42 -27.26
CA MET E 177 1.43 -13.16 -26.07
C MET E 177 2.17 -13.55 -24.80
N LYS E 178 2.76 -14.75 -24.77
CA LYS E 178 3.28 -15.30 -23.53
C LYS E 178 4.80 -15.20 -23.39
N ARG E 179 5.56 -15.45 -24.44
CA ARG E 179 7.01 -15.33 -24.37
C ARG E 179 7.55 -15.09 -25.76
N ILE E 180 8.89 -15.02 -25.86
CA ILE E 180 9.57 -14.57 -27.07
C ILE E 180 10.44 -15.69 -27.62
N PRO E 181 10.46 -15.92 -28.94
CA PRO E 181 11.40 -16.87 -29.50
C PRO E 181 12.84 -16.39 -29.32
N THR E 182 13.75 -17.36 -29.26
CA THR E 182 15.16 -17.04 -29.06
C THR E 182 15.68 -16.13 -30.17
N SER E 183 15.11 -16.23 -31.37
CA SER E 183 15.54 -15.40 -32.49
C SER E 183 15.14 -13.94 -32.36
N LYS E 184 14.22 -13.60 -31.44
CA LYS E 184 13.72 -12.25 -31.32
C LYS E 184 14.25 -11.49 -30.11
N GLN E 185 14.89 -12.18 -29.18
CA GLN E 185 15.30 -11.58 -27.91
C GLN E 185 16.21 -10.37 -28.14
N GLY E 186 17.27 -10.56 -28.93
CA GLY E 186 18.28 -9.53 -29.04
C GLY E 186 17.77 -8.27 -29.71
N GLU E 187 17.03 -8.43 -30.81
CA GLU E 187 16.51 -7.24 -31.47
C GLU E 187 15.42 -6.56 -30.66
N LEU E 188 14.64 -7.31 -29.88
CA LEU E 188 13.72 -6.66 -28.96
C LEU E 188 14.47 -5.80 -27.95
N LEU E 189 15.54 -6.34 -27.36
CA LEU E 189 16.33 -5.57 -26.42
C LEU E 189 16.93 -4.33 -27.08
N ALA E 190 17.44 -4.48 -28.30
CA ALA E 190 18.06 -3.36 -28.98
C ALA E 190 17.04 -2.27 -29.30
N LYS E 191 15.87 -2.66 -29.79
CA LYS E 191 14.83 -1.66 -30.08
C LYS E 191 14.38 -0.97 -28.81
N ALA E 192 14.21 -1.71 -27.72
CA ALA E 192 13.85 -1.10 -26.45
C ALA E 192 14.90 -0.09 -26.01
N MET E 193 16.18 -0.45 -26.16
CA MET E 193 17.26 0.48 -25.82
C MET E 193 17.14 1.75 -26.63
N TYR E 194 16.96 1.60 -27.95
CA TYR E 194 16.94 2.75 -28.84
C TYR E 194 15.76 3.66 -28.54
N ALA E 195 14.61 3.08 -28.21
CA ALA E 195 13.41 3.87 -28.02
C ALA E 195 13.54 4.81 -26.83
N LEU E 196 14.00 4.29 -25.69
CA LEU E 196 14.02 5.12 -24.48
C LEU E 196 15.14 6.14 -24.53
N ASN E 197 16.33 5.73 -24.95
CA ASN E 197 17.50 6.61 -24.85
C ASN E 197 17.42 7.76 -25.84
N HIS E 198 17.08 7.47 -27.09
CA HIS E 198 17.20 8.44 -28.17
C HIS E 198 15.91 9.22 -28.41
N PHE E 199 14.98 9.21 -27.46
CA PHE E 199 13.70 9.89 -27.64
C PHE E 199 13.23 10.45 -26.31
N GLU E 200 12.32 11.43 -26.39
CA GLU E 200 11.83 12.11 -25.20
C GLU E 200 10.91 11.20 -24.39
N ARG E 201 10.90 11.41 -23.08
CA ARG E 201 10.02 10.67 -22.18
C ARG E 201 9.18 11.68 -21.40
N GLY E 202 7.88 11.64 -21.60
CA GLY E 202 7.01 12.58 -20.91
C GLY E 202 7.03 13.93 -21.60
N GLU E 203 7.40 14.97 -20.84
CA GLU E 203 7.35 16.34 -21.33
C GLU E 203 8.70 17.02 -21.45
N ASN E 204 9.76 16.45 -20.88
CA ASN E 204 11.07 17.09 -20.94
C ASN E 204 11.50 17.25 -22.39
N THR E 205 12.07 18.41 -22.70
CA THR E 205 12.42 18.76 -24.07
C THR E 205 13.82 18.29 -24.47
N LYS E 206 14.52 17.58 -23.60
CA LYS E 206 15.91 17.19 -23.85
C LYS E 206 16.02 15.67 -23.86
N THR E 207 16.54 15.14 -24.95
CA THR E 207 16.69 13.69 -25.09
C THR E 207 17.69 13.17 -24.07
N PRO E 208 17.43 11.99 -23.48
CA PRO E 208 18.40 11.45 -22.51
C PRO E 208 19.80 11.31 -23.06
N ILE E 209 19.94 10.88 -24.32
CA ILE E 209 21.28 10.70 -24.88
C ILE E 209 21.97 12.04 -25.08
N GLN E 210 21.24 13.02 -25.61
CA GLN E 210 21.83 14.34 -25.77
C GLN E 210 21.89 15.10 -24.45
N LYS E 211 21.18 14.62 -23.42
CA LYS E 211 21.46 15.07 -22.07
C LYS E 211 22.79 14.53 -21.58
N HIS E 212 23.08 13.26 -21.85
CA HIS E 212 24.30 12.65 -21.36
C HIS E 212 25.54 13.19 -22.05
N TRP E 213 25.52 13.24 -23.38
CA TRP E 213 26.69 13.68 -24.12
C TRP E 213 26.79 15.19 -24.21
N ARG E 214 25.68 15.90 -24.11
CA ARG E 214 25.67 17.37 -24.17
C ARG E 214 24.90 17.91 -22.97
N PRO E 215 25.42 17.71 -21.76
CA PRO E 215 24.71 18.17 -20.58
C PRO E 215 24.87 19.67 -20.36
N THR E 216 23.91 20.24 -19.66
CA THR E 216 23.99 21.63 -19.20
C THR E 216 23.95 21.63 -17.69
N VAL E 217 24.89 22.36 -17.08
CA VAL E 217 24.97 22.49 -15.63
C VAL E 217 25.24 23.95 -15.30
N LEU E 218 24.50 24.47 -14.33
CA LEU E 218 24.66 25.86 -13.93
C LEU E 218 25.86 26.00 -13.00
N THR E 219 26.70 26.99 -13.30
CA THR E 219 27.84 27.29 -12.45
C THR E 219 27.47 28.15 -11.24
N GLU E 220 26.30 28.78 -11.27
CA GLU E 220 25.87 29.62 -10.16
C GLU E 220 24.35 29.74 -10.22
N GLY E 221 23.67 29.24 -9.20
CA GLY E 221 22.23 29.21 -9.20
C GLY E 221 21.62 30.55 -8.84
N PRO E 222 20.31 30.64 -9.03
CA PRO E 222 19.60 31.88 -8.69
C PRO E 222 19.21 31.89 -7.22
N PRO E 223 19.00 33.07 -6.63
CA PRO E 223 18.58 33.12 -5.23
C PRO E 223 17.24 32.43 -5.04
N VAL E 224 17.11 31.74 -3.91
CA VAL E 224 15.89 31.01 -3.57
C VAL E 224 15.58 31.24 -2.09
N LYS E 225 14.42 30.77 -1.67
CA LYS E 225 14.03 30.73 -0.26
C LYS E 225 14.05 29.27 0.18
N ILE E 226 14.77 28.99 1.25
CA ILE E 226 15.16 27.64 1.61
C ILE E 226 14.61 27.31 2.98
N ARG E 227 13.86 26.21 3.07
CA ARG E 227 13.47 25.68 4.37
C ARG E 227 14.68 24.98 4.96
N ILE E 228 15.59 25.78 5.51
CA ILE E 228 16.58 25.22 6.41
C ILE E 228 15.84 24.56 7.56
N GLU E 229 16.42 23.47 8.07
CA GLU E 229 15.77 22.68 9.12
C GLU E 229 15.40 23.53 10.34
N THR E 230 15.82 24.80 10.38
CA THR E 230 15.54 25.70 11.50
C THR E 230 14.06 25.96 11.73
N GLY E 231 13.19 25.40 10.88
CA GLY E 231 11.77 25.56 11.08
C GLY E 231 11.08 26.32 9.97
N GLU E 232 11.72 27.37 9.48
CA GLU E 232 11.13 28.22 8.46
C GLU E 232 12.07 28.44 7.30
N TRP E 233 11.72 29.36 6.41
CA TRP E 233 12.47 29.58 5.18
C TRP E 233 13.61 30.56 5.43
N GLU E 234 14.83 30.08 5.22
CA GLU E 234 16.01 30.94 5.29
C GLU E 234 16.29 31.52 3.90
N LYS E 235 16.78 32.76 3.89
CA LYS E 235 17.08 33.48 2.66
C LYS E 235 18.60 33.55 2.49
N GLY E 236 19.06 33.26 1.27
CA GLY E 236 20.48 33.37 1.02
C GLY E 236 21.20 32.15 0.46
N TRP E 237 20.50 31.29 -0.27
CA TRP E 237 21.13 30.21 -1.01
C TRP E 237 20.70 30.24 -2.46
N ASN E 238 21.37 29.44 -3.29
CA ASN E 238 21.07 29.34 -4.71
C ASN E 238 20.94 27.88 -5.11
N VAL E 239 19.87 27.59 -5.85
CA VAL E 239 19.59 26.22 -6.28
C VAL E 239 20.43 25.89 -7.50
N LEU E 240 21.03 24.70 -7.51
CA LEU E 240 21.79 24.24 -8.66
C LEU E 240 20.88 23.54 -9.67
N VAL E 241 20.19 22.48 -9.24
CA VAL E 241 19.25 21.76 -10.07
C VAL E 241 17.93 21.64 -9.30
N TRP E 242 16.82 21.84 -10.00
CA TRP E 242 15.49 21.75 -9.41
C TRP E 242 14.66 20.82 -10.29
N GLY E 243 14.75 19.52 -10.02
CA GLY E 243 13.92 18.57 -10.73
C GLY E 243 12.46 18.71 -10.31
N ARG E 244 11.59 18.10 -11.11
CA ARG E 244 10.17 18.09 -10.77
C ARG E 244 9.96 17.41 -9.42
N GLY E 245 10.61 16.28 -9.20
CA GLY E 245 10.56 15.63 -7.92
C GLY E 245 11.31 16.39 -6.85
N TYR E 246 12.61 16.58 -7.02
CA TYR E 246 13.45 17.08 -5.94
C TYR E 246 14.62 17.87 -6.50
N ALA E 247 15.27 18.64 -5.63
CA ALA E 247 16.22 19.66 -6.04
C ALA E 247 17.49 19.59 -5.21
N ALA E 248 18.51 20.29 -5.68
CA ALA E 248 19.77 20.49 -4.95
C ALA E 248 20.07 21.98 -4.87
N VAL E 249 20.51 22.42 -3.69
CA VAL E 249 20.76 23.84 -3.44
C VAL E 249 22.18 23.99 -2.90
N LYS E 250 22.75 25.17 -3.11
CA LYS E 250 24.13 25.45 -2.78
C LYS E 250 24.21 26.60 -1.77
N ASN E 251 25.19 26.52 -0.87
CA ASN E 251 25.48 27.63 0.02
C ASN E 251 26.20 28.73 -0.73
N ARG E 252 26.10 29.95 -0.20
CA ARG E 252 26.79 31.08 -0.80
C ARG E 252 28.20 31.28 -0.26
N ASP E 253 28.50 30.75 0.91
CA ASP E 253 29.84 30.84 1.47
C ASP E 253 30.46 29.49 1.79
N THR E 254 29.66 28.55 2.32
CA THR E 254 30.18 27.24 2.65
C THR E 254 30.38 26.39 1.40
N ASP E 255 29.70 26.73 0.31
CA ASP E 255 29.79 26.01 -0.96
C ASP E 255 29.46 24.53 -0.79
N LYS E 256 28.30 24.27 -0.20
CA LYS E 256 27.83 22.91 0.02
C LYS E 256 26.77 22.55 -1.00
N VAL E 257 26.93 21.38 -1.61
CA VAL E 257 25.93 20.81 -2.50
C VAL E 257 25.11 19.82 -1.69
N ILE E 258 23.80 20.01 -1.63
CA ILE E 258 22.94 19.24 -0.76
C ILE E 258 21.69 18.80 -1.53
N TRP E 259 21.29 17.55 -1.34
CA TRP E 259 20.09 17.01 -1.96
C TRP E 259 18.94 17.11 -0.95
N VAL E 260 17.93 17.90 -1.31
CA VAL E 260 16.89 18.34 -0.38
C VAL E 260 15.53 18.09 -1.01
N PRO E 261 14.50 17.75 -0.23
CA PRO E 261 13.15 17.69 -0.80
C PRO E 261 12.72 19.02 -1.40
N SER E 262 12.08 18.93 -2.57
CA SER E 262 11.74 20.14 -3.33
C SER E 262 10.76 21.03 -2.58
N ARG E 263 10.00 20.48 -1.65
CA ARG E 263 9.09 21.32 -0.87
C ARG E 263 9.84 22.27 0.04
N LYS E 264 11.10 21.97 0.35
CA LYS E 264 11.89 22.79 1.25
C LYS E 264 12.49 24.01 0.58
N VAL E 265 12.24 24.23 -0.70
CA VAL E 265 12.80 25.37 -1.42
C VAL E 265 11.68 26.08 -2.16
N LYS E 266 11.76 27.41 -2.21
CA LYS E 266 10.87 28.22 -3.03
C LYS E 266 11.66 29.42 -3.52
N PRO E 267 11.23 30.06 -4.61
CA PRO E 267 12.01 31.15 -5.19
C PRO E 267 12.15 32.33 -4.23
N ASP E 268 13.28 33.02 -4.35
CA ASP E 268 13.56 34.21 -3.55
C ASP E 268 12.96 35.44 -4.19
N ILE E 269 12.43 36.33 -3.34
CA ILE E 269 11.95 37.65 -3.72
C ILE E 269 11.15 37.66 -5.03
N GLY F 56 29.45 16.19 -42.27
CA GLY F 56 28.67 16.09 -41.05
C GLY F 56 28.65 14.68 -40.49
N PRO F 57 28.44 14.57 -39.18
CA PRO F 57 28.39 13.25 -38.55
C PRO F 57 27.13 12.49 -38.93
N LEU F 58 27.22 11.17 -38.82
CA LEU F 58 26.09 10.26 -39.03
C LEU F 58 25.49 10.43 -40.43
N GLN F 59 26.31 10.16 -41.44
CA GLN F 59 25.87 10.22 -42.83
C GLN F 59 26.07 8.90 -43.57
N ILE F 60 27.20 8.24 -43.37
CA ILE F 60 27.53 7.00 -44.07
C ILE F 60 28.06 6.01 -43.06
N TRP F 61 27.67 4.74 -43.21
CA TRP F 61 28.21 3.65 -42.41
C TRP F 61 28.86 2.62 -43.32
N GLN F 62 29.51 1.65 -42.69
CA GLN F 62 30.21 0.58 -43.41
C GLN F 62 30.12 -0.69 -42.58
N THR F 63 30.17 -1.83 -43.25
CA THR F 63 29.97 -3.10 -42.56
C THR F 63 30.66 -4.22 -43.34
N ASP F 64 31.06 -5.25 -42.63
CA ASP F 64 31.55 -6.52 -43.18
C ASP F 64 31.58 -7.52 -42.04
N PHE F 65 32.07 -8.72 -42.32
CA PHE F 65 32.30 -9.74 -41.31
C PHE F 65 33.80 -9.98 -41.15
N THR F 66 34.14 -10.84 -40.20
CA THR F 66 35.53 -11.23 -39.97
C THR F 66 35.53 -12.51 -39.15
N LEU F 67 36.21 -13.53 -39.66
CA LEU F 67 36.29 -14.80 -38.95
C LEU F 67 37.40 -14.73 -37.91
N GLU F 68 37.06 -15.08 -36.66
CA GLU F 68 38.02 -15.03 -35.55
C GLU F 68 38.18 -16.41 -34.94
N PRO F 69 39.22 -17.16 -35.33
CA PRO F 69 39.44 -18.48 -34.72
C PRO F 69 39.68 -18.43 -33.22
N ARG F 70 40.27 -17.34 -32.72
CA ARG F 70 40.51 -17.20 -31.29
C ARG F 70 39.23 -17.16 -30.46
N MET F 71 38.06 -17.24 -31.09
CA MET F 71 36.82 -16.97 -30.40
C MET F 71 35.79 -18.04 -30.75
N ALA F 72 36.19 -19.30 -30.65
CA ALA F 72 35.28 -20.41 -30.88
C ALA F 72 34.26 -20.49 -29.74
N PRO F 73 33.06 -21.03 -30.01
CA PRO F 73 32.58 -21.48 -31.32
C PRO F 73 31.95 -20.36 -32.11
N ARG F 74 31.60 -19.28 -31.41
CA ARG F 74 31.03 -18.08 -32.04
C ARG F 74 32.18 -17.33 -32.74
N SER F 75 32.63 -17.90 -33.84
CA SER F 75 33.83 -17.42 -34.51
C SER F 75 33.56 -16.38 -35.59
N TRP F 76 32.31 -16.00 -35.81
CA TRP F 76 31.96 -15.01 -36.83
C TRP F 76 31.65 -13.69 -36.16
N LEU F 77 32.32 -12.63 -36.60
CA LEU F 77 32.25 -11.32 -35.97
C LEU F 77 31.87 -10.27 -36.99
N ALA F 78 30.91 -9.42 -36.64
CA ALA F 78 30.47 -8.32 -37.49
C ALA F 78 31.00 -6.99 -36.95
N VAL F 79 31.33 -6.09 -37.87
CA VAL F 79 31.88 -4.78 -37.53
C VAL F 79 31.11 -3.72 -38.30
N THR F 80 30.68 -2.67 -37.59
CA THR F 80 30.02 -1.53 -38.20
C THR F 80 30.79 -0.27 -37.84
N VAL F 81 31.11 0.54 -38.85
CA VAL F 81 31.98 1.69 -38.70
C VAL F 81 31.30 2.92 -39.27
N ASP F 82 31.30 4.01 -38.50
CA ASP F 82 30.92 5.30 -39.04
C ASP F 82 32.05 5.86 -39.89
N THR F 83 31.70 6.70 -40.85
CA THR F 83 32.68 7.33 -41.72
C THR F 83 33.08 8.72 -41.26
N ALA F 84 32.12 9.54 -40.81
CA ALA F 84 32.43 10.90 -40.39
C ALA F 84 33.13 10.97 -39.05
N SER F 85 33.05 9.92 -38.23
CA SER F 85 33.67 9.91 -36.92
C SER F 85 34.51 8.67 -36.64
N SER F 86 34.47 7.66 -37.49
CA SER F 86 35.23 6.43 -37.30
C SER F 86 34.92 5.76 -35.96
N ALA F 87 33.65 5.83 -35.56
CA ALA F 87 33.20 5.14 -34.36
C ALA F 87 32.94 3.68 -34.71
N ILE F 88 33.53 2.76 -33.96
CA ILE F 88 33.48 1.34 -34.28
C ILE F 88 32.49 0.66 -33.35
N VAL F 89 31.56 -0.09 -33.93
CA VAL F 89 30.60 -0.88 -33.18
C VAL F 89 30.65 -2.30 -33.71
N VAL F 90 30.80 -3.27 -32.81
CA VAL F 90 30.94 -4.67 -33.20
C VAL F 90 29.97 -5.52 -32.38
N THR F 91 29.54 -6.63 -32.99
CA THR F 91 28.74 -7.63 -32.30
C THR F 91 29.00 -8.95 -33.02
N GLN F 92 28.78 -10.06 -32.31
CA GLN F 92 29.32 -11.33 -32.73
C GLN F 92 28.21 -12.38 -32.78
N HIS F 93 28.31 -13.29 -33.76
CA HIS F 93 27.32 -14.33 -33.94
C HIS F 93 28.01 -15.60 -34.43
N GLY F 94 27.52 -16.75 -33.95
CA GLY F 94 28.15 -18.01 -34.32
C GLY F 94 28.01 -18.34 -35.79
N ARG F 95 26.82 -18.13 -36.33
CA ARG F 95 26.51 -18.50 -37.71
C ARG F 95 26.17 -17.26 -38.53
N VAL F 96 26.57 -17.29 -39.80
CA VAL F 96 26.30 -16.19 -40.72
C VAL F 96 24.93 -16.45 -41.34
N THR F 97 23.89 -16.00 -40.66
CA THR F 97 22.54 -16.04 -41.17
C THR F 97 22.02 -14.62 -41.32
N SER F 98 20.75 -14.50 -41.66
CA SER F 98 20.12 -13.19 -41.66
C SER F 98 19.89 -12.71 -40.23
N VAL F 99 19.08 -13.46 -39.47
CA VAL F 99 18.52 -12.96 -38.22
C VAL F 99 19.62 -12.44 -37.30
N ALA F 100 20.74 -13.16 -37.23
CA ALA F 100 21.86 -12.72 -36.41
C ALA F 100 22.39 -11.37 -36.85
N VAL F 101 22.50 -11.15 -38.17
CA VAL F 101 23.14 -9.92 -38.60
C VAL F 101 22.17 -8.74 -38.54
N GLN F 102 20.84 -8.94 -38.68
CA GLN F 102 20.01 -7.76 -38.36
C GLN F 102 19.97 -7.51 -36.87
N HIS F 103 20.15 -8.53 -36.04
CA HIS F 103 20.37 -8.28 -34.63
C HIS F 103 21.59 -7.36 -34.44
N HIS F 104 22.67 -7.67 -35.17
CA HIS F 104 23.85 -6.81 -35.13
C HIS F 104 23.53 -5.38 -35.52
N TRP F 105 22.86 -5.20 -36.66
CA TRP F 105 22.59 -3.84 -37.12
C TRP F 105 21.70 -3.10 -36.13
N ALA F 106 20.72 -3.80 -35.55
CA ALA F 106 19.85 -3.16 -34.57
C ALA F 106 20.64 -2.69 -33.36
N THR F 107 21.54 -3.53 -32.86
CA THR F 107 22.36 -3.11 -31.72
C THR F 107 23.22 -1.91 -32.08
N ALA F 108 23.82 -1.92 -33.28
CA ALA F 108 24.66 -0.82 -33.70
C ALA F 108 23.87 0.47 -33.82
N ILE F 109 22.63 0.38 -34.33
CA ILE F 109 21.77 1.56 -34.39
C ILE F 109 21.46 2.06 -33.00
N ALA F 110 21.16 1.14 -32.07
CA ALA F 110 20.82 1.55 -30.72
C ALA F 110 21.96 2.29 -30.04
N VAL F 111 23.20 1.78 -30.19
CA VAL F 111 24.32 2.39 -29.50
C VAL F 111 24.67 3.75 -30.10
N LEU F 112 24.47 3.91 -31.41
CA LEU F 112 24.97 5.10 -32.09
C LEU F 112 23.91 5.98 -32.71
N GLY F 113 22.78 5.42 -33.15
CA GLY F 113 21.72 6.19 -33.75
C GLY F 113 21.35 5.63 -35.10
N ARG F 114 20.53 6.38 -35.83
CA ARG F 114 20.06 5.94 -37.13
C ARG F 114 20.89 6.62 -38.22
N PRO F 115 21.67 5.89 -39.01
CA PRO F 115 22.46 6.52 -40.07
C PRO F 115 21.61 6.92 -41.27
N LYS F 116 22.26 7.37 -42.34
CA LYS F 116 21.56 7.72 -43.57
C LYS F 116 21.82 6.74 -44.70
N ALA F 117 22.95 6.03 -44.69
CA ALA F 117 23.25 5.07 -45.74
C ALA F 117 24.23 4.05 -45.21
N ILE F 118 24.08 2.81 -45.67
CA ILE F 118 24.97 1.71 -45.30
C ILE F 118 25.49 1.07 -46.58
N LYS F 119 26.82 1.05 -46.72
CA LYS F 119 27.47 0.41 -47.85
C LYS F 119 28.12 -0.89 -47.37
N THR F 120 28.08 -1.91 -48.22
CA THR F 120 28.64 -3.21 -47.86
C THR F 120 28.93 -3.99 -49.14
N ASP F 121 29.19 -5.28 -48.97
CA ASP F 121 29.48 -6.19 -50.07
C ASP F 121 28.19 -6.63 -50.75
N ASN F 122 28.28 -7.67 -51.58
CA ASN F 122 27.13 -8.32 -52.19
C ASN F 122 26.91 -9.70 -51.58
N GLY F 123 27.07 -9.80 -50.26
CA GLY F 123 26.91 -11.08 -49.58
C GLY F 123 25.49 -11.61 -49.69
N SER F 124 25.37 -12.89 -49.32
CA SER F 124 24.09 -13.59 -49.46
C SER F 124 22.98 -12.86 -48.71
N CYS F 125 23.21 -12.58 -47.42
CA CYS F 125 22.18 -11.92 -46.63
C CYS F 125 22.13 -10.42 -46.87
N PHE F 126 23.28 -9.80 -47.17
CA PHE F 126 23.35 -8.33 -47.20
C PHE F 126 22.36 -7.72 -48.17
N THR F 127 22.03 -8.43 -49.25
CA THR F 127 21.01 -7.99 -50.19
C THR F 127 19.76 -8.84 -50.16
N SER F 128 19.69 -9.84 -49.27
CA SER F 128 18.52 -10.69 -49.19
C SER F 128 17.28 -9.86 -48.85
N LYS F 129 16.13 -10.47 -49.09
CA LYS F 129 14.86 -9.76 -48.91
C LYS F 129 14.71 -9.27 -47.47
N SER F 130 14.62 -10.21 -46.52
CA SER F 130 14.42 -9.87 -45.11
C SER F 130 15.18 -8.62 -44.73
N THR F 131 16.48 -8.61 -45.02
CA THR F 131 17.31 -7.42 -44.79
C THR F 131 16.80 -6.23 -45.59
N ARG F 132 16.38 -6.46 -46.83
CA ARG F 132 15.99 -5.34 -47.70
C ARG F 132 14.76 -4.63 -47.17
N GLU F 133 13.68 -5.36 -46.89
CA GLU F 133 12.50 -4.66 -46.38
C GLU F 133 12.70 -4.20 -44.94
N TRP F 134 13.52 -4.91 -44.15
CA TRP F 134 13.86 -4.41 -42.82
C TRP F 134 14.50 -3.04 -42.94
N LEU F 135 15.40 -2.88 -43.89
CA LEU F 135 16.11 -1.62 -44.04
C LEU F 135 15.18 -0.54 -44.60
N ALA F 136 14.31 -0.92 -45.54
CA ALA F 136 13.36 0.04 -46.09
C ALA F 136 12.40 0.54 -45.02
N ARG F 137 11.92 -0.37 -44.17
CA ARG F 137 11.07 0.04 -43.05
C ARG F 137 11.84 0.95 -42.10
N TRP F 138 13.11 0.64 -41.85
CA TRP F 138 13.96 1.58 -41.12
C TRP F 138 14.17 2.86 -41.91
N GLY F 139 14.14 2.78 -43.24
CA GLY F 139 14.33 3.95 -44.07
C GLY F 139 15.78 4.36 -44.18
N ILE F 140 16.65 3.39 -44.48
CA ILE F 140 18.07 3.64 -44.66
C ILE F 140 18.46 3.20 -46.07
N ALA F 141 19.30 3.99 -46.73
CA ALA F 141 19.67 3.74 -48.12
C ALA F 141 20.76 2.67 -48.16
N HIS F 142 20.41 1.49 -48.66
CA HIS F 142 21.42 0.44 -48.80
C HIS F 142 22.36 0.76 -49.95
N THR F 143 23.58 0.23 -49.84
CA THR F 143 24.53 0.33 -50.92
C THR F 143 25.39 -0.92 -50.92
N THR F 144 25.66 -1.45 -52.10
CA THR F 144 26.51 -2.61 -52.28
C THR F 144 27.74 -2.19 -53.09
N GLY F 145 28.56 -3.18 -53.46
CA GLY F 145 29.73 -2.89 -54.24
C GLY F 145 30.56 -4.15 -54.43
N ILE F 146 31.72 -3.98 -55.06
CA ILE F 146 32.63 -5.11 -55.24
C ILE F 146 33.04 -5.64 -53.88
N PRO F 147 33.00 -6.96 -53.65
CA PRO F 147 33.30 -7.48 -52.31
C PRO F 147 34.76 -7.32 -51.94
N GLY F 148 35.14 -6.09 -51.58
CA GLY F 148 36.51 -5.79 -51.24
C GLY F 148 37.01 -4.51 -51.89
N ASN F 149 36.11 -3.80 -52.56
CA ASN F 149 36.47 -2.56 -53.23
C ASN F 149 36.89 -1.50 -52.21
N SER F 150 37.81 -0.65 -52.62
CA SER F 150 38.37 0.40 -51.76
C SER F 150 37.41 1.55 -51.50
N GLN F 151 36.14 1.45 -51.90
CA GLN F 151 35.17 2.51 -51.69
C GLN F 151 34.08 2.09 -50.73
N GLY F 152 33.38 0.98 -51.01
CA GLY F 152 32.42 0.45 -50.06
C GLY F 152 33.05 -0.16 -48.84
N GLN F 153 34.32 -0.54 -48.93
CA GLN F 153 35.10 -1.08 -47.82
C GLN F 153 36.39 -0.29 -47.66
N ALA F 154 36.27 1.04 -47.62
CA ALA F 154 37.45 1.89 -47.48
C ALA F 154 38.00 1.82 -46.05
N MET F 155 37.13 1.91 -45.05
CA MET F 155 37.55 1.95 -43.65
C MET F 155 37.29 0.64 -42.92
N VAL F 156 36.51 -0.27 -43.51
CA VAL F 156 36.14 -1.50 -42.82
C VAL F 156 37.39 -2.33 -42.50
N GLU F 157 38.28 -2.46 -43.47
CA GLU F 157 39.47 -3.28 -43.25
C GLU F 157 40.43 -2.63 -42.26
N ARG F 158 40.50 -1.30 -42.24
CA ARG F 158 41.30 -0.61 -41.23
C ARG F 158 40.75 -0.88 -39.84
N ALA F 159 39.42 -0.78 -39.69
CA ALA F 159 38.81 -1.12 -38.40
C ALA F 159 39.03 -2.58 -38.07
N ASN F 160 38.99 -3.45 -39.07
CA ASN F 160 39.19 -4.88 -38.84
C ASN F 160 40.58 -5.18 -38.32
N ARG F 161 41.61 -4.57 -38.93
CA ARG F 161 42.97 -4.81 -38.46
C ARG F 161 43.18 -4.19 -37.08
N LEU F 162 42.60 -3.01 -36.83
CA LEU F 162 42.69 -2.42 -35.50
C LEU F 162 42.07 -3.34 -34.45
N LEU F 163 40.88 -3.87 -34.75
CA LEU F 163 40.20 -4.73 -33.80
C LEU F 163 40.96 -6.03 -33.60
N LYS F 164 41.49 -6.59 -34.69
CA LYS F 164 42.23 -7.85 -34.61
C LYS F 164 43.51 -7.69 -33.82
N ASP F 165 44.13 -6.51 -33.88
CA ASP F 165 45.26 -6.24 -33.00
C ASP F 165 44.80 -6.10 -31.55
N LYS F 166 43.70 -5.39 -31.32
CA LYS F 166 43.27 -5.12 -29.96
C LYS F 166 42.84 -6.40 -29.23
N ILE F 167 42.10 -7.28 -29.93
CA ILE F 167 41.60 -8.49 -29.28
C ILE F 167 42.75 -9.36 -28.80
N ARG F 168 43.75 -9.57 -29.67
CA ARG F 168 44.90 -10.35 -29.24
C ARG F 168 45.64 -9.64 -28.12
N VAL F 169 45.97 -8.35 -28.31
CA VAL F 169 46.64 -7.57 -27.29
C VAL F 169 46.03 -7.81 -25.92
N LEU F 170 44.70 -7.75 -25.85
CA LEU F 170 44.03 -8.00 -24.57
C LEU F 170 44.09 -9.48 -24.18
N ALA F 171 44.05 -10.40 -25.14
CA ALA F 171 44.11 -11.82 -24.80
C ALA F 171 45.47 -12.19 -24.18
N GLU F 172 46.54 -11.64 -24.72
CA GLU F 172 47.84 -11.76 -24.06
C GLU F 172 47.88 -10.96 -22.77
N GLY F 173 47.11 -9.86 -22.70
CA GLY F 173 47.06 -9.10 -21.46
C GLY F 173 46.54 -9.91 -20.29
N ASP F 174 45.47 -10.66 -20.51
CA ASP F 174 44.97 -11.60 -19.52
C ASP F 174 45.48 -13.03 -19.76
N GLY F 175 46.48 -13.18 -20.63
CA GLY F 175 47.14 -14.46 -20.83
C GLY F 175 46.28 -15.55 -21.43
N PHE F 176 45.52 -15.21 -22.48
CA PHE F 176 44.73 -16.19 -23.22
C PHE F 176 45.32 -16.30 -24.62
N MET F 177 45.70 -17.52 -25.00
CA MET F 177 46.44 -17.74 -26.24
C MET F 177 45.56 -18.25 -27.38
N LYS F 178 44.91 -19.40 -27.16
CA LYS F 178 44.26 -20.10 -28.28
C LYS F 178 42.80 -19.69 -28.46
N ARG F 179 42.02 -19.69 -27.38
CA ARG F 179 40.59 -19.40 -27.48
C ARG F 179 40.07 -19.06 -26.09
N ILE F 180 39.60 -17.83 -25.92
CA ILE F 180 39.08 -17.40 -24.62
C ILE F 180 37.79 -18.15 -24.33
N PRO F 181 37.57 -18.61 -23.09
CA PRO F 181 36.33 -19.33 -22.78
C PRO F 181 35.10 -18.47 -23.04
N THR F 182 33.98 -19.14 -23.32
CA THR F 182 32.73 -18.47 -23.68
C THR F 182 32.29 -17.44 -22.65
N SER F 183 32.80 -17.49 -21.43
CA SER F 183 32.40 -16.54 -20.40
C SER F 183 32.95 -15.14 -20.65
N LYS F 184 34.23 -15.04 -21.00
CA LYS F 184 34.91 -13.74 -21.08
C LYS F 184 34.84 -13.11 -22.46
N GLN F 185 34.14 -13.72 -23.40
CA GLN F 185 34.05 -13.18 -24.76
C GLN F 185 33.39 -11.81 -24.77
N GLY F 186 32.22 -11.70 -24.14
CA GLY F 186 31.52 -10.43 -24.12
C GLY F 186 32.26 -9.34 -23.39
N GLU F 187 32.87 -9.69 -22.25
CA GLU F 187 33.68 -8.71 -21.52
C GLU F 187 34.85 -8.22 -22.35
N LEU F 188 35.52 -9.15 -23.05
CA LEU F 188 36.62 -8.77 -23.92
C LEU F 188 36.14 -7.81 -25.02
N LEU F 189 35.00 -8.14 -25.63
CA LEU F 189 34.48 -7.28 -26.70
C LEU F 189 34.13 -5.90 -26.17
N ALA F 190 33.52 -5.83 -24.98
CA ALA F 190 33.17 -4.53 -24.40
C ALA F 190 34.42 -3.72 -24.09
N LYS F 191 35.44 -4.36 -23.52
CA LYS F 191 36.67 -3.65 -23.22
C LYS F 191 37.33 -3.13 -24.49
N ALA F 192 37.35 -3.94 -25.54
CA ALA F 192 37.92 -3.51 -26.81
C ALA F 192 37.14 -2.34 -27.39
N MET F 193 35.81 -2.39 -27.30
CA MET F 193 34.99 -1.30 -27.80
C MET F 193 35.29 0.00 -27.05
N TYR F 194 35.39 -0.09 -25.72
CA TYR F 194 35.73 1.09 -24.93
C TYR F 194 37.08 1.65 -25.32
N ALA F 195 38.07 0.76 -25.48
CA ALA F 195 39.41 1.22 -25.85
C ALA F 195 39.43 1.89 -27.22
N LEU F 196 38.73 1.30 -28.19
CA LEU F 196 38.77 1.83 -29.55
C LEU F 196 37.99 3.13 -29.67
N ASN F 197 36.88 3.25 -28.95
CA ASN F 197 35.97 4.38 -29.16
C ASN F 197 36.37 5.61 -28.34
N HIS F 198 36.45 5.47 -27.02
CA HIS F 198 36.62 6.62 -26.16
C HIS F 198 38.05 7.14 -26.10
N PHE F 199 39.03 6.31 -26.45
CA PHE F 199 40.42 6.72 -26.40
C PHE F 199 40.86 7.28 -27.74
N GLU F 200 42.17 7.45 -27.91
CA GLU F 200 42.75 8.00 -29.12
C GLU F 200 43.79 7.03 -29.66
N ARG F 201 43.62 6.63 -30.93
CA ARG F 201 44.67 5.94 -31.66
C ARG F 201 45.23 6.77 -32.80
N GLY F 202 44.50 7.77 -33.28
CA GLY F 202 45.02 8.72 -34.24
C GLY F 202 45.98 9.67 -33.54
N GLU F 203 46.24 10.79 -34.22
CA GLU F 203 47.13 11.80 -33.66
C GLU F 203 46.46 13.16 -33.61
N ASN F 204 45.16 13.18 -33.36
CA ASN F 204 44.37 14.39 -33.24
C ASN F 204 43.93 14.59 -31.80
N THR F 205 43.17 15.66 -31.57
CA THR F 205 42.69 16.03 -30.24
C THR F 205 41.20 15.75 -30.08
N LYS F 206 40.66 14.82 -30.85
CA LYS F 206 39.23 14.51 -30.80
C LYS F 206 39.04 13.00 -30.92
N THR F 207 38.56 12.39 -29.85
CA THR F 207 38.17 10.99 -29.90
C THR F 207 36.93 10.84 -30.76
N PRO F 208 36.66 9.64 -31.28
CA PRO F 208 35.44 9.45 -32.08
C PRO F 208 34.19 9.91 -31.37
N ILE F 209 34.09 9.65 -30.07
CA ILE F 209 32.99 10.17 -29.28
C ILE F 209 32.99 11.69 -29.32
N GLN F 210 34.18 12.29 -29.16
CA GLN F 210 34.29 13.74 -29.32
C GLN F 210 33.94 14.17 -30.73
N LYS F 211 34.22 13.33 -31.72
CA LYS F 211 33.79 13.62 -33.09
C LYS F 211 32.30 13.37 -33.28
N HIS F 212 31.78 12.32 -32.65
CA HIS F 212 30.44 11.84 -32.99
C HIS F 212 29.34 12.72 -32.37
N TRP F 213 29.31 12.79 -31.05
CA TRP F 213 28.19 13.41 -30.34
C TRP F 213 28.32 14.91 -30.17
N ARG F 214 29.42 15.51 -30.61
CA ARG F 214 29.74 16.90 -30.30
C ARG F 214 29.63 17.14 -28.80
N PRO F 215 30.41 16.42 -27.99
CA PRO F 215 30.23 16.49 -26.54
C PRO F 215 30.77 17.77 -25.95
N THR F 216 29.86 18.66 -25.55
CA THR F 216 30.20 19.89 -24.85
C THR F 216 29.54 19.86 -23.47
N VAL F 217 29.82 20.90 -22.69
CA VAL F 217 29.21 21.07 -21.38
C VAL F 217 28.54 22.44 -21.40
N LEU F 218 27.23 22.46 -21.64
CA LEU F 218 26.52 23.72 -21.71
C LEU F 218 26.37 24.34 -20.32
N THR F 219 26.04 25.62 -20.32
CA THR F 219 25.82 26.37 -19.09
C THR F 219 24.47 27.07 -19.06
N GLU F 220 23.79 27.23 -20.20
CA GLU F 220 22.58 28.02 -20.28
C GLU F 220 21.45 27.18 -20.87
N GLY F 221 20.23 27.42 -20.39
CA GLY F 221 19.06 26.79 -20.93
C GLY F 221 18.62 27.44 -22.22
N PRO F 222 17.51 26.96 -22.78
CA PRO F 222 17.06 27.52 -24.06
C PRO F 222 16.63 28.97 -23.90
N PRO F 223 16.79 29.79 -24.92
CA PRO F 223 16.31 31.17 -24.85
C PRO F 223 14.79 31.25 -24.94
N VAL F 224 14.22 32.12 -24.12
CA VAL F 224 12.78 32.35 -24.10
C VAL F 224 12.52 33.84 -24.11
N LYS F 225 11.45 34.24 -24.79
CA LYS F 225 11.03 35.63 -24.83
C LYS F 225 10.14 35.90 -23.62
N ILE F 226 10.62 36.70 -22.69
CA ILE F 226 9.85 37.03 -21.50
C ILE F 226 8.90 38.17 -21.83
N ARG F 227 7.75 38.18 -21.18
CA ARG F 227 6.84 39.32 -21.25
C ARG F 227 7.17 40.30 -20.14
N ILE F 228 7.16 41.58 -20.46
CA ILE F 228 7.38 42.62 -19.48
C ILE F 228 6.03 43.09 -18.96
N GLU F 229 6.06 43.79 -17.83
CA GLU F 229 4.82 44.18 -17.15
C GLU F 229 3.91 45.01 -18.04
N THR F 230 4.48 45.78 -18.97
CA THR F 230 3.66 46.56 -19.89
C THR F 230 2.97 45.69 -20.92
N GLY F 231 3.30 44.41 -21.01
CA GLY F 231 2.65 43.49 -21.93
C GLY F 231 3.43 43.13 -23.17
N GLU F 232 4.69 43.54 -23.28
CA GLU F 232 5.48 43.28 -24.48
C GLU F 232 6.38 42.07 -24.26
N TRP F 233 6.35 41.15 -25.22
CA TRP F 233 7.31 40.06 -25.27
C TRP F 233 8.71 40.62 -25.49
N GLU F 234 9.71 39.93 -24.97
CA GLU F 234 11.07 40.45 -25.06
C GLU F 234 12.05 39.29 -25.03
N LYS F 235 12.76 39.11 -26.15
CA LYS F 235 13.78 38.07 -26.26
C LYS F 235 15.06 38.56 -25.57
N GLY F 236 16.17 37.89 -25.82
CA GLY F 236 17.40 38.22 -25.11
C GLY F 236 17.45 37.67 -23.71
N TRP F 237 16.62 36.68 -23.40
CA TRP F 237 16.57 36.06 -22.08
C TRP F 237 16.57 34.56 -22.22
N ASN F 238 17.27 33.89 -21.31
CA ASN F 238 17.40 32.44 -21.32
C ASN F 238 17.08 31.90 -19.94
N VAL F 239 16.17 30.92 -19.89
CA VAL F 239 15.73 30.36 -18.63
C VAL F 239 16.84 29.51 -18.01
N LEU F 240 16.84 29.43 -16.68
CA LEU F 240 17.80 28.61 -15.95
C LEU F 240 17.11 27.45 -15.24
N VAL F 241 16.14 27.75 -14.37
CA VAL F 241 15.50 26.76 -13.52
C VAL F 241 14.00 26.84 -13.72
N TRP F 242 13.37 25.71 -14.00
CA TRP F 242 11.91 25.65 -14.18
C TRP F 242 11.22 25.25 -12.88
N GLY F 243 11.41 26.08 -11.86
CA GLY F 243 10.68 25.90 -10.63
C GLY F 243 9.19 26.11 -10.83
N ARG F 244 8.41 25.50 -9.94
CA ARG F 244 6.96 25.59 -10.06
C ARG F 244 6.50 27.03 -9.80
N GLY F 245 5.54 27.49 -10.61
CA GLY F 245 5.03 28.83 -10.47
C GLY F 245 5.99 29.89 -10.97
N TYR F 246 7.25 29.80 -10.55
CA TYR F 246 8.25 30.82 -10.83
C TYR F 246 9.43 30.18 -11.53
N ALA F 247 9.87 30.80 -12.62
CA ALA F 247 11.04 30.34 -13.37
C ALA F 247 12.11 31.42 -13.32
N ALA F 248 13.35 31.01 -13.10
CA ALA F 248 14.47 31.94 -13.03
C ALA F 248 15.05 32.12 -14.43
N VAL F 249 15.09 33.37 -14.89
CA VAL F 249 15.58 33.69 -16.22
C VAL F 249 16.65 34.76 -16.10
N LYS F 250 17.69 34.64 -16.91
CA LYS F 250 18.88 35.49 -16.82
C LYS F 250 18.99 36.36 -18.07
N ASN F 251 19.29 37.64 -17.85
CA ASN F 251 19.50 38.56 -18.96
C ASN F 251 20.76 38.17 -19.72
N ARG F 252 20.60 37.87 -21.01
CA ARG F 252 21.71 37.36 -21.80
C ARG F 252 22.91 38.30 -21.82
N ASP F 253 22.69 39.60 -21.60
CA ASP F 253 23.79 40.57 -21.61
C ASP F 253 24.41 40.74 -20.23
N THR F 254 23.61 41.16 -19.25
CA THR F 254 24.11 41.54 -17.94
C THR F 254 24.31 40.36 -17.00
N ASP F 255 23.96 39.14 -17.42
CA ASP F 255 24.06 37.95 -16.58
C ASP F 255 23.29 38.14 -15.27
N LYS F 256 22.11 38.76 -15.38
CA LYS F 256 21.27 39.06 -14.22
C LYS F 256 20.05 38.14 -14.24
N VAL F 257 19.89 37.37 -13.17
CA VAL F 257 18.77 36.44 -13.05
C VAL F 257 17.63 37.13 -12.34
N ILE F 258 16.41 36.65 -12.57
CA ILE F 258 15.21 37.22 -11.95
C ILE F 258 14.14 36.13 -11.91
N TRP F 259 13.34 36.14 -10.86
CA TRP F 259 12.23 35.21 -10.71
C TRP F 259 10.98 35.80 -11.35
N VAL F 260 10.35 35.02 -12.23
CA VAL F 260 9.25 35.50 -13.04
C VAL F 260 8.14 34.45 -13.07
N PRO F 261 6.86 34.84 -13.06
CA PRO F 261 5.79 33.85 -13.14
C PRO F 261 5.87 33.01 -14.40
N SER F 262 5.24 31.84 -14.35
CA SER F 262 5.35 30.87 -15.44
C SER F 262 4.75 31.42 -16.73
N ARG F 263 3.50 31.87 -16.68
CA ARG F 263 2.82 32.32 -17.89
C ARG F 263 3.37 33.63 -18.44
N LYS F 264 4.19 34.34 -17.67
CA LYS F 264 4.80 35.58 -18.13
C LYS F 264 5.91 35.34 -19.15
N VAL F 265 6.33 34.10 -19.38
CA VAL F 265 7.42 33.79 -20.29
C VAL F 265 6.97 32.76 -21.31
N LYS F 266 7.43 32.93 -22.54
CA LYS F 266 7.20 32.02 -23.65
C LYS F 266 8.52 31.73 -24.35
N PRO F 267 8.65 30.56 -24.98
CA PRO F 267 9.90 30.24 -25.68
C PRO F 267 10.19 31.21 -26.80
N ASP F 268 11.48 31.41 -27.06
CA ASP F 268 11.96 32.31 -28.10
C ASP F 268 12.20 31.54 -29.39
N ILE F 269 11.61 32.02 -30.49
CA ILE F 269 11.77 31.43 -31.81
C ILE F 269 11.44 29.94 -31.80
N PRO G 52 -28.48 -41.55 -5.75
CA PRO G 52 -28.40 -40.41 -6.66
C PRO G 52 -27.50 -40.68 -7.87
N ARG G 53 -28.09 -41.08 -8.98
CA ARG G 53 -27.32 -41.37 -10.18
C ARG G 53 -26.71 -40.10 -10.75
N GLY G 54 -25.49 -40.21 -11.27
CA GLY G 54 -24.79 -39.08 -11.83
C GLY G 54 -25.17 -38.71 -13.24
N LEU G 55 -26.08 -39.45 -13.86
CA LEU G 55 -26.49 -39.16 -15.23
C LEU G 55 -27.32 -37.88 -15.28
N GLY G 56 -27.29 -37.23 -16.44
CA GLY G 56 -27.94 -35.95 -16.61
C GLY G 56 -29.43 -36.06 -16.90
N PRO G 57 -30.03 -34.95 -17.30
CA PRO G 57 -31.47 -34.95 -17.64
C PRO G 57 -31.71 -35.57 -19.01
N LEU G 58 -32.99 -35.79 -19.29
CA LEU G 58 -33.47 -36.32 -20.57
C LEU G 58 -32.92 -37.72 -20.86
N GLN G 59 -32.44 -38.43 -19.83
CA GLN G 59 -31.77 -39.71 -20.02
C GLN G 59 -32.69 -40.89 -19.75
N ILE G 60 -33.24 -40.97 -18.53
CA ILE G 60 -34.04 -42.11 -18.10
C ILE G 60 -35.38 -41.59 -17.59
N TRP G 61 -36.46 -42.19 -18.09
CA TRP G 61 -37.83 -41.81 -17.76
C TRP G 61 -38.47 -42.88 -16.88
N GLN G 62 -39.75 -42.65 -16.57
CA GLN G 62 -40.58 -43.63 -15.86
C GLN G 62 -42.03 -43.23 -16.05
N THR G 63 -42.86 -44.18 -16.48
CA THR G 63 -44.24 -43.90 -16.82
C THR G 63 -45.18 -44.82 -16.05
N ASP G 64 -46.28 -44.23 -15.57
CA ASP G 64 -47.34 -44.99 -14.93
C ASP G 64 -48.61 -44.15 -14.95
N PHE G 65 -49.75 -44.82 -14.84
CA PHE G 65 -51.04 -44.16 -14.78
C PHE G 65 -51.52 -44.11 -13.33
N THR G 66 -52.66 -43.46 -13.11
CA THR G 66 -53.25 -43.37 -11.79
C THR G 66 -54.74 -43.17 -11.90
N LEU G 67 -55.44 -43.42 -10.80
CA LEU G 67 -56.89 -43.28 -10.71
C LEU G 67 -57.22 -42.11 -9.79
N GLU G 68 -58.28 -41.39 -10.14
CA GLU G 68 -58.72 -40.26 -9.34
C GLU G 68 -60.23 -40.09 -9.45
N PRO G 69 -60.99 -40.44 -8.42
CA PRO G 69 -62.44 -40.21 -8.47
C PRO G 69 -62.81 -38.74 -8.56
N ARG G 70 -61.93 -37.85 -8.12
CA ARG G 70 -62.19 -36.41 -8.25
C ARG G 70 -62.30 -36.01 -9.71
N MET G 71 -61.47 -36.60 -10.57
CA MET G 71 -61.40 -36.16 -11.94
C MET G 71 -62.41 -36.88 -12.82
N ALA G 72 -63.26 -37.70 -12.21
CA ALA G 72 -64.28 -38.45 -12.93
C ALA G 72 -65.24 -37.49 -13.63
N PRO G 73 -65.80 -37.88 -14.79
CA PRO G 73 -65.69 -39.20 -15.43
C PRO G 73 -64.35 -39.42 -16.14
N ARG G 74 -63.58 -38.35 -16.32
CA ARG G 74 -62.25 -38.46 -16.93
C ARG G 74 -61.21 -38.76 -15.83
N SER G 75 -61.44 -39.89 -15.16
CA SER G 75 -60.86 -40.18 -13.87
C SER G 75 -59.47 -40.81 -13.93
N TRP G 76 -58.77 -40.75 -15.07
CA TRP G 76 -57.46 -41.37 -15.19
C TRP G 76 -56.42 -40.31 -15.51
N LEU G 77 -55.21 -40.49 -14.98
CA LEU G 77 -54.13 -39.55 -15.13
C LEU G 77 -52.82 -40.30 -15.21
N ALA G 78 -51.86 -39.71 -15.93
CA ALA G 78 -50.53 -40.29 -16.05
C ALA G 78 -49.49 -39.17 -15.97
N VAL G 79 -48.33 -39.49 -15.43
CA VAL G 79 -47.25 -38.52 -15.28
C VAL G 79 -45.93 -39.17 -15.67
N THR G 80 -45.12 -38.42 -16.42
CA THR G 80 -43.77 -38.84 -16.79
C THR G 80 -42.76 -38.10 -15.92
N VAL G 81 -41.88 -38.86 -15.26
CA VAL G 81 -40.90 -38.29 -14.35
C VAL G 81 -39.52 -38.75 -14.78
N ASP G 82 -38.52 -37.91 -14.49
CA ASP G 82 -37.13 -38.23 -14.77
C ASP G 82 -36.44 -38.66 -13.48
N THR G 83 -35.52 -39.62 -13.60
CA THR G 83 -34.77 -40.07 -12.43
C THR G 83 -33.86 -38.95 -11.90
N ALA G 84 -33.30 -38.14 -12.78
CA ALA G 84 -32.38 -37.08 -12.38
C ALA G 84 -33.12 -35.78 -12.04
N SER G 85 -33.86 -35.23 -13.01
CA SER G 85 -34.49 -33.93 -12.83
C SER G 85 -35.75 -33.99 -11.96
N SER G 86 -36.42 -35.14 -11.90
CA SER G 86 -37.68 -35.30 -11.17
C SER G 86 -38.76 -34.35 -11.70
N ALA G 87 -38.64 -33.94 -12.96
CA ALA G 87 -39.62 -33.08 -13.60
C ALA G 87 -40.79 -33.92 -14.11
N ILE G 88 -41.96 -33.30 -14.15
CA ILE G 88 -43.22 -34.02 -14.39
C ILE G 88 -43.98 -33.40 -15.54
N VAL G 89 -44.70 -34.25 -16.28
CA VAL G 89 -45.66 -33.84 -17.29
C VAL G 89 -46.95 -34.61 -17.05
N VAL G 90 -48.07 -33.91 -17.06
CA VAL G 90 -49.36 -34.48 -16.69
C VAL G 90 -50.29 -34.44 -17.89
N THR G 91 -50.95 -35.57 -18.16
CA THR G 91 -51.99 -35.67 -19.18
C THR G 91 -53.33 -36.00 -18.51
N GLN G 92 -54.34 -36.24 -19.34
CA GLN G 92 -55.68 -36.48 -18.82
C GLN G 92 -56.41 -37.48 -19.71
N HIS G 93 -57.12 -38.42 -19.09
CA HIS G 93 -57.92 -39.40 -19.83
C HIS G 93 -58.95 -40.00 -18.89
N GLY G 94 -59.90 -40.72 -19.48
CA GLY G 94 -60.96 -41.35 -18.71
C GLY G 94 -60.97 -42.86 -18.84
N ARG G 95 -60.14 -43.38 -19.75
CA ARG G 95 -60.05 -44.81 -19.98
C ARG G 95 -58.61 -45.16 -20.29
N VAL G 96 -58.19 -46.37 -19.92
CA VAL G 96 -56.83 -46.82 -20.20
C VAL G 96 -56.75 -47.27 -21.65
N THR G 97 -55.86 -46.65 -22.41
CA THR G 97 -55.70 -46.95 -23.82
C THR G 97 -54.24 -46.79 -24.22
N SER G 98 -53.87 -47.45 -25.31
CA SER G 98 -52.54 -47.29 -25.87
C SER G 98 -52.31 -45.88 -26.38
N VAL G 99 -53.37 -45.16 -26.73
CA VAL G 99 -53.24 -43.79 -27.21
C VAL G 99 -53.24 -42.77 -26.08
N ALA G 100 -53.75 -43.13 -24.91
CA ALA G 100 -53.64 -42.24 -23.75
C ALA G 100 -52.18 -42.01 -23.38
N VAL G 101 -51.37 -43.07 -23.42
CA VAL G 101 -49.94 -42.91 -23.28
C VAL G 101 -49.36 -42.13 -24.45
N GLN G 102 -49.92 -42.33 -25.64
CA GLN G 102 -49.48 -41.56 -26.81
C GLN G 102 -49.76 -40.08 -26.61
N HIS G 103 -50.96 -39.74 -26.09
CA HIS G 103 -51.21 -38.36 -25.68
C HIS G 103 -50.25 -37.95 -24.58
N HIS G 104 -49.93 -38.88 -23.67
CA HIS G 104 -49.03 -38.59 -22.57
C HIS G 104 -47.60 -38.33 -23.07
N TRP G 105 -47.09 -39.21 -23.93
CA TRP G 105 -45.73 -39.07 -24.42
C TRP G 105 -45.56 -37.80 -25.25
N ALA G 106 -46.53 -37.51 -26.13
CA ALA G 106 -46.43 -36.33 -26.98
C ALA G 106 -46.39 -35.06 -26.14
N THR G 107 -47.22 -34.98 -25.11
CA THR G 107 -47.16 -33.85 -24.19
C THR G 107 -45.86 -33.85 -23.39
N ALA G 108 -45.36 -35.04 -23.04
CA ALA G 108 -44.16 -35.14 -22.23
C ALA G 108 -42.91 -34.79 -23.04
N ILE G 109 -42.80 -35.32 -24.27
CA ILE G 109 -41.60 -35.09 -25.06
C ILE G 109 -41.49 -33.65 -25.50
N ALA G 110 -42.63 -32.98 -25.71
CA ALA G 110 -42.60 -31.61 -26.20
C ALA G 110 -42.17 -30.63 -25.11
N VAL G 111 -42.70 -30.81 -23.89
CA VAL G 111 -42.42 -29.84 -22.83
C VAL G 111 -40.98 -29.95 -22.35
N LEU G 112 -40.49 -31.17 -22.15
CA LEU G 112 -39.21 -31.39 -21.48
C LEU G 112 -38.22 -32.17 -22.36
N GLY G 113 -38.31 -32.01 -23.68
CA GLY G 113 -37.34 -32.62 -24.56
C GLY G 113 -37.54 -34.11 -24.75
N ARG G 114 -36.64 -34.71 -25.51
CA ARG G 114 -36.70 -36.11 -25.88
C ARG G 114 -35.99 -36.98 -24.84
N PRO G 115 -36.54 -38.15 -24.53
CA PRO G 115 -35.85 -39.09 -23.63
C PRO G 115 -34.92 -40.02 -24.39
N LYS G 116 -33.88 -40.44 -23.68
CA LYS G 116 -32.94 -41.42 -24.24
C LYS G 116 -33.37 -42.85 -23.96
N ALA G 117 -33.87 -43.12 -22.75
CA ALA G 117 -34.34 -44.44 -22.38
C ALA G 117 -35.54 -44.30 -21.47
N ILE G 118 -36.50 -45.22 -21.61
CA ILE G 118 -37.72 -45.23 -20.80
C ILE G 118 -37.88 -46.61 -20.19
N LYS G 119 -38.03 -46.68 -18.87
CA LYS G 119 -38.32 -47.92 -18.18
C LYS G 119 -39.80 -47.95 -17.80
N THR G 120 -40.44 -49.09 -18.01
CA THR G 120 -41.89 -49.21 -17.90
C THR G 120 -42.22 -50.53 -17.20
N ASP G 121 -43.48 -50.91 -17.27
CA ASP G 121 -44.00 -52.16 -16.73
C ASP G 121 -44.52 -53.01 -17.89
N ASN G 122 -45.19 -54.11 -17.54
CA ASN G 122 -45.66 -55.10 -18.52
C ASN G 122 -47.11 -54.86 -18.91
N GLY G 123 -47.55 -53.61 -18.97
CA GLY G 123 -48.91 -53.33 -19.38
C GLY G 123 -49.15 -53.77 -20.82
N SER G 124 -50.35 -54.31 -21.05
CA SER G 124 -50.69 -54.83 -22.38
C SER G 124 -50.72 -53.72 -23.42
N CYS G 125 -51.31 -52.57 -23.08
CA CYS G 125 -51.43 -51.48 -24.03
C CYS G 125 -50.09 -50.81 -24.35
N PHE G 126 -49.05 -51.07 -23.55
CA PHE G 126 -47.75 -50.47 -23.83
C PHE G 126 -47.03 -51.15 -24.97
N THR G 127 -47.38 -52.41 -25.27
CA THR G 127 -46.80 -53.15 -26.37
C THR G 127 -47.76 -53.18 -27.57
N SER G 128 -48.84 -52.42 -27.51
CA SER G 128 -49.83 -52.41 -28.58
C SER G 128 -49.20 -52.00 -29.91
N LYS G 129 -49.86 -52.40 -31.00
CA LYS G 129 -49.32 -52.17 -32.33
C LYS G 129 -49.20 -50.68 -32.61
N SER G 130 -50.21 -49.89 -32.22
CA SER G 130 -50.19 -48.46 -32.47
C SER G 130 -49.02 -47.79 -31.76
N THR G 131 -48.89 -48.02 -30.45
CA THR G 131 -47.81 -47.38 -29.71
C THR G 131 -46.45 -47.95 -30.09
N ARG G 132 -46.40 -49.20 -30.54
CA ARG G 132 -45.13 -49.75 -31.01
C ARG G 132 -44.68 -49.07 -32.30
N GLU G 133 -45.63 -48.82 -33.22
CA GLU G 133 -45.29 -48.03 -34.40
C GLU G 133 -44.91 -46.61 -34.02
N TRP G 134 -45.59 -46.04 -33.02
CA TRP G 134 -45.23 -44.71 -32.54
C TRP G 134 -43.78 -44.67 -32.04
N LEU G 135 -43.39 -45.67 -31.25
CA LEU G 135 -42.04 -45.72 -30.71
C LEU G 135 -41.02 -46.00 -31.80
N ALA G 136 -41.39 -46.81 -32.80
CA ALA G 136 -40.51 -47.03 -33.94
C ALA G 136 -40.26 -45.74 -34.71
N ARG G 137 -41.30 -44.92 -34.88
CA ARG G 137 -41.12 -43.62 -35.49
C ARG G 137 -40.30 -42.69 -34.60
N TRP G 138 -40.45 -42.80 -33.28
CA TRP G 138 -39.70 -41.96 -32.35
C TRP G 138 -38.20 -42.21 -32.49
N GLY G 139 -37.77 -43.43 -32.20
CA GLY G 139 -36.36 -43.76 -32.11
C GLY G 139 -35.85 -43.98 -30.69
N ILE G 140 -36.75 -44.13 -29.72
CA ILE G 140 -36.38 -44.32 -28.32
C ILE G 140 -36.74 -45.74 -27.91
N ALA G 141 -35.82 -46.40 -27.21
CA ALA G 141 -36.01 -47.79 -26.83
C ALA G 141 -37.09 -47.92 -25.76
N HIS G 142 -37.61 -49.14 -25.63
CA HIS G 142 -38.65 -49.47 -24.67
C HIS G 142 -38.22 -50.72 -23.91
N THR G 143 -38.34 -50.68 -22.58
CA THR G 143 -37.90 -51.78 -21.72
C THR G 143 -39.04 -52.24 -20.84
N THR G 144 -39.03 -53.54 -20.54
CA THR G 144 -40.02 -54.18 -19.68
C THR G 144 -39.42 -54.42 -18.29
N GLY G 145 -40.15 -55.15 -17.46
CA GLY G 145 -39.67 -55.47 -16.12
C GLY G 145 -40.77 -56.16 -15.32
N ILE G 146 -40.67 -56.02 -14.00
CA ILE G 146 -41.71 -56.51 -13.10
C ILE G 146 -42.43 -55.30 -12.52
N PRO G 147 -43.76 -55.33 -12.41
CA PRO G 147 -44.50 -54.12 -12.01
C PRO G 147 -44.39 -53.79 -10.54
N GLY G 148 -43.35 -53.06 -10.15
CA GLY G 148 -43.24 -52.58 -8.78
C GLY G 148 -41.92 -52.85 -8.10
N ASN G 149 -40.88 -53.11 -8.87
CA ASN G 149 -39.55 -53.31 -8.30
C ASN G 149 -38.91 -51.97 -7.95
N SER G 150 -37.71 -52.03 -7.37
CA SER G 150 -36.99 -50.84 -6.97
C SER G 150 -36.01 -50.33 -8.02
N GLN G 151 -35.84 -51.06 -9.14
CA GLN G 151 -34.92 -50.65 -10.18
C GLN G 151 -35.60 -50.04 -11.39
N GLY G 152 -36.79 -50.53 -11.76
CA GLY G 152 -37.53 -49.95 -12.87
C GLY G 152 -38.53 -48.90 -12.42
N GLN G 153 -39.37 -49.24 -11.46
CA GLN G 153 -40.36 -48.33 -10.90
C GLN G 153 -39.76 -47.73 -9.63
N ALA G 154 -38.95 -46.69 -9.81
CA ALA G 154 -38.18 -46.13 -8.70
C ALA G 154 -38.91 -44.99 -8.01
N MET G 155 -39.48 -44.06 -8.78
CA MET G 155 -40.07 -42.85 -8.22
C MET G 155 -41.43 -42.50 -8.81
N VAL G 156 -41.89 -43.21 -9.85
CA VAL G 156 -43.12 -42.81 -10.51
C VAL G 156 -44.35 -43.03 -9.62
N GLU G 157 -44.35 -44.08 -8.80
CA GLU G 157 -45.48 -44.30 -7.90
C GLU G 157 -45.58 -43.21 -6.85
N ARG G 158 -44.43 -42.84 -6.26
CA ARG G 158 -44.43 -41.73 -5.30
C ARG G 158 -44.77 -40.42 -5.98
N ALA G 159 -44.41 -40.26 -7.25
CA ALA G 159 -44.82 -39.07 -8.00
C ALA G 159 -46.33 -39.04 -8.18
N ASN G 160 -46.94 -40.20 -8.46
CA ASN G 160 -48.40 -40.27 -8.52
C ASN G 160 -49.01 -39.86 -7.19
N ARG G 161 -48.44 -40.37 -6.09
CA ARG G 161 -48.97 -40.04 -4.76
C ARG G 161 -48.83 -38.54 -4.47
N LEU G 162 -47.68 -37.96 -4.81
CA LEU G 162 -47.48 -36.53 -4.56
C LEU G 162 -48.40 -35.68 -5.41
N LEU G 163 -48.59 -36.05 -6.68
CA LEU G 163 -49.50 -35.33 -7.55
C LEU G 163 -50.93 -35.41 -7.03
N LYS G 164 -51.33 -36.59 -6.56
CA LYS G 164 -52.66 -36.72 -5.97
C LYS G 164 -52.80 -35.87 -4.71
N ASP G 165 -51.76 -35.84 -3.87
CA ASP G 165 -51.83 -35.01 -2.68
C ASP G 165 -51.96 -33.54 -3.04
N LYS G 166 -51.22 -33.10 -4.05
CA LYS G 166 -51.34 -31.71 -4.51
C LYS G 166 -52.73 -31.43 -5.05
N ILE G 167 -53.30 -32.37 -5.81
CA ILE G 167 -54.62 -32.13 -6.39
C ILE G 167 -55.68 -32.07 -5.29
N ARG G 168 -55.57 -32.92 -4.26
CA ARG G 168 -56.51 -32.85 -3.15
C ARG G 168 -56.36 -31.54 -2.36
N VAL G 169 -55.11 -31.14 -2.07
CA VAL G 169 -54.93 -29.94 -1.27
C VAL G 169 -55.39 -28.70 -2.03
N LEU G 170 -55.17 -28.66 -3.35
CA LEU G 170 -55.65 -27.53 -4.14
C LEU G 170 -57.17 -27.57 -4.29
N ALA G 171 -57.75 -28.77 -4.39
CA ALA G 171 -59.20 -28.90 -4.49
C ALA G 171 -59.88 -28.42 -3.22
N GLU G 172 -59.27 -28.70 -2.06
CA GLU G 172 -59.81 -28.17 -0.82
C GLU G 172 -59.51 -26.68 -0.67
N GLY G 173 -58.41 -26.21 -1.27
CA GLY G 173 -58.11 -24.79 -1.22
C GLY G 173 -59.10 -23.94 -2.00
N ASP G 174 -59.47 -24.39 -3.20
CA ASP G 174 -60.40 -23.63 -4.03
C ASP G 174 -61.85 -24.05 -3.84
N GLY G 175 -62.12 -25.02 -2.97
CA GLY G 175 -63.48 -25.35 -2.61
C GLY G 175 -64.13 -26.49 -3.37
N PHE G 176 -63.47 -27.64 -3.43
CA PHE G 176 -64.10 -28.84 -3.98
C PHE G 176 -63.55 -30.05 -3.25
N MET G 177 -64.42 -30.78 -2.54
CA MET G 177 -64.02 -31.89 -1.70
C MET G 177 -64.15 -33.24 -2.42
N LYS G 178 -65.36 -33.59 -2.85
CA LYS G 178 -65.63 -34.93 -3.38
C LYS G 178 -65.05 -35.10 -4.78
N ARG G 179 -65.55 -34.33 -5.74
CA ARG G 179 -65.10 -34.40 -7.11
C ARG G 179 -65.02 -33.00 -7.70
N ILE G 180 -64.26 -32.87 -8.79
CA ILE G 180 -64.01 -31.59 -9.44
C ILE G 180 -64.59 -31.66 -10.83
N PRO G 181 -65.37 -30.67 -11.27
CA PRO G 181 -65.92 -30.70 -12.62
C PRO G 181 -64.84 -30.61 -13.68
N THR G 182 -65.16 -31.11 -14.88
CA THR G 182 -64.20 -31.17 -15.97
C THR G 182 -63.75 -29.79 -16.43
N SER G 183 -64.49 -28.73 -16.08
CA SER G 183 -64.10 -27.39 -16.47
C SER G 183 -62.89 -26.88 -15.68
N LYS G 184 -62.81 -27.23 -14.40
CA LYS G 184 -61.74 -26.77 -13.53
C LYS G 184 -60.47 -27.63 -13.62
N GLN G 185 -60.55 -28.79 -14.27
CA GLN G 185 -59.43 -29.73 -14.27
C GLN G 185 -58.19 -29.13 -14.89
N GLY G 186 -58.34 -28.44 -16.03
CA GLY G 186 -57.17 -27.92 -16.72
C GLY G 186 -56.40 -26.91 -15.89
N GLU G 187 -57.11 -25.92 -15.34
CA GLU G 187 -56.44 -24.91 -14.54
C GLU G 187 -55.92 -25.47 -13.22
N LEU G 188 -56.64 -26.43 -12.62
CA LEU G 188 -56.16 -27.03 -11.38
C LEU G 188 -54.87 -27.82 -11.62
N LEU G 189 -54.83 -28.61 -12.70
CA LEU G 189 -53.63 -29.34 -13.05
C LEU G 189 -52.48 -28.38 -13.37
N ALA G 190 -52.79 -27.28 -14.07
CA ALA G 190 -51.75 -26.31 -14.38
C ALA G 190 -51.18 -25.68 -13.10
N LYS G 191 -52.05 -25.34 -12.14
CA LYS G 191 -51.58 -24.77 -10.89
C LYS G 191 -50.71 -25.75 -10.11
N ALA G 192 -51.14 -27.02 -10.05
CA ALA G 192 -50.34 -28.03 -9.36
C ALA G 192 -48.99 -28.20 -10.04
N MET G 193 -48.99 -28.24 -11.38
CA MET G 193 -47.75 -28.34 -12.14
C MET G 193 -46.82 -27.18 -11.85
N TYR G 194 -47.35 -25.96 -11.87
CA TYR G 194 -46.51 -24.78 -11.64
C TYR G 194 -45.95 -24.77 -10.23
N ALA G 195 -46.77 -25.17 -9.24
CA ALA G 195 -46.28 -25.23 -7.87
C ALA G 195 -45.19 -26.28 -7.71
N LEU G 196 -45.34 -27.44 -8.35
CA LEU G 196 -44.39 -28.53 -8.18
C LEU G 196 -43.18 -28.43 -9.08
N ASN G 197 -43.18 -27.56 -10.08
CA ASN G 197 -42.07 -27.44 -11.02
C ASN G 197 -41.37 -26.09 -10.94
N HIS G 198 -42.11 -24.99 -11.10
CA HIS G 198 -41.50 -23.67 -11.04
C HIS G 198 -40.94 -23.35 -9.67
N PHE G 199 -41.46 -23.97 -8.61
CA PHE G 199 -40.97 -23.79 -7.26
C PHE G 199 -40.12 -24.97 -6.84
N GLU G 200 -39.03 -24.70 -6.13
CA GLU G 200 -38.22 -25.76 -5.57
C GLU G 200 -39.00 -26.50 -4.47
N ARG G 201 -38.82 -27.81 -4.41
CA ARG G 201 -39.47 -28.64 -3.41
C ARG G 201 -38.40 -29.31 -2.54
N GLY G 202 -38.67 -29.35 -1.24
CA GLY G 202 -37.70 -29.92 -0.33
C GLY G 202 -36.44 -29.08 -0.26
N GLU G 203 -35.30 -29.75 -0.32
CA GLU G 203 -34.00 -29.08 -0.26
C GLU G 203 -33.16 -29.49 -1.47
N ASN G 204 -32.50 -28.50 -2.07
CA ASN G 204 -31.62 -28.70 -3.21
C ASN G 204 -30.91 -27.40 -3.50
N THR G 205 -29.77 -27.51 -4.19
CA THR G 205 -29.01 -26.34 -4.58
C THR G 205 -29.58 -25.65 -5.83
N LYS G 206 -30.48 -26.32 -6.55
CA LYS G 206 -31.10 -25.73 -7.73
C LYS G 206 -32.50 -26.31 -7.88
N THR G 207 -33.39 -25.50 -8.47
CA THR G 207 -34.76 -25.91 -8.67
C THR G 207 -34.84 -27.02 -9.72
N PRO G 208 -35.88 -27.86 -9.67
CA PRO G 208 -36.01 -28.92 -10.68
C PRO G 208 -36.06 -28.41 -12.11
N ILE G 209 -36.67 -27.24 -12.35
CA ILE G 209 -36.64 -26.67 -13.70
C ILE G 209 -35.22 -26.26 -14.07
N GLN G 210 -34.44 -25.78 -13.10
CA GLN G 210 -33.04 -25.50 -13.37
C GLN G 210 -32.23 -26.77 -13.54
N LYS G 211 -32.60 -27.84 -12.82
CA LYS G 211 -31.94 -29.13 -13.01
C LYS G 211 -32.15 -29.65 -14.43
N HIS G 212 -33.38 -29.58 -14.91
CA HIS G 212 -33.71 -30.07 -16.25
C HIS G 212 -33.17 -29.13 -17.32
N GLY G 221 -20.76 -10.78 -22.48
CA GLY G 221 -19.97 -10.12 -21.46
C GLY G 221 -18.66 -9.57 -21.99
N PRO G 222 -18.43 -8.27 -21.80
CA PRO G 222 -17.17 -7.69 -22.26
C PRO G 222 -16.00 -8.15 -21.39
N PRO G 223 -14.80 -8.29 -21.97
CA PRO G 223 -13.69 -8.92 -21.24
C PRO G 223 -12.86 -7.98 -20.38
N VAL G 224 -12.76 -8.27 -19.10
CA VAL G 224 -12.05 -7.41 -18.14
C VAL G 224 -10.92 -8.19 -17.48
N LYS G 225 -10.04 -7.45 -16.83
CA LYS G 225 -8.96 -8.00 -16.02
C LYS G 225 -9.23 -7.65 -14.57
N ILE G 226 -9.19 -8.65 -13.70
CA ILE G 226 -9.46 -8.44 -12.29
C ILE G 226 -8.17 -8.70 -11.53
N ARG G 227 -8.07 -8.13 -10.33
CA ARG G 227 -6.92 -8.43 -9.50
C ARG G 227 -7.10 -9.75 -8.77
N ILE G 228 -6.03 -10.23 -8.16
CA ILE G 228 -6.06 -11.33 -7.22
C ILE G 228 -5.22 -10.94 -6.01
N GLU G 229 -5.24 -11.81 -5.00
CA GLU G 229 -4.48 -11.54 -3.78
C GLU G 229 -2.99 -11.40 -4.07
N THR G 230 -2.49 -12.02 -5.14
CA THR G 230 -1.09 -11.84 -5.52
C THR G 230 -0.82 -10.40 -5.94
N GLY G 231 -1.74 -9.80 -6.69
CA GLY G 231 -1.59 -8.41 -7.08
C GLY G 231 -1.45 -8.20 -8.58
N GLU G 232 -1.60 -9.26 -9.35
CA GLU G 232 -1.49 -9.18 -10.80
C GLU G 232 -2.86 -8.81 -11.38
N TRP G 233 -2.95 -8.82 -12.72
CA TRP G 233 -4.20 -8.52 -13.43
C TRP G 233 -4.43 -9.62 -14.45
N GLU G 234 -5.06 -10.72 -14.01
CA GLU G 234 -5.28 -11.84 -14.92
C GLU G 234 -6.41 -11.51 -15.88
N LYS G 235 -6.38 -12.14 -17.05
CA LYS G 235 -7.32 -11.86 -18.13
C LYS G 235 -8.13 -13.11 -18.43
N GLY G 236 -9.36 -12.91 -18.93
CA GLY G 236 -10.19 -14.02 -19.34
C GLY G 236 -11.54 -14.08 -18.68
N TRP G 237 -12.05 -12.94 -18.24
CA TRP G 237 -13.34 -12.86 -17.57
C TRP G 237 -14.25 -11.86 -18.25
N ASN G 238 -15.55 -12.04 -18.04
CA ASN G 238 -16.56 -11.17 -18.63
C ASN G 238 -17.58 -10.79 -17.56
N VAL G 239 -17.85 -9.50 -17.44
CA VAL G 239 -18.79 -9.03 -16.43
C VAL G 239 -20.20 -9.40 -16.84
N LEU G 240 -20.98 -9.92 -15.89
CA LEU G 240 -22.38 -10.23 -16.11
C LEU G 240 -23.30 -9.11 -15.65
N VAL G 241 -23.10 -8.64 -14.42
CA VAL G 241 -23.93 -7.60 -13.82
C VAL G 241 -23.02 -6.46 -13.38
N TRP G 242 -23.46 -5.23 -13.62
CA TRP G 242 -22.68 -4.04 -13.36
C TRP G 242 -23.35 -3.26 -12.21
N GLY G 243 -22.91 -3.55 -10.99
CA GLY G 243 -23.46 -2.90 -9.82
C GLY G 243 -22.92 -1.49 -9.62
N ARG G 244 -23.43 -0.84 -8.58
CA ARG G 244 -23.01 0.53 -8.28
C ARG G 244 -21.55 0.57 -7.87
N GLY G 245 -21.09 -0.40 -7.09
CA GLY G 245 -19.70 -0.44 -6.67
C GLY G 245 -19.15 -1.86 -6.67
N TYR G 246 -19.90 -2.78 -7.28
CA TYR G 246 -19.55 -4.18 -7.31
C TYR G 246 -19.76 -4.72 -8.72
N ALA G 247 -19.31 -5.94 -8.95
CA ALA G 247 -19.52 -6.61 -10.22
C ALA G 247 -19.34 -8.10 -10.05
N ALA G 248 -20.02 -8.87 -10.89
CA ALA G 248 -19.84 -10.31 -10.98
C ALA G 248 -19.27 -10.63 -12.36
N VAL G 249 -18.21 -11.41 -12.40
CA VAL G 249 -17.49 -11.71 -13.63
C VAL G 249 -17.46 -13.21 -13.86
N LYS G 250 -17.63 -13.61 -15.12
CA LYS G 250 -17.62 -15.01 -15.51
C LYS G 250 -16.32 -15.30 -16.26
N ASN G 251 -15.60 -16.33 -15.81
CA ASN G 251 -14.39 -16.74 -16.49
C ASN G 251 -14.70 -17.28 -17.87
N ARG G 252 -13.74 -17.14 -18.79
CA ARG G 252 -13.96 -17.65 -20.14
C ARG G 252 -13.84 -19.16 -20.20
N ASP G 253 -12.84 -19.73 -19.52
CA ASP G 253 -12.61 -21.17 -19.58
C ASP G 253 -13.35 -21.92 -18.48
N THR G 254 -13.26 -21.45 -17.24
CA THR G 254 -13.91 -22.10 -16.11
C THR G 254 -15.32 -21.57 -15.88
N ASP G 255 -15.83 -20.72 -16.78
CA ASP G 255 -17.21 -20.29 -16.91
C ASP G 255 -17.94 -20.22 -15.57
N LYS G 256 -17.31 -19.57 -14.59
CA LYS G 256 -17.85 -19.46 -13.25
C LYS G 256 -17.90 -17.99 -12.84
N VAL G 257 -18.85 -17.67 -11.98
CA VAL G 257 -19.16 -16.29 -11.62
C VAL G 257 -18.63 -16.02 -10.22
N ILE G 258 -17.90 -14.91 -10.07
CA ILE G 258 -17.39 -14.46 -8.78
C ILE G 258 -17.64 -12.97 -8.66
N TRP G 259 -17.95 -12.52 -7.44
CA TRP G 259 -18.27 -11.12 -7.19
C TRP G 259 -17.03 -10.37 -6.74
N VAL G 260 -16.79 -9.22 -7.37
CA VAL G 260 -15.58 -8.43 -7.12
C VAL G 260 -15.95 -6.96 -7.04
N PRO G 261 -15.35 -6.18 -6.13
CA PRO G 261 -15.67 -4.75 -6.06
C PRO G 261 -15.25 -4.02 -7.33
N SER G 262 -15.96 -2.92 -7.60
CA SER G 262 -15.72 -2.15 -8.82
C SER G 262 -14.29 -1.63 -8.89
N ARG G 263 -13.70 -1.29 -7.75
CA ARG G 263 -12.36 -0.71 -7.71
C ARG G 263 -11.26 -1.76 -7.82
N LYS G 264 -11.57 -2.96 -8.31
CA LYS G 264 -10.58 -4.03 -8.41
C LYS G 264 -10.50 -4.62 -9.82
N VAL G 265 -11.21 -4.04 -10.79
CA VAL G 265 -11.26 -4.60 -12.14
C VAL G 265 -10.97 -3.50 -13.15
N LYS G 266 -10.25 -3.86 -14.20
CA LYS G 266 -10.03 -2.97 -15.34
C LYS G 266 -10.10 -3.79 -16.62
N PRO G 267 -10.50 -3.18 -17.72
CA PRO G 267 -10.73 -3.93 -18.96
C PRO G 267 -9.41 -4.22 -19.67
N ASP G 268 -9.55 -4.80 -20.86
CA ASP G 268 -8.45 -5.03 -21.78
C ASP G 268 -8.77 -4.34 -23.10
N ILE G 269 -7.72 -3.99 -23.85
CA ILE G 269 -7.87 -3.33 -25.15
C ILE G 269 -8.59 -2.00 -25.00
N PRO H 52 -40.94 -4.66 -31.78
CA PRO H 52 -41.14 -5.78 -32.70
C PRO H 52 -40.42 -7.05 -32.23
N ARG H 53 -39.47 -6.89 -31.32
CA ARG H 53 -38.70 -8.00 -30.79
C ARG H 53 -38.87 -8.21 -29.29
N GLY H 54 -39.53 -7.29 -28.59
CA GLY H 54 -39.75 -7.44 -27.16
C GLY H 54 -38.57 -6.99 -26.33
N LEU H 55 -38.75 -7.10 -25.01
CA LEU H 55 -37.73 -6.66 -24.07
C LEU H 55 -37.37 -7.78 -23.08
N GLY H 56 -38.33 -8.65 -22.79
CA GLY H 56 -38.11 -9.73 -21.86
C GLY H 56 -39.29 -10.68 -21.76
N PRO H 57 -39.01 -11.96 -21.53
CA PRO H 57 -40.08 -12.95 -21.44
C PRO H 57 -40.90 -12.79 -20.18
N LEU H 58 -42.14 -13.29 -20.24
CA LEU H 58 -43.07 -13.31 -19.11
C LEU H 58 -43.39 -11.90 -18.63
N GLN H 59 -43.47 -10.95 -19.56
CA GLN H 59 -43.88 -9.59 -19.24
C GLN H 59 -44.90 -9.01 -20.21
N ILE H 60 -44.99 -9.49 -21.45
CA ILE H 60 -45.96 -9.00 -22.42
C ILE H 60 -46.59 -10.20 -23.12
N TRP H 61 -47.92 -10.18 -23.22
CA TRP H 61 -48.70 -11.25 -23.84
C TRP H 61 -49.69 -10.65 -24.82
N GLN H 62 -50.20 -11.50 -25.71
CA GLN H 62 -51.28 -11.11 -26.61
C GLN H 62 -52.01 -12.35 -27.05
N THR H 63 -53.26 -12.17 -27.45
CA THR H 63 -54.14 -13.29 -27.76
C THR H 63 -55.09 -12.88 -28.88
N ASP H 64 -55.83 -13.87 -29.38
CA ASP H 64 -56.85 -13.65 -30.40
C ASP H 64 -57.79 -14.86 -30.39
N PHE H 65 -58.72 -14.87 -31.34
CA PHE H 65 -59.67 -15.96 -31.49
C PHE H 65 -59.58 -16.55 -32.89
N THR H 66 -59.61 -17.87 -32.97
CA THR H 66 -59.54 -18.59 -34.22
C THR H 66 -60.62 -19.67 -34.26
N LEU H 67 -61.09 -19.97 -35.47
CA LEU H 67 -62.01 -21.06 -35.70
C LEU H 67 -61.50 -21.91 -36.86
N GLU H 68 -61.47 -23.21 -36.67
CA GLU H 68 -61.02 -24.15 -37.70
C GLU H 68 -62.11 -25.19 -37.93
N PRO H 69 -62.71 -25.25 -39.13
CA PRO H 69 -63.84 -26.17 -39.34
C PRO H 69 -63.49 -27.64 -39.18
N ARG H 70 -62.21 -28.00 -39.30
CA ARG H 70 -61.81 -29.39 -39.14
C ARG H 70 -61.91 -29.86 -37.69
N MET H 71 -61.98 -28.94 -36.73
CA MET H 71 -62.03 -29.28 -35.32
C MET H 71 -63.44 -29.30 -34.76
N ALA H 72 -64.44 -29.54 -35.60
CA ALA H 72 -65.82 -29.54 -35.15
C ALA H 72 -66.07 -30.69 -34.17
N PRO H 73 -66.97 -30.49 -33.19
CA PRO H 73 -67.71 -29.25 -32.93
C PRO H 73 -66.99 -28.32 -31.96
N ARG H 74 -65.85 -28.75 -31.42
CA ARG H 74 -65.05 -27.91 -30.54
C ARG H 74 -64.02 -27.13 -31.36
N SER H 75 -64.54 -26.36 -32.32
CA SER H 75 -63.73 -25.66 -33.31
C SER H 75 -63.32 -24.26 -32.88
N TRP H 76 -63.82 -23.77 -31.75
CA TRP H 76 -63.51 -22.44 -31.25
C TRP H 76 -62.24 -22.50 -30.41
N LEU H 77 -61.10 -22.24 -31.05
CA LEU H 77 -59.84 -22.23 -30.34
C LEU H 77 -59.65 -20.92 -29.59
N ALA H 78 -58.53 -20.80 -28.89
CA ALA H 78 -58.19 -19.58 -28.16
C ALA H 78 -56.68 -19.45 -28.18
N VAL H 79 -56.17 -18.67 -29.14
CA VAL H 79 -54.73 -18.54 -29.34
C VAL H 79 -54.17 -17.51 -28.38
N THR H 80 -52.96 -17.77 -27.87
CA THR H 80 -52.26 -16.83 -27.01
C THR H 80 -50.77 -16.96 -27.28
N VAL H 81 -50.11 -15.86 -27.58
CA VAL H 81 -48.69 -15.86 -27.91
C VAL H 81 -48.00 -14.72 -27.17
N ASP H 82 -46.73 -14.93 -26.84
CA ASP H 82 -45.93 -13.87 -26.23
C ASP H 82 -45.30 -13.00 -27.32
N THR H 83 -44.80 -11.84 -26.90
CA THR H 83 -44.11 -10.93 -27.81
C THR H 83 -42.59 -11.11 -27.75
N ALA H 84 -42.00 -10.92 -26.58
CA ALA H 84 -40.55 -11.05 -26.46
C ALA H 84 -40.12 -12.51 -26.53
N SER H 85 -40.82 -13.40 -25.84
CA SER H 85 -40.48 -14.82 -25.86
C SER H 85 -41.16 -15.58 -26.99
N SER H 86 -42.24 -15.02 -27.56
CA SER H 86 -42.91 -15.59 -28.73
C SER H 86 -43.32 -17.05 -28.51
N ALA H 87 -43.88 -17.33 -27.34
CA ALA H 87 -44.34 -18.67 -27.01
C ALA H 87 -45.82 -18.80 -27.37
N ILE H 88 -46.16 -19.84 -28.13
CA ILE H 88 -47.49 -20.03 -28.68
C ILE H 88 -48.18 -21.17 -27.93
N VAL H 89 -49.38 -20.89 -27.42
CA VAL H 89 -50.20 -21.87 -26.71
C VAL H 89 -51.67 -21.65 -27.08
N VAL H 90 -52.43 -22.74 -27.11
CA VAL H 90 -53.85 -22.72 -27.44
C VAL H 90 -54.59 -23.68 -26.50
N THR H 91 -55.92 -23.58 -26.52
CA THR H 91 -56.78 -24.47 -25.77
C THR H 91 -58.13 -24.53 -26.48
N GLN H 92 -58.55 -25.74 -26.84
CA GLN H 92 -59.73 -25.94 -27.66
C GLN H 92 -61.01 -25.87 -26.84
N HIS H 93 -62.08 -25.40 -27.48
CA HIS H 93 -63.42 -25.41 -26.89
C HIS H 93 -64.44 -25.26 -28.01
N GLY H 94 -65.72 -25.32 -27.62
CA GLY H 94 -66.80 -25.36 -28.59
C GLY H 94 -67.75 -24.18 -28.60
N ARG H 95 -67.30 -23.02 -28.08
CA ARG H 95 -68.04 -21.78 -28.19
C ARG H 95 -67.22 -20.65 -27.59
N VAL H 96 -67.58 -19.42 -27.97
CA VAL H 96 -67.00 -18.23 -27.36
C VAL H 96 -67.81 -17.89 -26.11
N THR H 97 -67.14 -17.89 -24.96
CA THR H 97 -67.81 -17.74 -23.69
C THR H 97 -66.79 -17.29 -22.66
N SER H 98 -67.27 -16.64 -21.60
CA SER H 98 -66.41 -16.32 -20.47
C SER H 98 -65.77 -17.58 -19.89
N VAL H 99 -66.49 -18.70 -19.90
CA VAL H 99 -65.98 -19.94 -19.34
C VAL H 99 -64.77 -20.42 -20.13
N ALA H 100 -64.88 -20.41 -21.47
CA ALA H 100 -63.78 -20.87 -22.30
C ALA H 100 -62.58 -19.95 -22.21
N VAL H 101 -62.82 -18.64 -22.14
CA VAL H 101 -61.73 -17.67 -22.10
C VAL H 101 -60.91 -17.84 -20.82
N GLN H 102 -61.60 -17.94 -19.68
CA GLN H 102 -60.89 -18.04 -18.41
C GLN H 102 -60.20 -19.40 -18.26
N HIS H 103 -60.70 -20.43 -18.92
CA HIS H 103 -60.08 -21.75 -18.84
C HIS H 103 -58.77 -21.78 -19.62
N HIS H 104 -58.79 -21.25 -20.85
CA HIS H 104 -57.56 -21.18 -21.62
C HIS H 104 -56.54 -20.27 -20.96
N TRP H 105 -57.00 -19.14 -20.42
CA TRP H 105 -56.09 -18.18 -19.80
C TRP H 105 -55.45 -18.75 -18.55
N ALA H 106 -56.26 -19.34 -17.67
CA ALA H 106 -55.71 -19.94 -16.45
C ALA H 106 -54.76 -21.09 -16.79
N THR H 107 -55.11 -21.89 -17.80
CA THR H 107 -54.19 -22.91 -18.29
C THR H 107 -52.93 -22.27 -18.87
N ALA H 108 -53.09 -21.16 -19.60
CA ALA H 108 -51.95 -20.46 -20.18
C ALA H 108 -51.08 -19.79 -19.12
N ILE H 109 -51.63 -19.54 -17.93
CA ILE H 109 -50.87 -18.86 -16.89
C ILE H 109 -49.70 -19.72 -16.43
N ALA H 110 -49.96 -21.00 -16.15
CA ALA H 110 -48.93 -21.86 -15.58
C ALA H 110 -48.05 -22.53 -16.62
N VAL H 111 -48.49 -22.60 -17.89
CA VAL H 111 -47.65 -23.20 -18.92
C VAL H 111 -46.59 -22.22 -19.41
N LEU H 112 -46.80 -20.92 -19.21
CA LEU H 112 -45.82 -19.90 -19.57
C LEU H 112 -45.23 -19.21 -18.35
N GLY H 113 -46.08 -18.67 -17.48
CA GLY H 113 -45.63 -17.95 -16.31
C GLY H 113 -46.69 -17.01 -15.82
N ARG H 114 -46.58 -16.63 -14.55
CA ARG H 114 -47.57 -15.78 -13.92
C ARG H 114 -47.63 -14.44 -14.66
N PRO H 115 -48.80 -14.02 -15.14
CA PRO H 115 -48.87 -12.85 -16.01
C PRO H 115 -48.99 -11.54 -15.24
N LYS H 116 -48.66 -10.45 -15.94
CA LYS H 116 -48.70 -9.10 -15.40
C LYS H 116 -49.69 -8.21 -16.13
N ALA H 117 -49.66 -8.21 -17.47
CA ALA H 117 -50.58 -7.40 -18.27
C ALA H 117 -50.62 -7.97 -19.67
N ILE H 118 -51.79 -8.46 -20.08
CA ILE H 118 -51.99 -9.09 -21.37
C ILE H 118 -52.80 -8.16 -22.26
N LYS H 119 -52.35 -7.98 -23.49
CA LYS H 119 -53.05 -7.16 -24.47
C LYS H 119 -54.00 -8.04 -25.27
N THR H 120 -55.27 -7.63 -25.35
CA THR H 120 -56.30 -8.44 -26.00
C THR H 120 -57.05 -7.63 -27.05
N ASP H 121 -58.13 -8.20 -27.56
CA ASP H 121 -59.01 -7.54 -28.52
C ASP H 121 -60.40 -7.33 -27.91
N ASN H 122 -61.20 -6.52 -28.59
CA ASN H 122 -62.54 -6.21 -28.09
C ASN H 122 -63.48 -7.38 -28.31
N GLY H 123 -64.51 -7.44 -27.48
CA GLY H 123 -65.50 -8.50 -27.59
C GLY H 123 -66.39 -8.52 -26.37
N SER H 124 -67.27 -9.52 -26.35
CA SER H 124 -68.19 -9.73 -25.24
C SER H 124 -67.69 -10.81 -24.27
N CYS H 125 -66.46 -11.29 -24.45
CA CYS H 125 -65.89 -12.30 -23.57
C CYS H 125 -64.83 -11.71 -22.63
N PHE H 126 -63.81 -11.06 -23.18
CA PHE H 126 -62.81 -10.41 -22.33
C PHE H 126 -63.42 -9.27 -21.53
N THR H 127 -64.33 -8.52 -22.14
CA THR H 127 -64.98 -7.40 -21.47
C THR H 127 -66.15 -7.83 -20.59
N SER H 128 -66.48 -9.11 -20.56
CA SER H 128 -67.54 -9.59 -19.68
C SER H 128 -67.14 -9.43 -18.23
N LYS H 129 -68.15 -9.36 -17.35
CA LYS H 129 -67.90 -9.06 -15.95
C LYS H 129 -67.05 -10.14 -15.29
N SER H 130 -67.36 -11.41 -15.57
CA SER H 130 -66.64 -12.51 -14.91
C SER H 130 -65.16 -12.50 -15.30
N THR H 131 -64.87 -12.36 -16.59
CA THR H 131 -63.47 -12.34 -17.02
C THR H 131 -62.76 -11.06 -16.59
N ARG H 132 -63.48 -9.93 -16.52
CA ARG H 132 -62.87 -8.70 -16.01
C ARG H 132 -62.46 -8.85 -14.55
N GLU H 133 -63.36 -9.41 -13.73
CA GLU H 133 -63.01 -9.65 -12.34
C GLU H 133 -61.95 -10.74 -12.22
N TRP H 134 -61.88 -11.65 -13.19
CA TRP H 134 -60.79 -12.62 -13.25
C TRP H 134 -59.46 -11.92 -13.47
N LEU H 135 -59.45 -10.96 -14.40
CA LEU H 135 -58.25 -10.14 -14.62
C LEU H 135 -57.84 -9.43 -13.35
N ALA H 136 -58.81 -8.85 -12.64
CA ALA H 136 -58.52 -8.17 -11.39
C ALA H 136 -57.98 -9.13 -10.32
N ARG H 137 -58.61 -10.31 -10.19
CA ARG H 137 -58.22 -11.25 -9.16
C ARG H 137 -56.83 -11.82 -9.40
N TRP H 138 -56.49 -12.09 -10.66
CA TRP H 138 -55.18 -12.59 -11.00
C TRP H 138 -54.14 -11.48 -11.15
N GLY H 139 -54.54 -10.24 -10.95
CA GLY H 139 -53.60 -9.13 -11.01
C GLY H 139 -53.01 -8.90 -12.38
N ILE H 140 -53.82 -9.01 -13.43
CA ILE H 140 -53.38 -8.82 -14.80
C ILE H 140 -54.24 -7.75 -15.45
N ALA H 141 -53.59 -6.83 -16.17
CA ALA H 141 -54.26 -5.68 -16.75
C ALA H 141 -54.84 -6.05 -18.12
N HIS H 142 -55.53 -5.08 -18.73
CA HIS H 142 -56.12 -5.24 -20.05
C HIS H 142 -55.76 -4.04 -20.91
N THR H 143 -55.41 -4.31 -22.17
CA THR H 143 -55.07 -3.29 -23.15
C THR H 143 -55.81 -3.58 -24.45
N THR H 144 -57.12 -3.78 -24.34
CA THR H 144 -57.94 -4.13 -25.49
C THR H 144 -57.89 -3.03 -26.55
N GLY H 145 -57.85 -3.44 -27.81
CA GLY H 145 -57.81 -2.51 -28.92
C GLY H 145 -58.86 -2.81 -29.98
N ILE H 146 -58.60 -2.36 -31.20
CA ILE H 146 -59.52 -2.63 -32.31
C ILE H 146 -59.50 -4.12 -32.63
N PRO H 147 -60.65 -4.76 -32.89
CA PRO H 147 -60.63 -6.18 -33.28
C PRO H 147 -60.02 -6.39 -34.65
N GLY H 148 -58.70 -6.36 -34.73
CA GLY H 148 -58.01 -6.48 -36.00
C GLY H 148 -56.93 -5.43 -36.20
N ASN H 149 -56.54 -4.75 -35.13
CA ASN H 149 -55.55 -3.69 -35.22
C ASN H 149 -54.23 -4.22 -35.76
N SER H 150 -53.59 -3.42 -36.64
CA SER H 150 -52.38 -3.87 -37.31
C SER H 150 -51.17 -3.84 -36.40
N GLN H 151 -51.16 -2.95 -35.40
CA GLN H 151 -49.98 -2.80 -34.56
C GLN H 151 -49.77 -4.00 -33.64
N GLY H 152 -50.84 -4.68 -33.25
CA GLY H 152 -50.71 -5.73 -32.25
C GLY H 152 -51.19 -7.11 -32.67
N GLN H 153 -52.02 -7.20 -33.70
CA GLN H 153 -52.64 -8.47 -34.07
C GLN H 153 -52.09 -9.07 -35.36
N ALA H 154 -51.18 -8.38 -36.05
CA ALA H 154 -50.57 -8.98 -37.23
C ALA H 154 -49.74 -10.20 -36.85
N MET H 155 -48.99 -10.12 -35.76
CA MET H 155 -48.21 -11.26 -35.30
C MET H 155 -49.10 -12.43 -34.87
N VAL H 156 -50.20 -12.17 -34.17
CA VAL H 156 -51.06 -13.27 -33.77
C VAL H 156 -51.76 -13.89 -34.99
N GLU H 157 -52.13 -13.07 -35.98
CA GLU H 157 -52.72 -13.62 -37.20
C GLU H 157 -51.73 -14.48 -37.96
N ARG H 158 -50.47 -14.04 -38.03
CA ARG H 158 -49.43 -14.85 -38.67
C ARG H 158 -49.23 -16.16 -37.92
N ALA H 159 -49.24 -16.09 -36.58
CA ALA H 159 -49.10 -17.31 -35.78
C ALA H 159 -50.29 -18.26 -36.01
N ASN H 160 -51.49 -17.71 -36.16
CA ASN H 160 -52.65 -18.55 -36.45
C ASN H 160 -52.52 -19.23 -37.80
N ARG H 161 -52.06 -18.50 -38.81
CA ARG H 161 -51.84 -19.12 -40.12
C ARG H 161 -50.80 -20.22 -40.02
N LEU H 162 -49.72 -19.99 -39.27
CA LEU H 162 -48.69 -21.01 -39.08
C LEU H 162 -49.26 -22.24 -38.37
N LEU H 163 -50.07 -22.02 -37.33
CA LEU H 163 -50.65 -23.14 -36.60
C LEU H 163 -51.57 -23.97 -37.49
N LYS H 164 -52.40 -23.29 -38.30
CA LYS H 164 -53.28 -24.01 -39.22
C LYS H 164 -52.46 -24.81 -40.23
N ASP H 165 -51.41 -24.21 -40.78
CA ASP H 165 -50.58 -24.91 -41.75
C ASP H 165 -49.88 -26.12 -41.15
N LYS H 166 -49.39 -25.99 -39.91
CA LYS H 166 -48.73 -27.12 -39.26
C LYS H 166 -49.71 -28.23 -38.95
N ILE H 167 -50.90 -27.88 -38.42
CA ILE H 167 -51.93 -28.89 -38.18
C ILE H 167 -52.22 -29.65 -39.47
N ARG H 168 -52.40 -28.90 -40.56
CA ARG H 168 -52.60 -29.52 -41.87
C ARG H 168 -51.48 -30.50 -42.20
N VAL H 169 -50.26 -29.97 -42.33
CA VAL H 169 -49.13 -30.75 -42.82
C VAL H 169 -48.97 -32.03 -42.01
N LEU H 170 -49.01 -31.92 -40.69
CA LEU H 170 -48.81 -33.11 -39.87
C LEU H 170 -49.98 -34.07 -39.95
N ALA H 171 -51.21 -33.55 -40.05
CA ALA H 171 -52.37 -34.45 -40.14
C ALA H 171 -52.35 -35.25 -41.43
N GLU H 172 -52.06 -34.60 -42.56
CA GLU H 172 -51.98 -35.36 -43.81
C GLU H 172 -50.68 -36.17 -43.93
N GLY H 173 -49.66 -35.85 -43.12
CA GLY H 173 -48.54 -36.76 -42.99
C GLY H 173 -48.93 -38.03 -42.27
N ASP H 174 -49.77 -37.91 -41.23
CA ASP H 174 -50.24 -39.10 -40.51
C ASP H 174 -51.22 -39.90 -41.36
N GLY H 175 -52.18 -39.24 -41.98
CA GLY H 175 -53.20 -39.93 -42.76
C GLY H 175 -54.62 -39.55 -42.39
N PHE H 176 -54.77 -38.42 -41.71
CA PHE H 176 -56.08 -37.86 -41.37
C PHE H 176 -56.23 -36.57 -42.17
N MET H 177 -56.97 -36.63 -43.28
CA MET H 177 -56.98 -35.54 -44.25
C MET H 177 -57.95 -34.43 -43.86
N LYS H 178 -59.25 -34.75 -43.80
CA LYS H 178 -60.27 -33.70 -43.78
C LYS H 178 -60.56 -33.21 -42.36
N ARG H 179 -61.06 -34.10 -41.50
CA ARG H 179 -61.48 -33.70 -40.16
C ARG H 179 -61.02 -34.74 -39.16
N ILE H 180 -60.80 -34.28 -37.93
CA ILE H 180 -60.19 -35.10 -36.89
C ILE H 180 -61.27 -35.71 -36.01
N PRO H 181 -61.20 -37.01 -35.70
CA PRO H 181 -62.15 -37.58 -34.73
C PRO H 181 -61.90 -37.12 -33.31
N THR H 182 -62.71 -37.59 -32.36
CA THR H 182 -62.60 -37.11 -30.99
C THR H 182 -61.33 -37.61 -30.32
N SER H 183 -61.03 -38.90 -30.46
CA SER H 183 -59.86 -39.49 -29.80
C SER H 183 -58.54 -39.05 -30.42
N LYS H 184 -58.58 -38.35 -31.56
CA LYS H 184 -57.37 -37.94 -32.26
C LYS H 184 -57.11 -36.44 -32.19
N GLN H 185 -58.09 -35.64 -31.74
CA GLN H 185 -57.92 -34.19 -31.74
C GLN H 185 -56.78 -33.77 -30.82
N GLY H 186 -56.79 -34.27 -29.59
CA GLY H 186 -55.73 -33.93 -28.66
C GLY H 186 -54.36 -34.38 -29.14
N GLU H 187 -54.28 -35.59 -29.69
CA GLU H 187 -52.99 -36.10 -30.15
C GLU H 187 -52.46 -35.30 -31.32
N LEU H 188 -53.33 -34.91 -32.26
CA LEU H 188 -52.86 -34.14 -33.41
C LEU H 188 -52.48 -32.72 -33.00
N LEU H 189 -53.23 -32.12 -32.07
CA LEU H 189 -52.84 -30.82 -31.56
C LEU H 189 -51.49 -30.89 -30.87
N ALA H 190 -51.27 -31.92 -30.05
CA ALA H 190 -49.98 -32.12 -29.41
C ALA H 190 -48.88 -32.36 -30.43
N LYS H 191 -49.21 -33.08 -31.51
CA LYS H 191 -48.24 -33.34 -32.56
C LYS H 191 -47.78 -32.06 -33.24
N ALA H 192 -48.73 -31.18 -33.60
CA ALA H 192 -48.36 -29.93 -34.24
C ALA H 192 -47.61 -29.00 -33.27
N MET H 193 -48.06 -28.95 -32.01
CA MET H 193 -47.33 -28.16 -31.03
C MET H 193 -45.91 -28.68 -30.87
N TYR H 194 -45.74 -30.01 -30.83
CA TYR H 194 -44.42 -30.61 -30.75
C TYR H 194 -43.56 -30.26 -31.95
N ALA H 195 -44.16 -30.25 -33.14
CA ALA H 195 -43.46 -29.78 -34.32
C ALA H 195 -43.01 -28.33 -34.16
N LEU H 196 -43.77 -27.53 -33.40
CA LEU H 196 -43.33 -26.17 -33.14
C LEU H 196 -43.02 -25.89 -31.66
N ASN H 197 -42.32 -26.81 -30.98
CA ASN H 197 -41.74 -26.48 -29.68
C ASN H 197 -40.23 -26.30 -29.73
N HIS H 198 -39.48 -27.33 -30.12
CA HIS H 198 -38.04 -27.28 -29.89
C HIS H 198 -37.24 -27.81 -31.07
N PHE H 199 -37.77 -27.73 -32.28
CA PHE H 199 -36.99 -28.02 -33.47
C PHE H 199 -36.53 -26.74 -34.15
N GLU H 200 -37.47 -25.90 -34.60
CA GLU H 200 -37.20 -24.66 -35.31
C GLU H 200 -38.45 -23.80 -35.26
N ARG H 201 -38.26 -22.51 -35.55
CA ARG H 201 -39.38 -21.60 -35.78
C ARG H 201 -39.55 -21.24 -37.25
N GLY H 202 -38.46 -21.25 -38.02
CA GLY H 202 -38.53 -21.01 -39.45
C GLY H 202 -37.44 -20.10 -39.97
N GLU H 203 -37.06 -19.09 -39.19
CA GLU H 203 -36.00 -18.18 -39.58
C GLU H 203 -34.99 -17.85 -38.49
N ASN H 204 -35.33 -18.00 -37.22
CA ASN H 204 -34.51 -17.45 -36.14
C ASN H 204 -33.30 -18.32 -35.86
N THR H 205 -32.16 -17.66 -35.63
CA THR H 205 -30.97 -18.34 -35.09
C THR H 205 -31.04 -18.50 -33.58
N LYS H 206 -31.99 -17.83 -32.92
CA LYS H 206 -32.24 -17.97 -31.50
C LYS H 206 -33.74 -18.23 -31.34
N THR H 207 -34.11 -19.48 -31.10
CA THR H 207 -35.51 -19.85 -31.14
C THR H 207 -36.30 -19.19 -30.02
N PRO H 208 -37.61 -18.95 -30.23
CA PRO H 208 -38.41 -18.21 -29.24
C PRO H 208 -38.40 -18.79 -27.83
N ILE H 209 -38.77 -20.07 -27.67
CA ILE H 209 -38.83 -20.63 -26.32
C ILE H 209 -37.46 -20.86 -25.73
N GLN H 210 -36.40 -20.81 -26.54
CA GLN H 210 -35.05 -20.77 -25.99
C GLN H 210 -34.79 -19.47 -25.25
N LYS H 211 -35.49 -18.40 -25.62
CA LYS H 211 -35.45 -17.15 -24.87
C LYS H 211 -36.59 -17.04 -23.86
N HIS H 212 -37.60 -17.88 -23.98
CA HIS H 212 -38.66 -17.96 -22.96
C HIS H 212 -38.07 -18.47 -21.65
N GLY H 221 -29.29 -1.18 -23.08
CA GLY H 221 -28.35 -0.15 -23.47
C GLY H 221 -28.92 0.87 -24.43
N PRO H 222 -28.89 2.14 -24.04
CA PRO H 222 -29.39 3.19 -24.93
C PRO H 222 -28.51 3.31 -26.17
N PRO H 223 -29.07 3.73 -27.30
CA PRO H 223 -28.26 3.87 -28.52
C PRO H 223 -27.29 5.02 -28.41
N VAL H 224 -26.10 4.82 -28.98
CA VAL H 224 -25.06 5.84 -29.01
C VAL H 224 -24.34 5.78 -30.35
N LYS H 225 -23.87 6.94 -30.80
CA LYS H 225 -23.03 7.02 -31.99
C LYS H 225 -21.57 6.89 -31.58
N ILE H 226 -20.82 6.08 -32.32
CA ILE H 226 -19.41 5.86 -32.01
C ILE H 226 -18.54 6.48 -33.09
N ARG H 227 -17.23 6.42 -32.89
CA ARG H 227 -16.28 7.09 -33.76
C ARG H 227 -15.27 6.09 -34.31
N ILE H 228 -14.85 6.29 -35.55
CA ILE H 228 -13.86 5.48 -36.23
C ILE H 228 -12.75 6.41 -36.71
N GLU H 229 -11.65 5.82 -37.19
CA GLU H 229 -10.59 6.62 -37.79
C GLU H 229 -10.99 7.25 -39.11
N THR H 230 -12.12 6.84 -39.69
CA THR H 230 -12.52 7.30 -41.01
C THR H 230 -12.79 8.81 -41.01
N GLY H 231 -13.57 9.29 -40.07
CA GLY H 231 -13.96 10.68 -40.04
C GLY H 231 -15.45 10.88 -39.81
N GLU H 232 -16.14 9.81 -39.44
CA GLU H 232 -17.59 9.84 -39.31
C GLU H 232 -18.01 9.28 -37.95
N TRP H 233 -19.23 9.61 -37.56
CA TRP H 233 -19.84 9.12 -36.33
C TRP H 233 -20.94 8.13 -36.71
N GLU H 234 -20.66 6.84 -36.58
CA GLU H 234 -21.60 5.81 -36.97
C GLU H 234 -22.47 5.38 -35.80
N LYS H 235 -23.71 5.05 -36.10
CA LYS H 235 -24.69 4.62 -35.11
C LYS H 235 -24.76 3.10 -35.08
N GLY H 236 -25.75 2.56 -34.39
CA GLY H 236 -25.92 1.13 -34.29
C GLY H 236 -25.08 0.55 -33.17
N TRP H 237 -25.05 1.23 -32.02
CA TRP H 237 -24.26 0.78 -30.89
C TRP H 237 -24.97 1.14 -29.61
N ASN H 238 -25.10 0.17 -28.71
CA ASN H 238 -25.69 0.37 -27.39
C ASN H 238 -24.65 0.01 -26.34
N VAL H 239 -24.42 0.94 -25.41
CA VAL H 239 -23.41 0.74 -24.37
C VAL H 239 -23.96 -0.23 -23.34
N LEU H 240 -23.30 -1.38 -23.20
CA LEU H 240 -23.61 -2.28 -22.10
C LEU H 240 -22.97 -1.81 -20.81
N VAL H 241 -21.73 -1.33 -20.88
CA VAL H 241 -20.93 -1.02 -19.71
C VAL H 241 -20.21 0.31 -19.95
N TRP H 242 -20.21 1.16 -18.93
CA TRP H 242 -19.62 2.48 -19.02
C TRP H 242 -18.43 2.58 -18.08
N GLY H 243 -17.37 3.24 -18.55
CA GLY H 243 -16.17 3.41 -17.77
C GLY H 243 -15.77 4.88 -17.66
N ARG H 244 -14.82 5.15 -16.77
CA ARG H 244 -14.41 6.52 -16.51
C ARG H 244 -13.56 7.10 -17.63
N GLY H 245 -12.98 6.25 -18.48
CA GLY H 245 -12.15 6.74 -19.57
C GLY H 245 -12.39 5.98 -20.85
N TYR H 246 -13.55 5.35 -20.96
CA TYR H 246 -13.90 4.55 -22.12
C TYR H 246 -15.39 4.23 -22.05
N ALA H 247 -15.87 3.49 -23.03
CA ALA H 247 -17.20 2.90 -23.00
C ALA H 247 -17.12 1.51 -23.60
N ALA H 248 -18.02 0.64 -23.17
CA ALA H 248 -18.12 -0.72 -23.67
C ALA H 248 -19.44 -0.84 -24.42
N VAL H 249 -19.39 -0.65 -25.73
CA VAL H 249 -20.58 -0.64 -26.57
C VAL H 249 -20.67 -1.97 -27.31
N LYS H 250 -21.87 -2.27 -27.79
CA LYS H 250 -22.12 -3.46 -28.58
C LYS H 250 -23.09 -3.12 -29.69
N ASN H 251 -22.80 -3.59 -30.90
CA ASN H 251 -23.66 -3.32 -32.03
C ASN H 251 -24.87 -4.27 -32.02
N ARG H 252 -25.99 -3.77 -32.55
CA ARG H 252 -27.18 -4.60 -32.66
C ARG H 252 -26.95 -5.80 -33.58
N ASP H 253 -26.30 -5.56 -34.72
CA ASP H 253 -26.13 -6.62 -35.71
C ASP H 253 -24.99 -7.56 -35.33
N THR H 254 -23.78 -7.02 -35.20
CA THR H 254 -22.62 -7.86 -34.93
C THR H 254 -22.63 -8.43 -33.52
N ASP H 255 -23.45 -7.88 -32.62
CA ASP H 255 -23.50 -8.23 -31.20
C ASP H 255 -22.10 -8.43 -30.63
N LYS H 256 -21.17 -7.56 -31.00
CA LYS H 256 -19.79 -7.63 -30.54
C LYS H 256 -19.51 -6.48 -29.58
N VAL H 257 -18.89 -6.81 -28.45
CA VAL H 257 -18.56 -5.83 -27.43
C VAL H 257 -17.12 -5.38 -27.63
N ILE H 258 -16.92 -4.07 -27.72
CA ILE H 258 -15.60 -3.49 -27.92
C ILE H 258 -15.43 -2.30 -26.99
N TRP H 259 -14.27 -2.22 -26.36
CA TRP H 259 -13.96 -1.11 -25.45
C TRP H 259 -13.57 0.11 -26.28
N VAL H 260 -14.40 1.14 -26.26
CA VAL H 260 -14.14 2.35 -27.02
C VAL H 260 -13.92 3.50 -26.04
N PRO H 261 -12.92 4.35 -26.28
CA PRO H 261 -12.70 5.50 -25.38
C PRO H 261 -13.92 6.41 -25.32
N SER H 262 -14.11 7.02 -24.15
CA SER H 262 -15.28 7.86 -23.92
C SER H 262 -15.34 9.04 -24.88
N ARG H 263 -14.17 9.48 -25.36
CA ARG H 263 -14.14 10.58 -26.33
C ARG H 263 -14.87 10.20 -27.61
N LYS H 264 -14.87 8.92 -27.97
CA LYS H 264 -15.32 8.46 -29.27
C LYS H 264 -16.79 8.07 -29.30
N VAL H 265 -17.59 8.52 -28.32
CA VAL H 265 -19.02 8.22 -28.30
C VAL H 265 -19.80 9.50 -28.01
N LYS H 266 -21.04 9.51 -28.46
CA LYS H 266 -21.98 10.59 -28.17
C LYS H 266 -23.38 10.02 -28.34
N PRO H 267 -24.38 10.61 -27.68
CA PRO H 267 -25.73 10.01 -27.70
C PRO H 267 -26.30 9.91 -29.11
N ASP H 268 -27.04 8.84 -29.36
CA ASP H 268 -27.77 8.65 -30.61
C ASP H 268 -29.15 9.27 -30.45
N ILE H 269 -29.36 10.41 -31.08
CA ILE H 269 -30.60 11.17 -30.98
C ILE H 269 -30.94 11.46 -29.52
ZN ZN M . 1.74 2.25 -29.18
MG MG N . -12.40 -6.20 10.18
MG MG O . -13.86 -8.85 9.96
ZN ZN P . -5.15 13.01 26.63
MG MG Q . 18.00 -5.39 -6.25
MG MG R . 14.54 -3.99 -7.47
CAA ZZX S . -12.90 -14.26 7.92
CAB ZZX S . -6.29 -7.73 5.77
CAC ZZX S . -9.39 -12.28 7.70
OAD ZZX S . -9.04 -10.05 5.49
OAE ZZX S . -13.29 -10.63 10.55
OAF ZZX S . -10.51 -6.07 9.86
OAG ZZX S . -12.13 -8.05 10.60
FAH ZZX S . -9.35 -1.32 4.31
CLAI ZZX S . -11.49 -1.30 6.31
CAJ ZZX S . -8.04 -3.03 5.31
CAK ZZX S . -7.86 -3.95 6.34
CAL ZZX S . -9.91 -3.23 7.36
CAM ZZX S . -13.20 -13.37 9.14
CAN ZZX S . -8.60 -4.96 8.40
CAO ZZX S . -11.55 -11.57 8.24
NAP ZZX S . -8.60 -7.15 7.28
NAQ ZZX S . -7.21 -8.83 5.44
CAR ZZX S . -8.40 -9.17 6.04
CAS ZZX S . -12.51 -10.85 9.61
CAT ZZX S . -9.16 -2.21 5.31
CAU ZZX S . -8.80 -4.05 7.35
CAV ZZX S . -10.10 -2.32 6.32
CAW ZZX S . -11.44 -8.63 9.58
CAX ZZX S . -8.96 -8.45 7.14
CAY ZZX S . -11.61 -9.85 9.14
CAZ ZZX S . -10.04 -6.80 9.00
CBA ZZX S . -10.49 -8.05 8.86
CBB ZZX S . -10.02 -8.86 7.89
CBC ZZX S . -10.60 -11.47 7.28
NBD ZZX S . -12.51 -12.08 9.01
NBE ZZX S . -9.09 -6.34 8.20
NBF ZZX S . -10.68 -10.04 8.08
CAA ZZX T . 18.52 -9.22 -2.55
CAB ZZX T . 10.32 -4.64 -1.17
CAC ZZX T . 14.27 -9.54 -2.54
OAD ZZX T . 12.17 -7.70 -1.64
OAE ZZX T . 17.00 -7.51 -6.25
OAF ZZX T . 12.63 -4.50 -6.78
OAG ZZX T . 14.90 -5.82 -6.99
FAH ZZX T . 9.61 1.33 -3.58
CLAI ZZX T . 11.56 1.21 -5.76
CAJ ZZX T . 9.10 -0.99 -3.51
CAK ZZX T . 9.31 -2.27 -4.00
CAL ZZX T . 10.89 -1.40 -5.59
CAM ZZX T . 18.06 -9.33 -4.00
CAN ZZX T . 10.39 -3.75 -5.55
CAO ZZX T . 15.77 -8.17 -3.54
NAP ZZX T . 11.26 -5.22 -3.77
NAQ ZZX T . 10.98 -5.95 -1.03
CAR ZZX T . 11.83 -6.56 -1.93
CAS ZZX T . 16.38 -7.69 -5.21
CAT ZZX T . 9.80 0.08 -4.05
CAU ZZX T . 10.22 -2.48 -5.03
CAV ZZX T . 10.69 -0.13 -5.09
CAW ZZX T . 14.49 -6.20 -5.76
CAX ZZX T . 12.19 -6.00 -3.18
CAY ZZX T . 15.14 -7.03 -4.97
CAZ ZZX T . 12.47 -4.98 -5.67
CBA ZZX T . 13.37 -5.82 -5.16
CBB ZZX T . 13.22 -6.42 -3.96
CBC ZZX T . 14.88 -8.14 -2.55
NBD ZZX T . 16.86 -8.50 -4.23
NBE ZZX T . 11.42 -4.65 -4.96
NBF ZZX T . 14.35 -7.16 -3.77
#